data_5YSL
#
_entry.id   5YSL
#
_cell.length_a   64.183
_cell.length_b   81.091
_cell.length_c   98.472
_cell.angle_alpha   85.68
_cell.angle_beta   82.85
_cell.angle_gamma   71.45
#
_symmetry.space_group_name_H-M   'P 1'
#
loop_
_entity.id
_entity.type
_entity.pdbx_description
1 polymer '1H1 heavy chain'
2 polymer '1H1 light chain'
#
loop_
_entity_poly.entity_id
_entity_poly.type
_entity_poly.pdbx_seq_one_letter_code
_entity_poly.pdbx_strand_id
1 'polypeptide(L)'
;QVKLQESGAELVKPGASAKAACEASGYTFTSYWIHWVKQRPGQGLDWIGEINTSSGRTNYNERFKNKATLTVDKTSSTAY
IQLSSLTSEDSAVYYCAREGFGNQSLDYWGQGTSLTVSSAKTTPPSVYPLAPGSAAQTNSMVTLGCLVKGYFPEPVTVTW
NSGSLSSGVHTFPAVLQSDLYTLSSSVTVPSSTWPSETVTCSVAHPASSTKVDKKIVPRDC
;
A,C,E,G
2 'polypeptide(L)'
;DIILTQSPAIMSASLGERVTLTCTASSSVSSSYLHWYQQKPGSSPKLWIYSTYNLAGAVPPRFSGSGSGTSYSLTISSME
AEDAATYYCQQYHRSPWTFGGGTKLEIKRADAAPTVSIFPPSSEQLTSGGASVVCFLNNFYPKDINVKWKIDGSERQNGV
LNSWTDQDSKDSTYSMSSTLTLTKDEYERHNSYTCEATHKTSTSPIVKNFNRNEC
;
B,D,F,H
#
# COMPACT_ATOMS: atom_id res chain seq x y z
N VAL A 2 -51.40 3.42 -0.25
CA VAL A 2 -50.12 3.89 -0.90
C VAL A 2 -49.32 4.74 0.14
N LYS A 3 -48.01 4.51 0.23
CA LYS A 3 -47.06 5.31 1.07
C LYS A 3 -46.99 4.99 2.60
N LEU A 4 -47.63 5.78 3.48
CA LEU A 4 -47.41 5.74 4.99
C LEU A 4 -45.95 6.00 5.47
N GLN A 5 -45.62 7.25 5.80
CA GLN A 5 -44.23 7.62 6.17
C GLN A 5 -44.09 7.87 7.67
N GLU A 6 -43.32 6.98 8.31
CA GLU A 6 -42.87 7.14 9.68
C GLU A 6 -41.34 7.21 9.72
N SER A 7 -40.82 8.01 10.64
CA SER A 7 -39.37 8.05 10.90
C SER A 7 -38.80 6.66 11.22
N GLY A 8 -37.56 6.42 10.82
CA GLY A 8 -36.94 5.10 10.96
C GLY A 8 -36.46 4.78 12.36
N ALA A 9 -35.92 5.79 13.06
CA ALA A 9 -35.33 5.61 14.37
C ALA A 9 -35.63 6.78 15.30
N GLU A 10 -35.76 6.48 16.58
CA GLU A 10 -35.96 7.47 17.62
C GLU A 10 -35.29 6.96 18.89
N LEU A 11 -34.38 7.80 19.42
CA LEU A 11 -33.68 7.59 20.68
C LEU A 11 -34.28 8.48 21.79
N VAL A 12 -34.68 7.85 22.90
CA VAL A 12 -35.31 8.52 24.04
C VAL A 12 -34.79 7.97 25.39
N LYS A 13 -34.65 8.85 26.38
CA LYS A 13 -34.17 8.44 27.71
C LYS A 13 -35.26 7.76 28.49
N PRO A 14 -34.91 6.85 29.42
CA PRO A 14 -35.96 6.21 30.22
C PRO A 14 -36.60 7.21 31.18
N GLY A 15 -37.89 7.03 31.43
CA GLY A 15 -38.66 8.03 32.16
C GLY A 15 -39.41 8.97 31.24
N ALA A 16 -38.79 9.35 30.11
CA ALA A 16 -39.37 10.35 29.17
C ALA A 16 -40.52 9.81 28.32
N SER A 17 -40.96 10.65 27.38
CA SER A 17 -42.07 10.39 26.46
C SER A 17 -41.56 10.64 25.05
N ALA A 18 -42.27 10.06 24.08
CA ALA A 18 -41.99 10.28 22.66
C ALA A 18 -43.32 10.44 21.95
N LYS A 19 -43.33 11.16 20.82
CA LYS A 19 -44.48 11.30 19.94
C LYS A 19 -44.04 11.02 18.50
N ALA A 20 -44.33 9.80 18.01
CA ALA A 20 -43.96 9.34 16.67
C ALA A 20 -45.14 9.62 15.74
N ALA A 21 -44.83 10.18 14.57
CA ALA A 21 -45.81 10.62 13.56
C ALA A 21 -45.80 9.72 12.34
N CYS A 22 -46.98 9.44 11.78
CA CYS A 22 -47.14 8.57 10.61
C CYS A 22 -47.95 9.31 9.56
N GLU A 23 -47.30 9.82 8.53
CA GLU A 23 -47.98 10.65 7.49
C GLU A 23 -48.45 9.81 6.32
N ALA A 24 -49.75 9.69 6.14
CA ALA A 24 -50.34 9.04 4.95
C ALA A 24 -50.24 9.91 3.70
N SER A 25 -50.44 9.27 2.56
CA SER A 25 -50.61 9.97 1.27
C SER A 25 -51.14 8.97 0.26
N GLY A 26 -51.72 9.46 -0.85
CA GLY A 26 -52.21 8.61 -1.95
C GLY A 26 -53.59 7.97 -1.77
N TYR A 27 -54.29 8.36 -0.72
CA TYR A 27 -55.64 7.89 -0.47
C TYR A 27 -56.40 8.91 0.35
N THR A 28 -57.70 8.70 0.44
CA THR A 28 -58.58 9.55 1.22
C THR A 28 -58.49 9.07 2.69
N PHE A 29 -57.66 9.80 3.43
CA PHE A 29 -57.25 9.48 4.81
C PHE A 29 -58.41 9.15 5.79
N THR A 30 -59.55 9.82 5.61
CA THR A 30 -60.66 9.71 6.56
C THR A 30 -61.48 8.48 6.33
N SER A 31 -61.23 7.77 5.24
CA SER A 31 -61.98 6.57 4.89
C SER A 31 -61.43 5.33 5.59
N TYR A 32 -60.25 5.42 6.19
CA TYR A 32 -59.57 4.25 6.76
C TYR A 32 -59.09 4.46 8.21
N TRP A 33 -59.31 3.44 9.04
CA TRP A 33 -58.72 3.43 10.39
C TRP A 33 -57.22 3.15 10.28
N ILE A 34 -56.51 3.57 11.33
CA ILE A 34 -55.09 3.32 11.48
C ILE A 34 -54.83 2.57 12.77
N HIS A 35 -54.06 1.49 12.67
CA HIS A 35 -53.71 0.67 13.81
C HIS A 35 -52.22 0.84 14.04
N TRP A 36 -51.78 0.70 15.29
CA TRP A 36 -50.34 0.67 15.61
C TRP A 36 -50.00 -0.70 16.14
N VAL A 37 -48.87 -1.25 15.72
CA VAL A 37 -48.48 -2.58 16.15
C VAL A 37 -47.08 -2.48 16.65
N LYS A 38 -46.78 -3.22 17.73
CA LYS A 38 -45.45 -3.27 18.32
C LYS A 38 -44.70 -4.60 18.06
N GLN A 39 -43.42 -4.52 17.71
CA GLN A 39 -42.63 -5.71 17.46
C GLN A 39 -41.30 -5.59 18.20
N ARG A 40 -41.12 -6.39 19.25
CA ARG A 40 -39.91 -6.31 20.08
C ARG A 40 -38.80 -6.97 19.28
N PRO A 41 -37.53 -6.51 19.41
CA PRO A 41 -36.43 -7.19 18.71
C PRO A 41 -36.51 -8.75 18.75
N GLY A 42 -36.53 -9.39 17.58
CA GLY A 42 -36.66 -10.86 17.48
C GLY A 42 -38.00 -11.54 17.79
N GLN A 43 -39.02 -10.76 18.10
CA GLN A 43 -40.26 -11.26 18.69
C GLN A 43 -41.37 -11.14 17.66
N GLY A 44 -42.59 -11.48 18.08
CA GLY A 44 -43.80 -11.36 17.29
C GLY A 44 -44.48 -10.01 17.30
N LEU A 45 -45.71 -9.98 16.81
CA LEU A 45 -46.48 -8.75 16.66
C LEU A 45 -47.53 -8.62 17.75
N ASP A 46 -47.70 -7.41 18.23
CA ASP A 46 -48.55 -7.13 19.36
C ASP A 46 -49.33 -5.85 19.02
N TRP A 47 -50.64 -6.00 18.82
CA TRP A 47 -51.54 -4.88 18.60
C TRP A 47 -51.54 -3.90 19.78
N ILE A 48 -51.36 -2.60 19.50
CA ILE A 48 -51.51 -1.55 20.53
C ILE A 48 -52.94 -1.00 20.60
N GLY A 49 -53.55 -0.72 19.47
CA GLY A 49 -54.78 0.05 19.47
C GLY A 49 -55.16 0.52 18.09
N GLU A 50 -56.41 0.98 17.99
CA GLU A 50 -57.01 1.48 16.73
C GLU A 50 -57.52 2.91 16.92
N ILE A 51 -57.44 3.71 15.86
CA ILE A 51 -58.03 5.03 15.83
C ILE A 51 -58.87 5.19 14.56
N ASN A 52 -60.12 5.63 14.74
CA ASN A 52 -61.01 6.04 13.65
C ASN A 52 -60.50 7.39 13.23
N THR A 53 -60.08 7.52 11.97
CA THR A 53 -59.42 8.77 11.48
C THR A 53 -60.36 9.91 11.24
N SER A 54 -61.60 9.62 10.86
CA SER A 54 -62.65 10.64 10.69
C SER A 54 -63.01 11.34 12.03
N SER A 55 -63.36 10.51 13.02
CA SER A 55 -63.96 10.95 14.28
C SER A 55 -63.05 11.10 15.48
N GLY A 56 -61.88 10.44 15.44
CA GLY A 56 -60.87 10.47 16.53
C GLY A 56 -61.01 9.46 17.67
N ARG A 57 -62.02 8.61 17.61
CA ARG A 57 -62.30 7.62 18.66
C ARG A 57 -61.29 6.48 18.60
N THR A 58 -60.91 6.00 19.79
CA THR A 58 -59.86 5.02 19.94
C THR A 58 -60.35 3.74 20.66
N ASN A 59 -59.65 2.65 20.40
CA ASN A 59 -59.74 1.42 21.21
C ASN A 59 -58.33 0.91 21.41
N TYR A 60 -58.12 0.38 22.62
CA TYR A 60 -56.82 0.07 23.17
C TYR A 60 -56.74 -1.38 23.59
N ASN A 61 -55.62 -2.01 23.26
CA ASN A 61 -55.20 -3.27 23.91
C ASN A 61 -54.97 -2.85 25.36
N GLU A 62 -55.64 -3.52 26.30
CA GLU A 62 -55.59 -3.15 27.73
C GLU A 62 -54.15 -2.98 28.19
N ARG A 63 -53.35 -4.00 27.94
CA ARG A 63 -51.92 -4.01 28.22
C ARG A 63 -51.24 -2.60 28.05
N PHE A 64 -51.64 -1.86 27.00
CA PHE A 64 -51.07 -0.54 26.64
C PHE A 64 -51.88 0.67 27.06
N LYS A 65 -53.11 0.49 27.52
CA LYS A 65 -53.84 1.55 28.26
C LYS A 65 -52.86 2.20 29.24
N ASN A 66 -52.79 3.52 29.30
CA ASN A 66 -51.75 4.23 30.14
C ASN A 66 -50.29 4.26 29.62
N LYS A 67 -49.96 3.47 28.59
CA LYS A 67 -48.66 3.57 27.91
C LYS A 67 -48.76 4.38 26.62
N ALA A 68 -49.80 4.15 25.84
CA ALA A 68 -49.94 4.71 24.50
C ALA A 68 -51.18 5.58 24.40
N THR A 69 -51.06 6.72 23.76
CA THR A 69 -52.22 7.51 23.35
C THR A 69 -52.16 7.65 21.85
N LEU A 70 -53.26 7.34 21.15
CA LEU A 70 -53.31 7.58 19.71
C LEU A 70 -54.12 8.84 19.46
N THR A 71 -53.66 9.62 18.49
CA THR A 71 -54.42 10.79 18.02
C THR A 71 -54.33 10.96 16.48
N VAL A 72 -55.18 11.81 15.93
CA VAL A 72 -55.15 12.11 14.51
C VAL A 72 -55.12 13.62 14.33
N ASP A 73 -54.59 14.07 13.20
CA ASP A 73 -54.93 15.37 12.62
C ASP A 73 -55.35 15.11 11.18
N LYS A 74 -56.67 15.12 10.91
CA LYS A 74 -57.15 14.98 9.51
C LYS A 74 -56.72 16.10 8.53
N THR A 75 -56.40 17.31 9.04
CA THR A 75 -55.92 18.39 8.16
C THR A 75 -54.57 18.05 7.47
N SER A 76 -53.63 17.42 8.19
CA SER A 76 -52.31 17.03 7.62
C SER A 76 -52.16 15.55 7.17
N SER A 77 -53.22 14.75 7.36
CA SER A 77 -53.24 13.33 7.03
C SER A 77 -52.21 12.53 7.87
N THR A 78 -52.12 12.81 9.18
CA THR A 78 -51.10 12.11 9.99
C THR A 78 -51.64 11.54 11.30
N ALA A 79 -51.40 10.25 11.52
CA ALA A 79 -51.67 9.63 12.80
C ALA A 79 -50.44 9.69 13.71
N TYR A 80 -50.70 9.76 15.01
CA TYR A 80 -49.70 9.96 16.03
C TYR A 80 -49.84 8.86 17.08
N ILE A 81 -48.72 8.45 17.66
CA ILE A 81 -48.73 7.63 18.85
C ILE A 81 -47.83 8.32 19.84
N GLN A 82 -48.25 8.31 21.10
CA GLN A 82 -47.46 8.91 22.16
C GLN A 82 -47.29 7.89 23.29
N LEU A 83 -46.05 7.44 23.49
CA LEU A 83 -45.70 6.52 24.56
C LEU A 83 -45.20 7.34 25.74
N SER A 84 -45.75 7.09 26.93
CA SER A 84 -45.27 7.75 28.16
C SER A 84 -44.45 6.82 29.08
N SER A 85 -43.69 7.42 30.02
CA SER A 85 -43.11 6.69 31.15
C SER A 85 -42.25 5.54 30.65
N LEU A 86 -41.29 5.87 29.77
CA LEU A 86 -40.58 4.87 28.98
C LEU A 86 -39.58 4.06 29.76
N THR A 87 -39.52 2.78 29.46
CA THR A 87 -38.54 1.85 29.99
C THR A 87 -37.90 1.00 28.88
N SER A 88 -36.73 0.41 29.12
CA SER A 88 -36.17 -0.61 28.18
C SER A 88 -37.22 -1.59 27.56
N GLU A 89 -38.22 -2.01 28.34
CA GLU A 89 -39.35 -2.83 27.83
C GLU A 89 -40.10 -2.22 26.61
N ASP A 90 -40.12 -0.90 26.48
CA ASP A 90 -40.74 -0.22 25.32
C ASP A 90 -39.87 -0.19 24.03
N SER A 91 -38.59 -0.52 24.13
CA SER A 91 -37.70 -0.63 22.96
C SER A 91 -38.25 -1.69 21.99
N ALA A 92 -38.59 -1.26 20.79
CA ALA A 92 -39.36 -2.08 19.85
C ALA A 92 -39.53 -1.29 18.58
N VAL A 93 -39.87 -2.02 17.51
CA VAL A 93 -40.29 -1.36 16.28
C VAL A 93 -41.79 -1.10 16.43
N TYR A 94 -42.20 0.15 16.17
CA TYR A 94 -43.61 0.58 16.17
C TYR A 94 -44.14 0.81 14.73
N TYR A 95 -44.98 -0.10 14.22
CA TYR A 95 -45.57 0.03 12.90
C TYR A 95 -46.92 0.75 12.99
N CYS A 96 -47.16 1.69 12.07
CA CYS A 96 -48.52 2.16 11.76
C CYS A 96 -48.99 1.43 10.51
N ALA A 97 -50.25 1.03 10.54
CA ALA A 97 -50.86 0.24 9.47
C ALA A 97 -52.19 0.89 9.10
N ARG A 98 -52.65 0.70 7.87
CA ARG A 98 -53.96 1.17 7.47
C ARG A 98 -54.87 -0.04 7.48
N GLU A 99 -56.04 0.11 8.10
CA GLU A 99 -57.11 -0.87 8.06
C GLU A 99 -57.92 -0.79 6.79
N GLY A 100 -58.10 -1.90 6.07
CA GLY A 100 -58.40 -1.80 4.65
C GLY A 100 -59.53 -2.53 3.95
N PHE A 101 -60.78 -2.32 4.36
CA PHE A 101 -61.95 -2.66 3.52
C PHE A 101 -62.17 -4.15 3.37
N GLY A 102 -61.09 -4.89 3.09
CA GLY A 102 -60.97 -6.30 3.51
C GLY A 102 -61.28 -6.28 4.98
N ASN A 103 -61.86 -7.34 5.50
CA ASN A 103 -62.58 -7.28 6.79
C ASN A 103 -61.67 -6.85 7.98
N GLN A 104 -61.39 -5.55 8.04
CA GLN A 104 -60.43 -4.90 8.97
C GLN A 104 -58.93 -5.32 8.81
N SER A 105 -58.60 -6.10 7.76
CA SER A 105 -57.20 -6.54 7.51
C SER A 105 -56.34 -5.37 7.10
N LEU A 106 -55.04 -5.49 7.39
CA LEU A 106 -54.09 -4.39 7.35
C LEU A 106 -53.33 -4.40 6.00
N ASP A 107 -53.77 -3.54 5.07
CA ASP A 107 -53.36 -3.68 3.66
C ASP A 107 -52.08 -2.91 3.33
N TYR A 108 -51.79 -1.87 4.09
CA TYR A 108 -50.59 -1.08 3.90
C TYR A 108 -49.97 -0.78 5.25
N TRP A 109 -48.63 -0.90 5.30
CA TRP A 109 -47.84 -0.73 6.50
C TRP A 109 -46.83 0.37 6.28
N GLY A 110 -46.36 0.96 7.35
CA GLY A 110 -45.23 1.90 7.27
C GLY A 110 -43.96 1.11 7.50
N GLN A 111 -42.80 1.70 7.25
CA GLN A 111 -41.57 0.92 7.35
C GLN A 111 -41.19 0.67 8.83
N GLY A 112 -41.90 1.35 9.74
CA GLY A 112 -41.76 1.15 11.16
C GLY A 112 -40.73 2.07 11.78
N THR A 113 -40.98 2.48 13.02
CA THR A 113 -40.11 3.37 13.77
C THR A 113 -39.41 2.61 14.87
N SER A 114 -38.08 2.58 14.77
CA SER A 114 -37.27 1.85 15.75
C SER A 114 -36.94 2.72 16.98
N LEU A 115 -37.58 2.40 18.09
CA LEU A 115 -37.47 3.19 19.31
C LEU A 115 -36.50 2.47 20.23
N THR A 116 -35.47 3.17 20.68
CA THR A 116 -34.50 2.65 21.65
C THR A 116 -34.61 3.49 22.93
N VAL A 117 -34.84 2.83 24.06
CA VAL A 117 -34.93 3.48 25.38
C VAL A 117 -33.70 3.13 26.22
N SER A 118 -32.74 4.06 26.26
CA SER A 118 -31.42 3.92 26.90
C SER A 118 -31.00 5.32 27.43
N SER A 119 -30.13 5.35 28.45
CA SER A 119 -29.50 6.59 28.97
C SER A 119 -28.17 6.90 28.29
N ALA A 120 -27.73 5.98 27.44
CA ALA A 120 -26.38 6.02 26.93
C ALA A 120 -26.10 7.26 26.08
N LYS A 121 -24.84 7.63 26.08
CA LYS A 121 -24.33 8.73 25.31
C LYS A 121 -23.58 8.14 24.15
N THR A 122 -23.34 8.94 23.13
CA THR A 122 -22.87 8.44 21.88
C THR A 122 -21.64 7.54 21.88
N THR A 123 -20.61 7.70 22.65
CA THR A 123 -19.59 6.59 22.71
C THR A 123 -19.05 5.85 21.42
N PRO A 124 -17.85 6.17 20.97
CA PRO A 124 -17.31 5.47 19.81
C PRO A 124 -16.73 4.09 20.22
N PRO A 125 -16.60 3.16 19.27
CA PRO A 125 -16.24 1.78 19.61
C PRO A 125 -14.76 1.56 19.78
N SER A 126 -14.41 0.57 20.57
CA SER A 126 -13.07 0.00 20.55
C SER A 126 -13.07 -1.16 19.53
N VAL A 127 -12.00 -1.23 18.76
CA VAL A 127 -11.85 -2.20 17.71
C VAL A 127 -10.61 -3.02 18.08
N TYR A 128 -10.85 -4.32 18.29
CA TYR A 128 -9.84 -5.25 18.76
C TYR A 128 -9.64 -6.31 17.69
N PRO A 129 -8.40 -6.58 17.29
CA PRO A 129 -8.09 -7.59 16.29
C PRO A 129 -8.23 -8.97 16.86
N LEU A 130 -8.74 -9.93 16.10
CA LEU A 130 -8.87 -11.33 16.56
C LEU A 130 -8.01 -12.16 15.67
N ALA A 131 -6.80 -12.44 16.18
CA ALA A 131 -5.76 -13.14 15.45
C ALA A 131 -5.56 -14.48 16.09
N PRO A 132 -5.40 -15.55 15.29
CA PRO A 132 -5.23 -16.88 15.93
C PRO A 132 -3.98 -16.95 16.84
N GLY A 133 -4.05 -17.80 17.87
CA GLY A 133 -2.87 -18.22 18.68
C GLY A 133 -2.56 -19.70 18.48
N SER A 140 -5.98 -25.34 4.68
CA SER A 140 -5.88 -24.35 3.61
C SER A 140 -6.55 -22.99 3.90
N MET A 141 -7.63 -22.95 4.70
CA MET A 141 -8.33 -21.68 5.05
C MET A 141 -7.97 -21.22 6.45
N VAL A 142 -7.92 -19.92 6.66
CA VAL A 142 -7.72 -19.36 8.02
C VAL A 142 -8.83 -18.34 8.25
N THR A 143 -9.31 -18.31 9.50
CA THR A 143 -10.38 -17.43 9.95
C THR A 143 -9.73 -16.33 10.83
N LEU A 144 -10.06 -15.08 10.57
CA LEU A 144 -9.59 -13.89 11.37
C LEU A 144 -10.82 -13.14 11.83
N GLY A 145 -10.69 -12.15 12.70
CA GLY A 145 -11.91 -11.45 13.11
C GLY A 145 -11.69 -10.13 13.78
N CYS A 146 -12.79 -9.51 14.12
CA CYS A 146 -12.74 -8.15 14.59
C CYS A 146 -13.80 -8.04 15.63
N LEU A 147 -13.42 -7.66 16.84
CA LEU A 147 -14.38 -7.43 17.91
C LEU A 147 -14.63 -5.95 18.03
N VAL A 148 -15.89 -5.56 17.98
CA VAL A 148 -16.22 -4.13 17.93
C VAL A 148 -17.11 -3.85 19.10
N LYS A 149 -16.51 -3.24 20.11
CA LYS A 149 -17.09 -3.23 21.43
C LYS A 149 -17.25 -1.84 22.07
N GLY A 150 -18.38 -1.65 22.72
CA GLY A 150 -18.55 -0.55 23.64
C GLY A 150 -19.03 0.71 22.97
N TYR A 151 -19.86 0.59 21.92
CA TYR A 151 -20.38 1.70 21.17
C TYR A 151 -21.85 1.98 21.42
N PHE A 152 -22.24 3.21 21.07
CA PHE A 152 -23.65 3.59 21.08
C PHE A 152 -23.95 4.85 20.21
N PRO A 153 -25.10 4.97 19.57
CA PRO A 153 -26.05 3.95 19.28
C PRO A 153 -25.57 3.09 18.10
N GLU A 154 -26.37 2.09 17.76
CA GLU A 154 -26.31 1.40 16.46
C GLU A 154 -26.50 2.43 15.31
N PRO A 155 -26.11 2.12 14.07
CA PRO A 155 -25.39 0.91 13.64
C PRO A 155 -23.87 1.15 13.56
N VAL A 156 -23.09 0.08 13.41
CA VAL A 156 -21.71 0.17 12.87
C VAL A 156 -21.75 -0.60 11.58
N THR A 157 -20.81 -0.31 10.69
CA THR A 157 -20.60 -1.06 9.48
C THR A 157 -19.19 -1.56 9.57
N VAL A 158 -19.01 -2.81 9.20
CA VAL A 158 -17.74 -3.46 9.15
C VAL A 158 -17.48 -4.01 7.78
N THR A 159 -16.37 -3.58 7.17
CA THR A 159 -15.92 -4.19 5.94
C THR A 159 -14.54 -4.74 6.18
N TRP A 160 -14.06 -5.52 5.24
CA TRP A 160 -12.72 -6.09 5.30
C TRP A 160 -11.99 -5.67 4.03
N ASN A 161 -10.76 -5.17 4.17
CA ASN A 161 -10.01 -4.48 3.09
C ASN A 161 -10.93 -3.61 2.26
N SER A 162 -11.65 -2.74 2.95
CA SER A 162 -12.54 -1.76 2.34
C SER A 162 -13.70 -2.29 1.50
N GLY A 163 -13.83 -3.63 1.39
CA GLY A 163 -14.87 -4.24 0.60
C GLY A 163 -14.36 -5.27 -0.40
N SER A 164 -13.06 -5.30 -0.64
CA SER A 164 -12.50 -6.33 -1.53
C SER A 164 -12.36 -7.72 -0.87
N LEU A 165 -12.65 -7.84 0.43
CA LEU A 165 -13.00 -9.12 1.06
C LEU A 165 -14.49 -9.12 1.38
N SER A 166 -15.32 -9.54 0.45
CA SER A 166 -16.77 -9.50 0.62
C SER A 166 -17.31 -10.89 0.89
N SER A 167 -16.80 -11.90 0.18
CA SER A 167 -17.28 -13.27 0.37
C SER A 167 -16.55 -13.90 1.54
N GLY A 168 -17.19 -14.84 2.22
CA GLY A 168 -16.60 -15.48 3.41
C GLY A 168 -16.55 -14.62 4.67
N VAL A 169 -17.32 -13.53 4.69
CA VAL A 169 -17.43 -12.67 5.84
C VAL A 169 -18.73 -12.98 6.56
N HIS A 170 -18.65 -13.12 7.87
CA HIS A 170 -19.86 -13.06 8.72
C HIS A 170 -19.78 -11.89 9.73
N THR A 171 -20.75 -10.99 9.69
CA THR A 171 -20.81 -9.90 10.64
C THR A 171 -22.04 -10.14 11.46
N PHE A 172 -21.87 -10.31 12.75
CA PHE A 172 -22.97 -10.72 13.59
C PHE A 172 -23.75 -9.54 14.16
N PRO A 173 -25.05 -9.73 14.36
CA PRO A 173 -25.88 -8.70 15.04
C PRO A 173 -25.32 -8.28 16.37
N ALA A 174 -25.57 -7.01 16.69
CA ALA A 174 -25.10 -6.40 17.95
C ALA A 174 -25.86 -6.97 19.16
N VAL A 175 -25.18 -7.06 20.31
CA VAL A 175 -25.84 -7.31 21.59
C VAL A 175 -25.54 -6.20 22.59
N LEU A 176 -26.51 -5.93 23.46
CA LEU A 176 -26.41 -4.84 24.43
C LEU A 176 -25.65 -5.30 25.66
N GLN A 177 -24.35 -5.04 25.68
CA GLN A 177 -23.41 -5.42 26.75
C GLN A 177 -23.10 -4.20 27.66
N SER A 178 -23.67 -4.18 28.87
CA SER A 178 -23.96 -2.96 29.68
C SER A 178 -25.19 -2.29 29.07
N ASP A 179 -25.15 -0.97 28.93
CA ASP A 179 -26.00 -0.20 28.00
C ASP A 179 -25.21 0.19 26.72
N LEU A 180 -24.18 -0.58 26.37
CA LEU A 180 -23.38 -0.33 25.19
C LEU A 180 -23.50 -1.54 24.27
N TYR A 181 -23.19 -1.36 23.01
CA TYR A 181 -23.34 -2.46 22.06
C TYR A 181 -22.00 -3.12 21.78
N THR A 182 -22.08 -4.39 21.43
CA THR A 182 -20.92 -5.17 21.04
C THR A 182 -21.28 -6.15 19.92
N LEU A 183 -20.31 -6.39 19.07
CA LEU A 183 -20.53 -7.17 17.86
C LEU A 183 -19.18 -7.60 17.39
N SER A 184 -19.16 -8.69 16.64
CA SER A 184 -17.95 -9.18 16.00
C SER A 184 -18.20 -9.57 14.52
N SER A 185 -17.11 -9.63 13.77
CA SER A 185 -17.15 -9.95 12.36
C SER A 185 -16.03 -10.95 12.08
N SER A 186 -16.32 -12.00 11.33
CA SER A 186 -15.28 -12.95 10.90
C SER A 186 -15.06 -12.91 9.41
N VAL A 187 -13.81 -13.19 9.03
CA VAL A 187 -13.44 -13.36 7.63
C VAL A 187 -12.58 -14.61 7.48
N THR A 188 -12.99 -15.47 6.58
CA THR A 188 -12.18 -16.59 6.11
C THR A 188 -11.51 -16.28 4.79
N VAL A 189 -10.17 -16.37 4.78
CA VAL A 189 -9.31 -16.29 3.57
C VAL A 189 -8.38 -17.54 3.37
N PRO A 190 -7.84 -17.75 2.15
CA PRO A 190 -6.86 -18.85 1.97
C PRO A 190 -5.59 -18.60 2.71
N SER A 191 -5.06 -19.60 3.42
CA SER A 191 -3.95 -19.43 4.36
C SER A 191 -2.63 -18.90 3.77
N SER A 192 -2.40 -19.12 2.48
CA SER A 192 -1.23 -18.56 1.81
C SER A 192 -1.38 -17.04 1.52
N THR A 193 -2.60 -16.51 1.66
CA THR A 193 -2.87 -15.07 1.67
C THR A 193 -2.44 -14.35 2.97
N TRP A 194 -2.74 -14.90 4.14
CA TRP A 194 -2.42 -14.22 5.40
C TRP A 194 -1.52 -15.14 6.18
N PRO A 195 -0.36 -14.67 6.67
CA PRO A 195 -0.04 -13.22 6.90
C PRO A 195 0.75 -12.42 5.83
N SER A 196 0.99 -12.97 4.64
CA SER A 196 1.81 -12.29 3.62
C SER A 196 1.11 -11.07 3.05
N GLU A 197 -0.14 -11.23 2.61
CA GLU A 197 -0.99 -10.08 2.27
C GLU A 197 -1.80 -9.61 3.50
N THR A 198 -2.11 -8.32 3.51
CA THR A 198 -2.60 -7.63 4.69
C THR A 198 -4.14 -7.83 4.74
N VAL A 199 -4.68 -8.01 5.93
CA VAL A 199 -6.14 -8.10 6.12
C VAL A 199 -6.49 -7.05 7.13
N THR A 200 -7.41 -6.16 6.75
CA THR A 200 -7.70 -4.95 7.52
C THR A 200 -9.22 -4.94 7.75
N CYS A 201 -9.60 -4.91 9.02
CA CYS A 201 -10.95 -4.65 9.48
C CYS A 201 -11.23 -3.12 9.36
N SER A 202 -12.25 -2.73 8.61
CA SER A 202 -12.61 -1.32 8.46
C SER A 202 -13.96 -1.16 9.13
N VAL A 203 -14.04 -0.28 10.13
CA VAL A 203 -15.15 -0.17 11.05
C VAL A 203 -15.58 1.28 11.02
N ALA A 204 -16.83 1.51 10.67
CA ALA A 204 -17.37 2.87 10.69
C ALA A 204 -18.49 3.02 11.72
N HIS A 205 -18.42 4.11 12.49
CA HIS A 205 -19.47 4.48 13.42
C HIS A 205 -19.88 5.95 13.17
N PRO A 206 -20.91 6.16 12.30
CA PRO A 206 -21.36 7.49 11.85
C PRO A 206 -21.70 8.40 12.96
N ALA A 207 -22.44 7.87 13.92
CA ALA A 207 -22.94 8.70 15.04
C ALA A 207 -21.88 9.45 15.84
N SER A 208 -20.66 8.93 15.89
CA SER A 208 -19.53 9.63 16.50
C SER A 208 -18.52 10.07 15.46
N SER A 209 -18.93 10.03 14.18
CA SER A 209 -18.09 10.33 13.03
C SER A 209 -16.64 9.80 13.21
N THR A 210 -16.56 8.49 13.31
CA THR A 210 -15.36 7.81 13.52
C THR A 210 -15.26 6.72 12.47
N LYS A 211 -14.09 6.59 11.85
CA LYS A 211 -13.70 5.34 11.16
C LYS A 211 -12.46 4.80 11.83
N VAL A 212 -12.31 3.49 11.90
CA VAL A 212 -11.13 2.89 12.50
C VAL A 212 -10.76 1.80 11.56
N ASP A 213 -9.50 1.74 11.17
CA ASP A 213 -8.98 0.63 10.39
C ASP A 213 -7.99 -0.12 11.28
N LYS A 214 -8.12 -1.44 11.32
CA LYS A 214 -7.31 -2.26 12.15
C LYS A 214 -6.77 -3.44 11.36
N LYS A 215 -5.44 -3.55 11.21
CA LYS A 215 -4.95 -4.75 10.57
C LYS A 215 -4.66 -5.87 11.53
N ILE A 216 -4.97 -7.09 11.08
CA ILE A 216 -4.72 -8.29 11.88
C ILE A 216 -3.27 -8.69 11.66
N VAL A 217 -2.47 -8.67 12.72
CA VAL A 217 -1.06 -9.06 12.73
C VAL A 217 -1.01 -10.36 13.52
N PRO A 218 -0.12 -11.31 13.14
CA PRO A 218 0.02 -12.66 13.75
C PRO A 218 0.03 -12.79 15.28
N ASP B 1 -58.45 -11.43 24.19
CA ASP B 1 -58.35 -12.72 24.94
C ASP B 1 -58.89 -13.91 24.14
N ILE B 2 -58.55 -13.92 22.84
CA ILE B 2 -58.57 -15.11 22.01
C ILE B 2 -57.12 -15.34 21.63
N ILE B 3 -56.59 -16.47 22.05
CA ILE B 3 -55.19 -16.81 21.83
C ILE B 3 -55.11 -17.59 20.50
N LEU B 4 -54.20 -17.15 19.63
CA LEU B 4 -53.98 -17.82 18.38
C LEU B 4 -52.69 -18.56 18.53
N THR B 5 -52.74 -19.87 18.34
CA THR B 5 -51.56 -20.73 18.49
C THR B 5 -51.06 -21.23 17.11
N GLN B 6 -49.80 -20.93 16.81
CA GLN B 6 -49.18 -21.36 15.61
C GLN B 6 -48.15 -22.41 15.95
N SER B 7 -48.49 -23.65 15.65
CA SER B 7 -47.61 -24.78 15.91
C SER B 7 -47.30 -25.43 14.58
N PRO B 8 -46.03 -25.74 14.30
CA PRO B 8 -44.90 -25.35 15.15
C PRO B 8 -44.45 -23.92 14.86
N ALA B 9 -43.76 -23.35 15.84
CA ALA B 9 -43.14 -22.04 15.69
C ALA B 9 -42.05 -21.99 14.58
N ILE B 10 -41.38 -23.10 14.33
CA ILE B 10 -40.33 -23.13 13.32
C ILE B 10 -40.53 -24.37 12.45
N MET B 11 -40.33 -24.20 11.15
CA MET B 11 -40.52 -25.26 10.19
C MET B 11 -39.48 -25.18 9.10
N SER B 12 -39.01 -26.35 8.69
CA SER B 12 -38.09 -26.51 7.57
C SER B 12 -38.83 -27.18 6.43
N ALA B 13 -38.56 -26.73 5.21
CA ALA B 13 -38.96 -27.47 4.03
C ALA B 13 -37.96 -27.32 2.88
N SER B 14 -37.83 -28.38 2.10
CA SER B 14 -37.10 -28.30 0.84
C SER B 14 -37.93 -27.53 -0.17
N LEU B 15 -37.24 -26.95 -1.14
CA LEU B 15 -37.84 -26.43 -2.34
C LEU B 15 -38.56 -27.53 -3.07
N GLY B 16 -39.73 -27.22 -3.61
CA GLY B 16 -40.60 -28.21 -4.27
C GLY B 16 -41.64 -28.87 -3.36
N GLU B 17 -41.38 -28.86 -2.05
CA GLU B 17 -42.22 -29.49 -1.07
C GLU B 17 -43.49 -28.64 -0.82
N ARG B 18 -44.60 -29.33 -0.72
CA ARG B 18 -45.85 -28.86 -0.18
C ARG B 18 -45.67 -28.46 1.29
N VAL B 19 -46.27 -27.36 1.73
CA VAL B 19 -46.06 -26.87 3.08
C VAL B 19 -47.39 -26.46 3.62
N THR B 20 -47.63 -26.73 4.90
CA THR B 20 -48.86 -26.34 5.58
C THR B 20 -48.60 -25.67 6.94
N LEU B 21 -49.09 -24.44 7.09
CA LEU B 21 -48.98 -23.76 8.37
C LEU B 21 -50.35 -23.80 8.99
N THR B 22 -50.40 -23.98 10.30
CA THR B 22 -51.65 -23.98 11.02
C THR B 22 -51.79 -22.79 11.99
N CYS B 23 -53.03 -22.32 12.13
CA CYS B 23 -53.44 -21.33 13.12
C CYS B 23 -54.64 -21.89 13.81
N THR B 24 -54.56 -21.94 15.13
CA THR B 24 -55.59 -22.51 15.98
C THR B 24 -56.01 -21.46 17.02
N ALA B 25 -57.32 -21.29 17.16
CA ALA B 25 -57.91 -20.29 18.02
C ALA B 25 -58.57 -20.96 19.22
N SER B 26 -58.50 -20.31 20.38
CA SER B 26 -59.02 -20.79 21.65
C SER B 26 -60.56 -20.78 21.75
N SER B 27 -61.18 -19.94 20.93
CA SER B 27 -62.64 -19.87 20.77
C SER B 27 -62.85 -19.63 19.29
N SER B 28 -63.96 -20.12 18.75
CA SER B 28 -64.37 -19.93 17.35
C SER B 28 -64.13 -18.47 16.88
N VAL B 29 -63.51 -18.32 15.71
CA VAL B 29 -63.49 -17.03 15.01
C VAL B 29 -64.21 -17.22 13.69
N SER B 30 -64.90 -16.15 13.29
CA SER B 30 -65.65 -16.12 12.04
C SER B 30 -64.59 -15.94 10.98
N SER B 31 -64.57 -16.89 10.04
CA SER B 31 -63.62 -16.95 8.93
C SER B 31 -63.41 -15.63 8.17
N SER B 32 -64.47 -14.82 8.11
CA SER B 32 -64.37 -13.44 7.59
C SER B 32 -63.30 -12.59 8.26
N TYR B 33 -63.11 -12.77 9.56
CA TYR B 33 -62.22 -11.91 10.32
C TYR B 33 -60.87 -12.57 10.66
N LEU B 34 -60.49 -13.62 9.91
CA LEU B 34 -59.17 -14.25 10.06
C LEU B 34 -58.24 -13.95 8.87
N HIS B 35 -57.00 -13.57 9.20
CA HIS B 35 -56.02 -13.05 8.24
C HIS B 35 -54.63 -13.66 8.46
N TRP B 36 -53.75 -13.48 7.47
CA TRP B 36 -52.40 -13.92 7.51
C TRP B 36 -51.49 -12.85 6.95
N TYR B 37 -50.33 -12.68 7.61
CA TYR B 37 -49.28 -11.75 7.18
C TYR B 37 -47.92 -12.45 7.00
N GLN B 38 -47.16 -12.00 6.00
CA GLN B 38 -45.81 -12.50 5.82
C GLN B 38 -44.82 -11.41 6.21
N GLN B 39 -43.75 -11.79 6.89
CA GLN B 39 -42.65 -10.89 7.22
C GLN B 39 -41.30 -11.54 7.01
N LYS B 40 -40.46 -10.86 6.24
CA LYS B 40 -39.01 -11.13 6.14
C LYS B 40 -38.19 -10.17 7.05
N PRO B 41 -37.01 -10.63 7.52
CA PRO B 41 -36.25 -9.81 8.48
C PRO B 41 -35.96 -8.38 8.00
N GLY B 42 -36.08 -7.41 8.90
CA GLY B 42 -35.89 -5.99 8.56
C GLY B 42 -36.91 -5.35 7.62
N SER B 43 -38.03 -6.01 7.32
CA SER B 43 -39.11 -5.45 6.46
C SER B 43 -40.37 -5.54 7.27
N SER B 44 -41.38 -4.81 6.81
CA SER B 44 -42.64 -4.69 7.53
C SER B 44 -43.47 -5.87 7.15
N PRO B 45 -44.43 -6.25 7.99
CA PRO B 45 -45.31 -7.28 7.50
C PRO B 45 -46.17 -6.78 6.32
N LYS B 46 -46.73 -7.74 5.63
CA LYS B 46 -47.44 -7.54 4.39
C LYS B 46 -48.69 -8.39 4.49
N LEU B 47 -49.81 -7.92 4.00
CA LEU B 47 -51.00 -8.78 3.90
C LEU B 47 -50.80 -9.94 2.87
N TRP B 48 -51.02 -11.17 3.34
CA TRP B 48 -50.82 -12.34 2.48
C TRP B 48 -52.18 -12.98 2.10
N ILE B 49 -53.04 -13.16 3.09
CA ILE B 49 -54.34 -13.70 2.88
C ILE B 49 -55.28 -12.98 3.80
N TYR B 50 -56.51 -12.73 3.36
CA TYR B 50 -57.55 -12.12 4.23
C TYR B 50 -58.88 -12.84 4.12
N SER B 51 -59.65 -12.83 5.21
CA SER B 51 -60.86 -13.57 5.31
C SER B 51 -60.56 -14.95 4.78
N THR B 52 -59.61 -15.63 5.44
CA THR B 52 -59.37 -17.08 5.32
C THR B 52 -58.75 -17.64 4.02
N TYR B 53 -59.25 -17.16 2.87
CA TYR B 53 -58.96 -17.77 1.55
C TYR B 53 -58.52 -16.84 0.45
N ASN B 54 -58.67 -15.54 0.64
CA ASN B 54 -58.52 -14.58 -0.43
C ASN B 54 -57.07 -14.14 -0.52
N LEU B 55 -56.41 -14.49 -1.62
CA LEU B 55 -55.03 -14.07 -1.81
C LEU B 55 -54.97 -12.54 -1.99
N ALA B 56 -53.95 -11.90 -1.41
CA ALA B 56 -53.82 -10.44 -1.44
C ALA B 56 -53.07 -9.95 -2.67
N GLY B 57 -53.09 -8.64 -2.89
CA GLY B 57 -52.39 -8.02 -4.00
C GLY B 57 -50.97 -8.56 -4.08
N ALA B 58 -50.64 -9.18 -5.22
CA ALA B 58 -49.29 -9.73 -5.52
C ALA B 58 -48.93 -11.16 -4.97
N VAL B 59 -49.86 -11.85 -4.32
CA VAL B 59 -49.56 -13.14 -3.73
C VAL B 59 -49.70 -14.25 -4.80
N PRO B 60 -48.62 -14.96 -5.12
CA PRO B 60 -48.77 -15.98 -6.14
C PRO B 60 -49.75 -17.13 -5.76
N PRO B 61 -50.35 -17.77 -6.78
CA PRO B 61 -51.42 -18.78 -6.59
C PRO B 61 -50.94 -20.15 -6.04
N ARG B 62 -49.63 -20.33 -5.91
CA ARG B 62 -49.10 -21.47 -5.14
C ARG B 62 -49.59 -21.46 -3.65
N PHE B 63 -50.07 -20.30 -3.18
CA PHE B 63 -50.57 -20.10 -1.84
C PHE B 63 -52.10 -20.25 -1.81
N SER B 64 -52.59 -20.91 -0.77
CA SER B 64 -54.03 -20.98 -0.54
C SER B 64 -54.21 -21.01 0.96
N GLY B 65 -55.35 -20.59 1.44
CA GLY B 65 -55.72 -20.76 2.83
C GLY B 65 -57.13 -21.31 2.96
N SER B 66 -57.40 -21.96 4.08
CA SER B 66 -58.74 -22.41 4.43
C SER B 66 -58.90 -22.52 5.94
N GLY B 67 -60.14 -22.69 6.37
CA GLY B 67 -60.42 -23.00 7.76
C GLY B 67 -61.78 -22.53 8.17
N SER B 68 -62.13 -22.80 9.43
CA SER B 68 -63.35 -22.29 10.09
C SER B 68 -63.37 -22.70 11.57
N GLY B 69 -64.03 -21.91 12.39
CA GLY B 69 -64.05 -22.17 13.83
C GLY B 69 -62.72 -21.97 14.53
N THR B 70 -62.09 -23.07 14.94
CA THR B 70 -60.82 -23.03 15.67
C THR B 70 -59.64 -23.60 14.88
N SER B 71 -59.80 -23.79 13.58
CA SER B 71 -58.87 -24.59 12.77
C SER B 71 -58.64 -23.85 11.43
N TYR B 72 -57.49 -23.22 11.27
CA TYR B 72 -57.17 -22.46 10.05
C TYR B 72 -55.84 -22.92 9.49
N SER B 73 -55.66 -22.80 8.19
CA SER B 73 -54.36 -23.07 7.58
C SER B 73 -54.06 -22.28 6.33
N LEU B 74 -52.78 -22.33 5.97
CA LEU B 74 -52.23 -21.65 4.83
C LEU B 74 -51.34 -22.69 4.19
N THR B 75 -51.54 -22.93 2.92
CA THR B 75 -50.89 -24.02 2.22
C THR B 75 -50.01 -23.42 1.12
N ILE B 76 -48.83 -24.00 0.92
CA ILE B 76 -47.98 -23.67 -0.21
C ILE B 76 -47.74 -24.97 -0.97
N SER B 77 -48.23 -24.98 -2.19
CA SER B 77 -48.15 -26.16 -3.02
C SER B 77 -46.82 -25.91 -3.73
N SER B 78 -45.82 -26.72 -3.46
CA SER B 78 -44.52 -26.51 -4.08
C SER B 78 -43.79 -25.24 -3.53
N MET B 79 -42.93 -25.46 -2.53
CA MET B 79 -42.12 -24.42 -1.89
C MET B 79 -41.16 -23.72 -2.85
N GLU B 80 -41.06 -22.38 -2.73
CA GLU B 80 -39.98 -21.62 -3.42
C GLU B 80 -39.15 -20.75 -2.47
N ALA B 81 -37.94 -20.43 -2.86
CA ALA B 81 -37.01 -19.74 -1.95
C ALA B 81 -37.61 -18.44 -1.38
N GLU B 82 -38.14 -17.57 -2.22
CA GLU B 82 -38.99 -16.42 -1.83
C GLU B 82 -39.99 -16.61 -0.67
N ASP B 83 -40.41 -17.85 -0.41
CA ASP B 83 -41.45 -18.13 0.58
C ASP B 83 -40.88 -18.39 1.95
N ALA B 84 -39.56 -18.37 2.10
CA ALA B 84 -38.96 -18.41 3.42
C ALA B 84 -39.11 -17.02 4.07
N ALA B 85 -39.62 -17.01 5.29
CA ALA B 85 -40.20 -15.83 5.92
C ALA B 85 -40.93 -16.31 7.16
N THR B 86 -41.47 -15.37 7.94
CA THR B 86 -42.31 -15.67 9.11
C THR B 86 -43.78 -15.27 8.79
N TYR B 87 -44.75 -16.14 9.10
CA TYR B 87 -46.15 -15.87 8.75
C TYR B 87 -46.93 -15.76 10.03
N TYR B 88 -47.75 -14.72 10.16
CA TYR B 88 -48.59 -14.54 11.33
C TYR B 88 -50.08 -14.70 10.96
N CYS B 89 -50.89 -15.43 11.75
CA CYS B 89 -52.34 -15.24 11.69
C CYS B 89 -52.78 -14.04 12.56
N GLN B 90 -54.03 -13.63 12.39
CA GLN B 90 -54.62 -12.52 13.16
C GLN B 90 -56.13 -12.63 13.13
N GLN B 91 -56.79 -12.27 14.24
CA GLN B 91 -58.26 -12.33 14.35
C GLN B 91 -58.86 -10.95 14.70
N TYR B 92 -60.01 -10.67 14.09
CA TYR B 92 -60.86 -9.49 14.37
C TYR B 92 -62.33 -9.86 14.81
N HIS B 93 -62.52 -11.11 15.24
CA HIS B 93 -63.82 -11.64 15.72
C HIS B 93 -64.35 -11.00 17.02
N ARG B 94 -63.49 -10.91 18.05
CA ARG B 94 -63.72 -10.06 19.21
C ARG B 94 -62.45 -9.33 19.55
N SER B 95 -62.59 -8.14 20.11
CA SER B 95 -61.46 -7.36 20.66
C SER B 95 -60.98 -8.00 21.95
N PRO B 96 -59.74 -7.75 22.38
CA PRO B 96 -58.65 -7.11 21.60
C PRO B 96 -58.14 -7.93 20.43
N TRP B 97 -57.84 -7.24 19.34
CA TRP B 97 -57.40 -7.93 18.13
C TRP B 97 -56.01 -8.53 18.43
N THR B 98 -55.78 -9.74 17.98
CA THR B 98 -54.55 -10.42 18.30
C THR B 98 -53.96 -11.14 17.12
N PHE B 99 -52.67 -11.40 17.20
CA PHE B 99 -51.96 -12.20 16.22
C PHE B 99 -51.55 -13.47 16.90
N GLY B 100 -51.27 -14.49 16.11
CA GLY B 100 -50.51 -15.64 16.63
C GLY B 100 -49.03 -15.32 16.72
N GLY B 101 -48.27 -16.18 17.40
CA GLY B 101 -46.83 -15.99 17.57
C GLY B 101 -45.95 -16.28 16.35
N GLY B 102 -46.56 -16.71 15.26
CA GLY B 102 -45.89 -16.79 13.99
C GLY B 102 -45.20 -18.11 13.78
N THR B 103 -45.12 -18.54 12.53
CA THR B 103 -44.35 -19.71 12.18
C THR B 103 -43.27 -19.19 11.27
N LYS B 104 -42.02 -19.29 11.69
CA LYS B 104 -40.89 -19.04 10.82
C LYS B 104 -40.65 -20.28 9.92
N LEU B 105 -40.73 -20.07 8.60
CA LEU B 105 -40.50 -21.10 7.60
C LEU B 105 -39.13 -20.89 6.96
N GLU B 106 -38.19 -21.80 7.20
CA GLU B 106 -36.80 -21.72 6.69
C GLU B 106 -36.55 -22.83 5.62
N ILE B 107 -35.45 -22.79 4.88
CA ILE B 107 -35.27 -23.84 3.91
C ILE B 107 -34.41 -24.97 4.47
N LYS B 108 -34.86 -26.20 4.17
CA LYS B 108 -34.13 -27.42 4.50
C LYS B 108 -33.00 -27.54 3.51
N ARG B 109 -31.80 -27.85 4.00
CA ARG B 109 -30.66 -28.19 3.16
C ARG B 109 -29.94 -29.29 3.89
N ALA B 110 -28.87 -29.82 3.30
CA ALA B 110 -28.18 -30.99 3.85
C ALA B 110 -27.47 -30.58 5.12
N ASP B 111 -27.41 -31.45 6.12
CA ASP B 111 -26.69 -31.14 7.34
C ASP B 111 -25.23 -30.75 7.07
N ALA B 112 -24.67 -29.97 8.01
CA ALA B 112 -23.27 -29.48 7.95
C ALA B 112 -22.76 -29.14 9.35
N ALA B 113 -21.47 -29.43 9.56
CA ALA B 113 -20.76 -29.19 10.83
C ALA B 113 -20.27 -27.74 10.85
N PRO B 114 -20.27 -27.10 12.04
CA PRO B 114 -19.71 -25.76 12.13
C PRO B 114 -18.21 -25.81 12.07
N THR B 115 -17.60 -24.98 11.22
CA THR B 115 -16.19 -24.61 11.37
C THR B 115 -15.99 -23.67 12.60
N VAL B 116 -15.23 -24.16 13.57
CA VAL B 116 -15.04 -23.50 14.83
C VAL B 116 -13.65 -22.85 14.94
N SER B 117 -13.61 -21.62 15.46
CA SER B 117 -12.37 -20.86 15.69
C SER B 117 -12.47 -20.05 16.98
N ILE B 118 -11.43 -20.18 17.80
CA ILE B 118 -11.27 -19.51 19.07
C ILE B 118 -10.18 -18.43 18.96
N PHE B 119 -10.37 -17.29 19.63
CA PHE B 119 -9.45 -16.16 19.57
C PHE B 119 -9.26 -15.64 20.99
N PRO B 120 -8.00 -15.53 21.44
CA PRO B 120 -7.74 -14.98 22.76
C PRO B 120 -7.99 -13.49 22.79
N PRO B 121 -8.07 -12.89 23.99
CA PRO B 121 -8.11 -11.44 24.10
C PRO B 121 -6.92 -10.79 23.41
N SER B 122 -7.18 -9.80 22.58
CA SER B 122 -6.10 -9.00 22.01
C SER B 122 -5.35 -8.16 23.09
N SER B 123 -4.08 -7.85 22.84
CA SER B 123 -3.30 -6.95 23.72
C SER B 123 -3.92 -5.55 23.90
N GLU B 124 -4.56 -5.04 22.86
CA GLU B 124 -5.18 -3.70 22.93
C GLU B 124 -6.27 -3.70 24.02
N GLN B 125 -7.03 -4.79 24.08
CA GLN B 125 -8.12 -4.90 25.02
C GLN B 125 -7.64 -5.07 26.45
N LEU B 126 -6.51 -5.74 26.61
CA LEU B 126 -5.96 -5.97 27.93
C LEU B 126 -5.46 -4.67 28.53
N THR B 127 -4.97 -3.75 27.73
CA THR B 127 -4.62 -2.40 28.27
C THR B 127 -5.82 -1.61 28.87
N SER B 128 -7.06 -2.04 28.66
CA SER B 128 -8.24 -1.47 29.39
C SER B 128 -8.77 -2.27 30.59
N GLY B 129 -8.14 -3.40 30.91
CA GLY B 129 -8.60 -4.29 31.98
C GLY B 129 -9.78 -5.20 31.61
N GLY B 130 -10.13 -5.25 30.32
CA GLY B 130 -11.17 -6.13 29.83
C GLY B 130 -10.50 -7.30 29.15
N ALA B 131 -11.25 -8.37 28.92
CA ALA B 131 -10.73 -9.56 28.29
C ALA B 131 -11.86 -10.43 27.72
N SER B 132 -12.01 -10.39 26.40
CA SER B 132 -13.06 -11.11 25.69
C SER B 132 -12.44 -12.20 24.89
N VAL B 133 -12.96 -13.40 25.05
CA VAL B 133 -12.53 -14.54 24.26
C VAL B 133 -13.65 -14.79 23.32
N VAL B 134 -13.30 -15.03 22.05
CA VAL B 134 -14.29 -15.14 21.03
C VAL B 134 -14.23 -16.51 20.36
N CYS B 135 -15.39 -17.09 20.16
CA CYS B 135 -15.52 -18.29 19.37
C CYS B 135 -16.54 -18.11 18.23
N PHE B 136 -16.08 -18.29 17.00
CA PHE B 136 -16.93 -18.37 15.85
C PHE B 136 -17.30 -19.85 15.54
N LEU B 137 -18.60 -20.11 15.42
CA LEU B 137 -19.16 -21.34 14.86
C LEU B 137 -19.83 -20.97 13.53
N ASN B 138 -19.16 -21.24 12.41
CA ASN B 138 -19.59 -20.79 11.10
C ASN B 138 -20.18 -21.87 10.15
N ASN B 139 -21.21 -21.47 9.39
CA ASN B 139 -21.75 -22.20 8.23
C ASN B 139 -22.24 -23.62 8.57
N PHE B 140 -23.24 -23.71 9.44
CA PHE B 140 -23.79 -24.98 9.89
C PHE B 140 -25.30 -25.02 9.70
N TYR B 141 -25.77 -26.28 9.64
CA TYR B 141 -27.17 -26.61 9.48
C TYR B 141 -27.44 -28.00 10.07
N PRO B 142 -28.48 -28.17 10.90
CA PRO B 142 -29.51 -27.18 11.26
C PRO B 142 -29.15 -26.20 12.40
N LYS B 143 -30.01 -25.19 12.60
CA LYS B 143 -29.69 -24.01 13.42
C LYS B 143 -29.33 -24.36 14.87
N ASP B 144 -30.06 -25.31 15.44
CA ASP B 144 -29.88 -25.82 16.81
C ASP B 144 -28.41 -26.26 17.09
N ILE B 145 -27.79 -25.65 18.11
CA ILE B 145 -26.41 -25.91 18.46
C ILE B 145 -26.19 -25.56 19.95
N ASN B 146 -25.23 -26.20 20.58
CA ASN B 146 -24.86 -25.90 21.96
C ASN B 146 -23.38 -25.53 22.02
N VAL B 147 -23.07 -24.54 22.84
CA VAL B 147 -21.74 -24.01 22.95
C VAL B 147 -21.41 -23.88 24.43
N LYS B 148 -20.28 -24.46 24.81
CA LYS B 148 -19.90 -24.57 26.21
C LYS B 148 -18.49 -23.98 26.35
N TRP B 149 -18.32 -23.11 27.32
CA TRP B 149 -17.03 -22.55 27.64
C TRP B 149 -16.42 -23.24 28.87
N LYS B 150 -15.12 -23.58 28.78
CA LYS B 150 -14.37 -24.17 29.87
C LYS B 150 -13.10 -23.38 30.11
N ILE B 151 -12.89 -22.99 31.36
CA ILE B 151 -11.69 -22.30 31.84
C ILE B 151 -10.92 -23.27 32.76
N ASP B 152 -9.67 -23.57 32.39
CA ASP B 152 -8.88 -24.64 33.06
C ASP B 152 -9.78 -25.84 33.35
N GLY B 153 -10.49 -26.31 32.34
CA GLY B 153 -11.23 -27.57 32.38
C GLY B 153 -12.61 -27.52 33.00
N SER B 154 -12.96 -26.42 33.70
CA SER B 154 -14.31 -26.24 34.33
C SER B 154 -15.26 -25.25 33.56
N GLU B 155 -16.49 -25.71 33.35
CA GLU B 155 -17.53 -24.93 32.72
C GLU B 155 -17.72 -23.53 33.35
N ARG B 156 -17.95 -22.53 32.47
CA ARG B 156 -18.24 -21.14 32.88
C ARG B 156 -19.46 -20.67 32.10
N GLN B 157 -20.47 -20.20 32.81
CA GLN B 157 -21.70 -19.65 32.21
C GLN B 157 -21.80 -18.14 32.39
N ASN B 158 -21.24 -17.61 33.47
CA ASN B 158 -21.21 -16.15 33.68
C ASN B 158 -20.35 -15.41 32.61
N GLY B 159 -21.00 -14.46 31.94
CA GLY B 159 -20.35 -13.47 31.08
C GLY B 159 -20.29 -13.88 29.61
N VAL B 160 -21.27 -14.67 29.17
CA VAL B 160 -21.27 -15.27 27.84
C VAL B 160 -22.43 -14.66 27.12
N LEU B 161 -22.13 -14.10 25.94
CA LEU B 161 -23.11 -13.52 25.03
C LEU B 161 -22.94 -14.09 23.64
N ASN B 162 -24.05 -14.54 23.06
CA ASN B 162 -24.10 -15.15 21.75
C ASN B 162 -24.87 -14.34 20.74
N SER B 163 -24.75 -14.71 19.49
CA SER B 163 -25.40 -13.96 18.42
C SER B 163 -25.32 -14.81 17.17
N TRP B 164 -26.45 -14.86 16.46
CA TRP B 164 -26.64 -15.75 15.33
C TRP B 164 -27.00 -14.96 14.11
N THR B 165 -26.51 -15.38 12.95
CA THR B 165 -26.91 -14.76 11.71
C THR B 165 -28.22 -15.40 11.27
N ASP B 166 -28.85 -14.75 10.31
CA ASP B 166 -30.11 -15.26 9.75
C ASP B 166 -29.69 -16.24 8.71
N GLN B 167 -30.51 -17.26 8.51
CA GLN B 167 -30.27 -18.23 7.48
C GLN B 167 -29.67 -17.58 6.23
N ASP B 168 -28.50 -18.05 5.84
CA ASP B 168 -27.81 -17.51 4.73
C ASP B 168 -28.62 -17.73 3.49
N SER B 169 -28.83 -16.64 2.76
CA SER B 169 -29.74 -16.65 1.63
C SER B 169 -29.10 -17.36 0.44
N LYS B 170 -27.78 -17.49 0.40
CA LYS B 170 -27.12 -18.17 -0.71
C LYS B 170 -26.90 -19.67 -0.50
N ASP B 171 -26.37 -20.11 0.65
CA ASP B 171 -26.11 -21.52 0.91
C ASP B 171 -26.99 -22.13 2.03
N SER B 172 -27.88 -21.32 2.62
CA SER B 172 -28.84 -21.81 3.65
C SER B 172 -28.25 -22.39 4.95
N THR B 173 -26.99 -22.08 5.22
CA THR B 173 -26.38 -22.30 6.52
C THR B 173 -26.68 -21.13 7.50
N TYR B 174 -26.30 -21.38 8.74
CA TYR B 174 -26.41 -20.42 9.83
C TYR B 174 -24.99 -20.24 10.40
N SER B 175 -24.75 -19.13 11.09
CA SER B 175 -23.55 -19.03 11.89
C SER B 175 -23.83 -18.39 13.22
N MET B 176 -22.90 -18.55 14.13
CA MET B 176 -23.00 -18.01 15.46
C MET B 176 -21.67 -17.45 15.97
N SER B 177 -21.77 -16.48 16.87
CA SER B 177 -20.61 -15.93 17.58
C SER B 177 -20.83 -16.16 19.06
N SER B 178 -19.84 -16.64 19.79
CA SER B 178 -19.93 -16.77 21.27
C SER B 178 -18.78 -15.97 21.89
N THR B 179 -19.07 -15.16 22.88
CA THR B 179 -18.11 -14.23 23.43
C THR B 179 -18.14 -14.35 24.96
N LEU B 180 -16.98 -14.68 25.54
CA LEU B 180 -16.80 -14.81 27.00
C LEU B 180 -16.00 -13.62 27.53
N THR B 181 -16.65 -12.77 28.35
CA THR B 181 -16.04 -11.56 28.80
C THR B 181 -15.67 -11.67 30.27
N LEU B 182 -14.39 -11.42 30.55
CA LEU B 182 -13.80 -11.53 31.85
C LEU B 182 -13.06 -10.25 32.10
N THR B 183 -12.73 -10.01 33.36
CA THR B 183 -11.81 -8.92 33.69
C THR B 183 -10.43 -9.40 33.33
N LYS B 184 -9.52 -8.45 33.23
CA LYS B 184 -8.15 -8.79 32.90
C LYS B 184 -7.54 -9.63 34.01
N ASP B 185 -7.79 -9.26 35.26
CA ASP B 185 -7.18 -9.99 36.38
C ASP B 185 -7.72 -11.41 36.43
N GLU B 186 -9.03 -11.55 36.27
CA GLU B 186 -9.71 -12.83 36.08
C GLU B 186 -9.05 -13.67 34.94
N TYR B 187 -8.90 -13.09 33.76
CA TYR B 187 -8.32 -13.83 32.61
C TYR B 187 -6.90 -14.32 32.90
N GLU B 188 -6.11 -13.48 33.56
CA GLU B 188 -4.74 -13.83 33.95
C GLU B 188 -4.59 -14.82 35.14
N ARG B 189 -5.63 -15.02 35.96
CA ARG B 189 -5.62 -16.12 36.98
C ARG B 189 -5.74 -17.57 36.44
N HIS B 190 -5.84 -17.77 35.13
CA HIS B 190 -6.16 -19.07 34.56
C HIS B 190 -5.40 -19.27 33.26
N ASN B 191 -5.19 -20.52 32.85
CA ASN B 191 -4.37 -20.81 31.66
C ASN B 191 -5.18 -21.30 30.41
N SER B 192 -5.99 -22.32 30.59
CA SER B 192 -6.62 -23.05 29.47
C SER B 192 -8.01 -22.51 29.14
N TYR B 193 -8.28 -22.17 27.89
CA TYR B 193 -9.61 -21.67 27.50
C TYR B 193 -10.10 -22.46 26.33
N THR B 194 -11.29 -23.02 26.47
CA THR B 194 -11.89 -23.88 25.47
C THR B 194 -13.34 -23.42 25.14
N CYS B 195 -13.68 -23.61 23.87
CA CYS B 195 -15.00 -23.43 23.30
C CYS B 195 -15.32 -24.83 22.77
N GLU B 196 -16.41 -25.42 23.24
CA GLU B 196 -16.88 -26.77 22.83
C GLU B 196 -18.21 -26.62 22.14
N ALA B 197 -18.25 -26.97 20.86
CA ALA B 197 -19.47 -26.88 20.11
C ALA B 197 -20.11 -28.26 19.94
N THR B 198 -21.35 -28.43 20.41
CA THR B 198 -22.15 -29.63 20.21
C THR B 198 -23.33 -29.41 19.29
N HIS B 199 -23.54 -30.34 18.39
CA HIS B 199 -24.37 -30.16 17.22
C HIS B 199 -24.66 -31.55 16.65
N LYS B 200 -25.81 -31.75 16.01
CA LYS B 200 -26.27 -33.13 15.63
C LYS B 200 -25.40 -33.86 14.56
N THR B 201 -24.39 -33.18 13.99
CA THR B 201 -23.50 -33.77 12.95
C THR B 201 -22.29 -34.57 13.49
N SER B 202 -22.21 -34.67 14.81
CA SER B 202 -21.26 -35.54 15.51
C SER B 202 -21.79 -35.78 16.91
N THR B 203 -21.35 -36.87 17.51
CA THR B 203 -21.74 -37.16 18.89
C THR B 203 -20.72 -36.53 19.85
N SER B 204 -19.45 -36.49 19.44
CA SER B 204 -18.42 -35.79 20.21
C SER B 204 -18.34 -34.28 19.84
N PRO B 205 -18.19 -33.39 20.86
CA PRO B 205 -18.01 -31.97 20.59
C PRO B 205 -16.85 -31.60 19.66
N ILE B 206 -17.04 -30.55 18.87
CA ILE B 206 -15.90 -29.89 18.26
C ILE B 206 -15.32 -28.96 19.33
N VAL B 207 -14.01 -29.05 19.51
CA VAL B 207 -13.28 -28.50 20.66
C VAL B 207 -12.17 -27.59 20.15
N LYS B 208 -12.15 -26.34 20.65
CA LYS B 208 -11.07 -25.40 20.26
C LYS B 208 -10.48 -24.68 21.46
N ASN B 209 -9.15 -24.65 21.52
CA ASN B 209 -8.41 -24.30 22.73
C ASN B 209 -7.30 -23.36 22.45
N PHE B 210 -6.90 -22.67 23.49
CA PHE B 210 -5.59 -22.04 23.49
C PHE B 210 -5.21 -21.94 24.96
N ASN B 211 -3.92 -21.79 25.20
CA ASN B 211 -3.38 -21.57 26.53
C ASN B 211 -2.70 -20.24 26.47
N ARG B 212 -3.08 -19.31 27.33
CA ARG B 212 -2.38 -18.02 27.33
C ARG B 212 -1.01 -18.11 28.02
N ASN B 213 0.06 -18.09 27.20
CA ASN B 213 1.41 -18.60 27.55
C ASN B 213 1.39 -20.12 27.72
N LYS C 3 -27.57 0.24 -32.71
CA LYS C 3 -27.62 -1.17 -32.21
C LYS C 3 -26.82 -1.32 -30.89
N LEU C 4 -27.29 -0.65 -29.83
CA LEU C 4 -26.87 -0.88 -28.40
C LEU C 4 -25.38 -0.68 -28.02
N GLN C 5 -24.99 0.58 -27.82
CA GLN C 5 -23.60 0.91 -27.54
C GLN C 5 -23.55 1.13 -26.04
N GLU C 6 -22.64 0.44 -25.38
CA GLU C 6 -22.39 0.60 -23.94
C GLU C 6 -20.89 0.48 -23.74
N SER C 7 -20.40 1.04 -22.65
CA SER C 7 -18.93 1.14 -22.46
C SER C 7 -18.30 -0.26 -22.34
N GLY C 8 -17.09 -0.48 -22.85
CA GLY C 8 -16.40 -1.78 -22.69
C GLY C 8 -15.96 -2.17 -21.26
N ALA C 9 -15.49 -1.18 -20.50
CA ALA C 9 -14.93 -1.41 -19.18
C ALA C 9 -15.08 -0.20 -18.24
N GLU C 10 -15.32 -0.52 -16.98
CA GLU C 10 -15.33 0.48 -15.94
C GLU C 10 -14.57 -0.07 -14.72
N LEU C 11 -13.78 0.82 -14.13
CA LEU C 11 -12.98 0.57 -12.97
C LEU C 11 -13.45 1.52 -11.84
N VAL C 12 -13.74 0.95 -10.66
CA VAL C 12 -14.40 1.63 -9.56
C VAL C 12 -13.86 1.08 -8.25
N LYS C 13 -13.82 1.92 -7.21
CA LYS C 13 -13.31 1.52 -5.90
C LYS C 13 -14.42 0.91 -5.09
N PRO C 14 -14.10 -0.04 -4.20
CA PRO C 14 -15.18 -0.56 -3.36
C PRO C 14 -15.73 0.51 -2.42
N GLY C 15 -17.02 0.41 -2.10
CA GLY C 15 -17.80 1.48 -1.47
C GLY C 15 -18.35 2.58 -2.40
N ALA C 16 -17.78 2.74 -3.59
CA ALA C 16 -18.23 3.78 -4.52
C ALA C 16 -19.45 3.33 -5.36
N SER C 17 -19.87 4.21 -6.24
CA SER C 17 -21.08 4.06 -7.04
C SER C 17 -20.67 4.10 -8.52
N ALA C 18 -21.44 3.43 -9.37
CA ALA C 18 -21.18 3.45 -10.82
C ALA C 18 -22.49 3.71 -11.52
N LYS C 19 -22.45 4.39 -12.66
CA LYS C 19 -23.62 4.52 -13.53
C LYS C 19 -23.27 4.21 -14.99
N ALA C 20 -23.72 3.06 -15.51
CA ALA C 20 -23.34 2.62 -16.85
C ALA C 20 -24.46 3.03 -17.79
N ALA C 21 -24.07 3.46 -18.98
CA ALA C 21 -25.00 3.93 -20.00
C ALA C 21 -25.10 2.88 -21.11
N CYS C 22 -26.27 2.80 -21.73
CA CYS C 22 -26.50 1.97 -22.89
C CYS C 22 -27.30 2.79 -23.92
N GLU C 23 -26.64 3.27 -24.96
CA GLU C 23 -27.24 4.12 -26.01
C GLU C 23 -27.78 3.26 -27.16
N ALA C 24 -29.08 3.37 -27.43
CA ALA C 24 -29.69 2.59 -28.52
C ALA C 24 -29.82 3.39 -29.81
N SER C 25 -29.89 2.68 -30.93
CA SER C 25 -30.17 3.25 -32.25
C SER C 25 -30.48 2.13 -33.26
N GLY C 26 -31.10 2.51 -34.39
CA GLY C 26 -31.56 1.55 -35.42
C GLY C 26 -33.04 1.14 -35.27
N TYR C 27 -33.74 1.78 -34.33
CA TYR C 27 -35.11 1.37 -34.00
C TYR C 27 -35.81 2.43 -33.16
N THR C 28 -37.13 2.35 -33.14
CA THR C 28 -37.93 3.19 -32.25
C THR C 28 -37.74 2.69 -30.83
N PHE C 29 -36.94 3.46 -30.08
CA PHE C 29 -36.58 3.18 -28.69
C PHE C 29 -37.75 2.77 -27.75
N THR C 30 -38.91 3.42 -27.92
CA THR C 30 -40.08 3.21 -27.06
C THR C 30 -40.91 1.96 -27.37
N SER C 31 -40.63 1.29 -28.49
CA SER C 31 -41.40 0.08 -28.87
C SER C 31 -40.89 -1.20 -28.23
N TYR C 32 -39.74 -1.11 -27.57
CA TYR C 32 -39.06 -2.25 -26.99
C TYR C 32 -38.59 -1.94 -25.55
N TRP C 33 -38.86 -2.89 -24.64
CA TRP C 33 -38.32 -2.80 -23.26
C TRP C 33 -36.83 -3.08 -23.24
N ILE C 34 -36.16 -2.55 -22.21
CA ILE C 34 -34.74 -2.87 -21.99
C ILE C 34 -34.50 -3.59 -20.69
N HIS C 35 -33.63 -4.62 -20.74
CA HIS C 35 -33.21 -5.43 -19.58
C HIS C 35 -31.70 -5.29 -19.38
N TRP C 36 -31.25 -5.42 -18.16
CA TRP C 36 -29.83 -5.53 -17.84
C TRP C 36 -29.54 -6.91 -17.27
N VAL C 37 -28.45 -7.54 -17.70
CA VAL C 37 -28.11 -8.91 -17.26
C VAL C 37 -26.73 -8.92 -16.69
N LYS C 38 -26.53 -9.63 -15.57
CA LYS C 38 -25.18 -9.73 -14.94
C LYS C 38 -24.49 -11.04 -15.26
N GLN C 39 -23.18 -11.00 -15.50
CA GLN C 39 -22.38 -12.24 -15.69
C GLN C 39 -20.97 -12.13 -15.08
N ARG C 40 -20.76 -12.81 -13.97
CA ARG C 40 -19.47 -12.88 -13.30
C ARG C 40 -18.41 -13.66 -14.13
N PRO C 41 -17.11 -13.28 -14.03
CA PRO C 41 -16.05 -14.05 -14.72
C PRO C 41 -16.26 -15.57 -14.72
N GLY C 42 -16.37 -16.18 -15.89
CA GLY C 42 -16.50 -17.65 -16.02
C GLY C 42 -17.82 -18.23 -15.51
N GLN C 43 -18.83 -17.38 -15.31
CA GLN C 43 -20.09 -17.79 -14.67
C GLN C 43 -21.27 -17.70 -15.64
N GLY C 44 -22.48 -18.00 -15.16
CA GLY C 44 -23.71 -17.95 -15.95
C GLY C 44 -24.43 -16.62 -15.91
N LEU C 45 -25.48 -16.52 -16.68
CA LEU C 45 -26.27 -15.30 -16.78
C LEU C 45 -27.29 -15.17 -15.66
N ASP C 46 -27.62 -13.93 -15.35
CA ASP C 46 -28.40 -13.59 -14.18
C ASP C 46 -29.18 -12.28 -14.42
N TRP C 47 -30.51 -12.38 -14.40
CA TRP C 47 -31.36 -11.25 -14.68
C TRP C 47 -31.31 -10.24 -13.54
N ILE C 48 -30.99 -8.98 -13.85
CA ILE C 48 -31.06 -7.89 -12.86
C ILE C 48 -32.44 -7.19 -12.82
N GLY C 49 -32.98 -6.79 -13.96
CA GLY C 49 -34.18 -5.98 -13.99
C GLY C 49 -34.59 -5.53 -15.36
N GLU C 50 -35.82 -5.05 -15.45
CA GLU C 50 -36.39 -4.60 -16.73
C GLU C 50 -36.98 -3.21 -16.55
N ILE C 51 -37.04 -2.48 -17.67
CA ILE C 51 -37.60 -1.13 -17.68
C ILE C 51 -38.36 -0.93 -18.98
N ASN C 52 -39.62 -0.50 -18.84
CA ASN C 52 -40.47 -0.04 -19.92
C ASN C 52 -39.92 1.34 -20.30
N THR C 53 -39.40 1.41 -21.53
CA THR C 53 -38.83 2.60 -22.12
C THR C 53 -39.86 3.69 -22.37
N SER C 54 -41.08 3.25 -22.70
CA SER C 54 -42.18 4.18 -22.96
C SER C 54 -42.53 4.92 -21.66
N SER C 55 -42.80 4.14 -20.62
CA SER C 55 -43.48 4.59 -19.39
C SER C 55 -42.61 4.91 -18.17
N GLY C 56 -41.37 4.43 -18.13
CA GLY C 56 -40.51 4.47 -16.92
C GLY C 56 -40.60 3.32 -15.91
N ARG C 57 -41.62 2.46 -16.02
CA ARG C 57 -41.88 1.44 -15.01
C ARG C 57 -40.84 0.32 -15.03
N THR C 58 -40.48 -0.11 -13.84
CA THR C 58 -39.39 -1.04 -13.65
C THR C 58 -39.83 -2.27 -12.89
N ASN C 59 -39.10 -3.37 -13.11
CA ASN C 59 -39.20 -4.52 -12.21
C ASN C 59 -37.83 -5.08 -11.95
N TYR C 60 -37.61 -5.43 -10.72
CA TYR C 60 -36.35 -5.96 -10.28
C TYR C 60 -36.42 -7.41 -9.86
N ASN C 61 -35.33 -8.11 -10.11
CA ASN C 61 -35.00 -9.30 -9.32
C ASN C 61 -34.87 -8.85 -7.84
N GLU C 62 -35.71 -9.37 -6.95
CA GLU C 62 -35.61 -9.08 -5.48
C GLU C 62 -34.15 -9.09 -5.03
N ARG C 63 -33.39 -10.10 -5.49
CA ARG C 63 -31.96 -10.25 -5.22
C ARG C 63 -31.16 -8.95 -5.37
N PHE C 64 -31.52 -8.14 -6.38
CA PHE C 64 -30.80 -6.95 -6.75
C PHE C 64 -31.49 -5.65 -6.33
N LYS C 65 -32.67 -5.73 -5.72
CA LYS C 65 -33.25 -4.57 -5.02
C LYS C 65 -32.19 -4.11 -4.00
N ASN C 66 -32.00 -2.79 -3.87
CA ASN C 66 -30.92 -2.23 -3.00
C ASN C 66 -29.51 -2.36 -3.59
N LYS C 67 -29.42 -2.51 -4.91
CA LYS C 67 -28.12 -2.57 -5.60
C LYS C 67 -28.21 -1.85 -6.95
N ALA C 68 -29.20 -2.27 -7.75
CA ALA C 68 -29.49 -1.68 -9.05
C ALA C 68 -30.68 -0.67 -9.00
N THR C 69 -30.58 0.38 -9.78
CA THR C 69 -31.72 1.23 -10.06
C THR C 69 -31.69 1.39 -11.56
N LEU C 70 -32.79 1.09 -12.26
CA LEU C 70 -32.83 1.34 -13.70
C LEU C 70 -33.53 2.66 -13.98
N THR C 71 -33.03 3.32 -15.03
CA THR C 71 -33.61 4.57 -15.58
C THR C 71 -33.49 4.61 -17.10
N VAL C 72 -34.39 5.37 -17.70
CA VAL C 72 -34.40 5.58 -19.13
C VAL C 72 -34.37 7.10 -19.35
N ASP C 73 -34.00 7.50 -20.57
CA ASP C 73 -34.18 8.85 -21.08
C ASP C 73 -34.68 8.70 -22.50
N LYS C 74 -36.00 8.82 -22.68
CA LYS C 74 -36.67 8.79 -24.01
C LYS C 74 -36.02 9.67 -25.07
N THR C 75 -35.73 10.93 -24.72
CA THR C 75 -35.33 11.93 -25.71
C THR C 75 -33.93 11.71 -26.30
N SER C 76 -33.07 10.98 -25.58
CA SER C 76 -31.74 10.56 -26.10
C SER C 76 -31.60 9.05 -26.42
N SER C 77 -32.67 8.28 -26.23
CA SER C 77 -32.68 6.82 -26.49
C SER C 77 -31.61 6.01 -25.74
N THR C 78 -31.40 6.33 -24.46
CA THR C 78 -30.34 5.69 -23.66
C THR C 78 -30.94 5.06 -22.40
N ALA C 79 -30.56 3.83 -22.13
CA ALA C 79 -30.95 3.17 -20.87
C ALA C 79 -29.79 3.33 -19.87
N TYR C 80 -30.10 3.34 -18.58
CA TYR C 80 -29.06 3.55 -17.57
C TYR C 80 -29.22 2.55 -16.46
N ILE C 81 -28.11 2.12 -15.89
CA ILE C 81 -28.13 1.33 -14.64
C ILE C 81 -27.16 1.95 -13.64
N GLN C 82 -27.60 2.02 -12.40
CA GLN C 82 -26.85 2.57 -11.28
C GLN C 82 -26.57 1.45 -10.30
N LEU C 83 -25.31 1.31 -9.90
CA LEU C 83 -24.93 0.37 -8.83
C LEU C 83 -24.34 1.13 -7.62
N SER C 84 -24.86 0.83 -6.43
CA SER C 84 -24.45 1.44 -5.18
C SER C 84 -23.58 0.50 -4.35
N SER C 85 -22.79 1.10 -3.45
CA SER C 85 -22.03 0.40 -2.40
C SER C 85 -21.37 -0.84 -2.95
N LEU C 86 -20.35 -0.61 -3.76
CA LEU C 86 -19.79 -1.65 -4.59
C LEU C 86 -18.81 -2.54 -3.80
N THR C 87 -18.98 -3.85 -3.89
CA THR C 87 -17.99 -4.78 -3.37
C THR C 87 -17.46 -5.59 -4.54
N SER C 88 -16.42 -6.37 -4.27
CA SER C 88 -15.85 -7.21 -5.28
C SER C 88 -16.86 -8.24 -5.83
N GLU C 89 -17.95 -8.52 -5.13
CA GLU C 89 -19.01 -9.37 -5.67
C GLU C 89 -19.75 -8.73 -6.86
N ASP C 90 -19.70 -7.41 -6.98
CA ASP C 90 -20.31 -6.70 -8.13
C ASP C 90 -19.40 -6.70 -9.36
N SER C 91 -18.18 -7.24 -9.25
CA SER C 91 -17.30 -7.41 -10.41
C SER C 91 -17.90 -8.40 -11.39
N ALA C 92 -18.17 -7.93 -12.59
CA ALA C 92 -18.83 -8.76 -13.59
C ALA C 92 -19.00 -7.96 -14.82
N VAL C 93 -19.39 -8.66 -15.88
CA VAL C 93 -19.88 -8.01 -17.10
C VAL C 93 -21.39 -7.77 -16.91
N TYR C 94 -21.82 -6.54 -17.20
CA TYR C 94 -23.20 -6.05 -17.17
C TYR C 94 -23.61 -5.75 -18.63
N TYR C 95 -24.57 -6.54 -19.13
CA TYR C 95 -25.17 -6.43 -20.45
C TYR C 95 -26.49 -5.64 -20.40
N CYS C 96 -26.68 -4.73 -21.35
CA CYS C 96 -28.00 -4.24 -21.68
C CYS C 96 -28.49 -5.06 -22.91
N ALA C 97 -29.79 -5.32 -22.96
CA ALA C 97 -30.38 -6.10 -24.00
C ALA C 97 -31.76 -5.58 -24.27
N ARG C 98 -32.18 -5.74 -25.53
CA ARG C 98 -33.47 -5.33 -25.96
C ARG C 98 -34.40 -6.49 -25.85
N GLU C 99 -35.55 -6.26 -25.22
CA GLU C 99 -36.67 -7.18 -25.24
C GLU C 99 -37.45 -7.06 -26.53
N GLY C 100 -37.56 -8.17 -27.27
CA GLY C 100 -37.89 -8.09 -28.67
C GLY C 100 -38.96 -8.98 -29.25
N PHE C 101 -40.22 -8.61 -29.01
CA PHE C 101 -41.38 -9.01 -29.87
C PHE C 101 -41.76 -10.47 -29.93
N GLY C 102 -40.76 -11.36 -30.00
CA GLY C 102 -40.97 -12.80 -29.88
C GLY C 102 -41.07 -13.23 -28.44
N ASN C 103 -42.21 -12.88 -27.82
CA ASN C 103 -42.62 -13.35 -26.49
C ASN C 103 -41.52 -13.05 -25.42
N GLN C 104 -41.11 -11.77 -25.45
CA GLN C 104 -40.10 -11.16 -24.57
C GLN C 104 -38.64 -11.65 -24.73
N SER C 105 -38.33 -12.46 -25.73
CA SER C 105 -36.95 -12.96 -25.91
C SER C 105 -36.02 -11.81 -26.27
N LEU C 106 -34.76 -11.94 -25.86
CA LEU C 106 -33.79 -10.85 -25.95
C LEU C 106 -33.01 -10.83 -27.28
N ASP C 107 -33.43 -9.97 -28.22
CA ASP C 107 -32.99 -10.20 -29.61
C ASP C 107 -31.70 -9.48 -29.98
N TYR C 108 -31.43 -8.35 -29.34
CA TYR C 108 -30.14 -7.67 -29.49
C TYR C 108 -29.52 -7.40 -28.11
N TRP C 109 -28.19 -7.58 -28.03
CA TRP C 109 -27.43 -7.39 -26.81
C TRP C 109 -26.32 -6.37 -27.08
N GLY C 110 -26.03 -5.50 -26.13
CA GLY C 110 -24.77 -4.74 -26.11
C GLY C 110 -23.54 -5.59 -25.81
N GLN C 111 -22.35 -5.04 -26.00
CA GLN C 111 -21.10 -5.84 -25.97
C GLN C 111 -20.66 -6.23 -24.53
N GLY C 112 -21.36 -5.66 -23.54
CA GLY C 112 -21.05 -5.88 -22.15
C GLY C 112 -20.13 -4.81 -21.59
N THR C 113 -20.45 -4.36 -20.36
CA THR C 113 -19.63 -3.39 -19.63
C THR C 113 -18.88 -4.12 -18.52
N SER C 114 -17.59 -4.29 -18.76
CA SER C 114 -16.78 -5.04 -17.81
C SER C 114 -16.43 -4.18 -16.59
N LEU C 115 -17.14 -4.46 -15.49
CA LEU C 115 -16.97 -3.71 -14.25
C LEU C 115 -15.96 -4.40 -13.39
N THR C 116 -14.90 -3.70 -13.00
CA THR C 116 -13.99 -4.16 -11.96
C THR C 116 -14.00 -3.26 -10.70
N VAL C 117 -14.21 -3.91 -9.55
CA VAL C 117 -14.23 -3.30 -8.23
C VAL C 117 -12.97 -3.68 -7.41
N SER C 118 -12.04 -2.73 -7.28
CA SER C 118 -10.75 -2.98 -6.70
C SER C 118 -10.17 -1.67 -6.18
N SER C 119 -9.27 -1.80 -5.18
CA SER C 119 -8.46 -0.66 -4.67
C SER C 119 -7.11 -0.51 -5.40
N ALA C 120 -6.82 -1.42 -6.33
CA ALA C 120 -5.52 -1.48 -6.98
C ALA C 120 -5.23 -0.23 -7.81
N LYS C 121 -4.00 0.25 -7.70
CA LYS C 121 -3.49 1.37 -8.48
C LYS C 121 -2.84 0.70 -9.64
N THR C 122 -2.54 1.44 -10.69
CA THR C 122 -2.17 0.80 -11.90
C THR C 122 -0.99 -0.21 -11.86
N THR C 123 0.19 0.10 -11.34
CA THR C 123 1.20 -1.00 -11.16
C THR C 123 1.65 -1.83 -12.40
N PRO C 124 2.86 -1.60 -12.92
CA PRO C 124 3.31 -2.34 -14.08
C PRO C 124 3.87 -3.68 -13.65
N PRO C 125 4.00 -4.65 -14.57
CA PRO C 125 4.43 -6.02 -14.27
C PRO C 125 5.92 -6.18 -14.17
N SER C 126 6.33 -7.07 -13.28
CA SER C 126 7.61 -7.70 -13.37
C SER C 126 7.50 -8.91 -14.32
N VAL C 127 8.51 -9.09 -15.16
CA VAL C 127 8.61 -10.14 -16.18
C VAL C 127 9.86 -10.97 -15.83
N TYR C 128 9.64 -12.27 -15.69
CA TYR C 128 10.65 -13.17 -15.17
C TYR C 128 10.82 -14.27 -16.22
N PRO C 129 12.07 -14.58 -16.59
CA PRO C 129 12.34 -15.56 -17.64
C PRO C 129 12.20 -16.95 -17.08
N LEU C 130 11.64 -17.89 -17.84
CA LEU C 130 11.55 -19.30 -17.40
C LEU C 130 12.45 -20.19 -18.26
N ALA C 131 13.67 -20.41 -17.79
CA ALA C 131 14.67 -21.24 -18.48
C ALA C 131 14.64 -22.64 -17.93
N PRO C 132 14.91 -23.65 -18.77
CA PRO C 132 15.03 -24.98 -18.14
C PRO C 132 16.22 -25.00 -17.17
N GLY C 133 16.01 -25.61 -15.99
CA GLY C 133 17.10 -25.82 -14.99
C GLY C 133 17.72 -27.21 -15.05
N SER C 140 14.23 -33.28 -28.90
CA SER C 140 14.30 -32.38 -30.07
C SER C 140 13.53 -31.03 -29.94
N MET C 141 12.51 -30.96 -29.07
CA MET C 141 11.74 -29.72 -28.79
C MET C 141 12.01 -29.25 -27.35
N VAL C 142 12.21 -27.95 -27.18
CA VAL C 142 12.36 -27.38 -25.83
C VAL C 142 11.28 -26.34 -25.59
N THR C 143 10.79 -26.32 -24.37
CA THR C 143 9.76 -25.40 -23.93
C THR C 143 10.40 -24.32 -23.04
N LEU C 144 10.11 -23.08 -23.39
CA LEU C 144 10.60 -21.90 -22.64
C LEU C 144 9.40 -21.15 -22.12
N GLY C 145 9.60 -20.10 -21.36
CA GLY C 145 8.42 -19.44 -20.84
C GLY C 145 8.70 -18.16 -20.17
N CYS C 146 7.63 -17.51 -19.77
CA CYS C 146 7.70 -16.17 -19.29
C CYS C 146 6.57 -15.93 -18.28
N LEU C 147 6.94 -15.51 -17.08
CA LEU C 147 6.02 -15.24 -16.00
C LEU C 147 5.81 -13.74 -15.88
N VAL C 148 4.57 -13.32 -15.89
CA VAL C 148 4.27 -11.91 -15.92
C VAL C 148 3.45 -11.58 -14.69
N LYS C 149 4.11 -10.99 -13.70
CA LYS C 149 3.58 -10.96 -12.33
C LYS C 149 3.37 -9.55 -11.72
N GLY C 150 2.24 -9.37 -11.07
CA GLY C 150 1.98 -8.27 -10.15
C GLY C 150 1.66 -6.97 -10.81
N TYR C 151 0.70 -7.02 -11.75
CA TYR C 151 0.31 -5.89 -12.54
C TYR C 151 -1.16 -5.59 -12.40
N PHE C 152 -1.55 -4.37 -12.81
CA PHE C 152 -2.95 -3.93 -12.76
C PHE C 152 -3.24 -2.68 -13.63
N PRO C 153 -4.34 -2.62 -14.37
CA PRO C 153 -5.34 -3.65 -14.54
C PRO C 153 -4.94 -4.58 -15.69
N GLU C 154 -5.85 -5.44 -16.06
CA GLU C 154 -5.79 -6.15 -17.33
C GLU C 154 -5.93 -5.11 -18.47
N PRO C 155 -5.44 -5.41 -19.66
CA PRO C 155 -4.78 -6.70 -20.01
C PRO C 155 -3.26 -6.48 -20.16
N VAL C 156 -2.53 -7.54 -20.51
CA VAL C 156 -1.19 -7.46 -21.09
C VAL C 156 -1.25 -8.24 -22.37
N THR C 157 -0.28 -8.04 -23.23
CA THR C 157 -0.14 -8.84 -24.39
C THR C 157 1.27 -9.31 -24.30
N VAL C 158 1.46 -10.58 -24.58
CA VAL C 158 2.72 -11.22 -24.64
C VAL C 158 2.92 -11.67 -26.07
N THR C 159 4.11 -11.42 -26.60
CA THR C 159 4.49 -12.00 -27.86
C THR C 159 5.87 -12.56 -27.67
N TRP C 160 6.29 -13.33 -28.65
CA TRP C 160 7.58 -14.04 -28.60
C TRP C 160 8.37 -13.66 -29.87
N ASN C 161 9.65 -13.30 -29.70
CA ASN C 161 10.48 -12.65 -30.74
C ASN C 161 9.68 -11.73 -31.63
N SER C 162 9.04 -10.77 -30.99
CA SER C 162 8.22 -9.76 -31.65
C SER C 162 7.10 -10.25 -32.55
N GLY C 163 6.57 -11.42 -32.25
CA GLY C 163 5.51 -12.04 -33.05
C GLY C 163 5.95 -13.06 -34.11
N SER C 164 7.25 -13.15 -34.39
CA SER C 164 7.71 -14.13 -35.39
C SER C 164 7.91 -15.53 -34.80
N LEU C 165 7.55 -15.72 -33.54
CA LEU C 165 7.40 -17.01 -32.90
C LEU C 165 5.94 -17.11 -32.40
N SER C 166 5.05 -17.57 -33.25
CA SER C 166 3.61 -17.46 -33.00
C SER C 166 2.90 -18.80 -32.85
N SER C 167 3.34 -19.82 -33.61
CA SER C 167 2.83 -21.19 -33.40
C SER C 167 3.59 -21.82 -32.23
N GLY C 168 2.93 -22.71 -31.49
CA GLY C 168 3.56 -23.32 -30.29
C GLY C 168 3.60 -22.45 -29.04
N VAL C 169 2.73 -21.45 -28.97
CA VAL C 169 2.71 -20.48 -27.90
C VAL C 169 1.41 -20.66 -27.18
N HIS C 170 1.43 -20.79 -25.87
CA HIS C 170 0.19 -20.68 -25.09
C HIS C 170 0.29 -19.57 -24.08
N THR C 171 -0.58 -18.58 -24.16
CA THR C 171 -0.64 -17.55 -23.13
C THR C 171 -1.87 -17.86 -22.28
N PHE C 172 -1.65 -17.97 -20.99
CA PHE C 172 -2.71 -18.36 -20.08
C PHE C 172 -3.44 -17.15 -19.56
N PRO C 173 -4.72 -17.31 -19.22
CA PRO C 173 -5.45 -16.20 -18.69
C PRO C 173 -4.99 -15.88 -17.30
N ALA C 174 -5.19 -14.62 -16.95
CA ALA C 174 -4.77 -14.07 -15.67
C ALA C 174 -5.53 -14.61 -14.45
N VAL C 175 -4.82 -14.70 -13.33
CA VAL C 175 -5.40 -14.96 -12.02
C VAL C 175 -5.17 -13.76 -11.09
N LEU C 176 -6.16 -13.49 -10.24
CA LEU C 176 -6.14 -12.32 -9.36
C LEU C 176 -5.53 -12.62 -7.99
N GLN C 177 -4.31 -13.16 -7.94
CA GLN C 177 -3.62 -13.42 -6.64
C GLN C 177 -3.08 -12.10 -6.08
N SER C 178 -3.22 -11.93 -4.77
CA SER C 178 -3.21 -10.61 -4.10
C SER C 178 -4.41 -9.81 -4.64
N ASP C 179 -4.23 -8.49 -4.80
CA ASP C 179 -5.15 -7.62 -5.57
C ASP C 179 -4.56 -7.31 -6.98
N LEU C 180 -3.50 -8.02 -7.36
CA LEU C 180 -2.83 -7.82 -8.63
C LEU C 180 -2.96 -9.08 -9.50
N TYR C 181 -2.63 -8.94 -10.78
CA TYR C 181 -2.87 -9.97 -11.74
C TYR C 181 -1.54 -10.68 -12.06
N THR C 182 -1.65 -11.96 -12.38
CA THR C 182 -0.46 -12.74 -12.75
C THR C 182 -0.84 -13.69 -13.89
N LEU C 183 0.10 -13.97 -14.77
CA LEU C 183 -0.16 -14.78 -15.97
C LEU C 183 1.16 -15.29 -16.48
N SER C 184 1.13 -16.39 -17.21
CA SER C 184 2.34 -16.87 -17.83
C SER C 184 2.12 -17.25 -19.27
N SER C 185 3.21 -17.20 -20.04
CA SER C 185 3.21 -17.59 -21.45
C SER C 185 4.29 -18.65 -21.68
N SER C 186 3.96 -19.65 -22.49
CA SER C 186 4.93 -20.66 -22.87
C SER C 186 5.10 -20.66 -24.36
N VAL C 187 6.34 -20.90 -24.78
CA VAL C 187 6.72 -21.11 -26.17
C VAL C 187 7.54 -22.45 -26.30
N THR C 188 7.22 -23.24 -27.33
CA THR C 188 8.02 -24.38 -27.75
C THR C 188 8.71 -24.18 -29.11
N VAL C 189 10.02 -24.42 -29.15
CA VAL C 189 10.89 -24.27 -30.34
C VAL C 189 11.67 -25.56 -30.56
N PRO C 190 12.10 -25.84 -31.81
CA PRO C 190 13.07 -26.95 -31.98
C PRO C 190 14.36 -26.69 -31.20
N SER C 191 14.96 -27.71 -30.60
CA SER C 191 16.10 -27.56 -29.65
C SER C 191 17.47 -27.16 -30.27
N SER C 192 17.59 -27.27 -31.59
CA SER C 192 18.73 -26.71 -32.33
C SER C 192 18.58 -25.19 -32.56
N THR C 193 17.40 -24.62 -32.29
CA THR C 193 17.17 -23.16 -32.31
C THR C 193 17.67 -22.43 -31.03
N TRP C 194 17.49 -23.02 -29.85
CA TRP C 194 17.80 -22.32 -28.61
C TRP C 194 18.69 -23.23 -27.81
N PRO C 195 19.81 -22.76 -27.23
CA PRO C 195 20.22 -21.34 -27.10
C PRO C 195 21.07 -20.67 -28.21
N SER C 196 21.19 -21.27 -29.40
CA SER C 196 21.98 -20.69 -30.51
C SER C 196 21.36 -19.39 -30.99
N GLU C 197 20.07 -19.45 -31.33
CA GLU C 197 19.32 -18.28 -31.72
C GLU C 197 18.60 -17.79 -30.46
N THR C 198 18.31 -16.50 -30.45
CA THR C 198 17.78 -15.81 -29.29
C THR C 198 16.25 -16.04 -29.21
N VAL C 199 15.73 -16.28 -27.99
CA VAL C 199 14.27 -16.30 -27.73
C VAL C 199 13.92 -15.22 -26.69
N THR C 200 12.95 -14.37 -27.05
CA THR C 200 12.68 -13.13 -26.32
C THR C 200 11.18 -13.03 -26.07
N CYS C 201 10.82 -12.78 -24.82
CA CYS C 201 9.46 -12.60 -24.40
C CYS C 201 9.20 -11.07 -24.53
N SER C 202 8.20 -10.64 -25.31
CA SER C 202 7.86 -9.21 -25.45
C SER C 202 6.50 -8.98 -24.79
N VAL C 203 6.47 -8.19 -23.73
CA VAL C 203 5.35 -8.09 -22.83
C VAL C 203 4.93 -6.62 -22.83
N ALA C 204 3.69 -6.32 -23.18
CA ALA C 204 3.21 -4.92 -23.19
C ALA C 204 2.09 -4.78 -22.20
N HIS C 205 2.12 -3.64 -21.49
CA HIS C 205 1.13 -3.28 -20.49
C HIS C 205 0.72 -1.84 -20.72
N PRO C 206 -0.28 -1.63 -21.61
CA PRO C 206 -0.71 -0.29 -22.03
C PRO C 206 -1.09 0.63 -20.90
N ALA C 207 -1.69 0.14 -19.84
CA ALA C 207 -2.22 1.07 -18.83
C ALA C 207 -1.12 1.79 -18.01
N SER C 208 0.08 1.22 -17.98
CA SER C 208 1.25 1.86 -17.38
C SER C 208 2.28 2.29 -18.45
N SER C 209 1.82 2.29 -19.71
CA SER C 209 2.62 2.50 -20.92
C SER C 209 4.08 1.98 -20.80
N THR C 210 4.16 0.69 -20.58
CA THR C 210 5.37 0.01 -20.35
C THR C 210 5.44 -1.06 -21.43
N LYS C 211 6.61 -1.25 -22.06
CA LYS C 211 7.00 -2.52 -22.72
C LYS C 211 8.20 -3.12 -22.00
N VAL C 212 8.27 -4.43 -21.89
CA VAL C 212 9.43 -5.09 -21.35
C VAL C 212 9.76 -6.20 -22.33
N ASP C 213 11.04 -6.34 -22.69
CA ASP C 213 11.56 -7.48 -23.44
C ASP C 213 12.53 -8.22 -22.57
N LYS C 214 12.40 -9.53 -22.54
CA LYS C 214 13.23 -10.34 -21.69
C LYS C 214 13.71 -11.51 -22.52
N LYS C 215 15.02 -11.60 -22.77
CA LYS C 215 15.50 -12.78 -23.40
C LYS C 215 15.78 -13.88 -22.37
N ILE C 216 15.46 -15.12 -22.75
CA ILE C 216 15.66 -16.34 -21.89
C ILE C 216 17.10 -16.91 -22.07
N VAL C 217 17.84 -17.31 -21.01
CA VAL C 217 19.32 -17.62 -21.17
C VAL C 217 19.96 -19.07 -21.05
N PRO C 218 19.92 -19.72 -19.87
CA PRO C 218 20.68 -20.98 -19.78
C PRO C 218 19.80 -22.17 -19.43
N ASP D 1 -38.81 -17.39 -8.99
CA ASP D 1 -38.17 -18.55 -8.34
C ASP D 1 -38.36 -19.92 -9.02
N ILE D 2 -38.65 -19.87 -10.31
CA ILE D 2 -38.62 -21.01 -11.18
C ILE D 2 -37.16 -21.32 -11.56
N ILE D 3 -36.57 -22.29 -10.90
CA ILE D 3 -35.22 -22.72 -11.20
C ILE D 3 -35.25 -23.56 -12.50
N LEU D 4 -34.27 -23.30 -13.36
CA LEU D 4 -34.08 -24.00 -14.63
C LEU D 4 -32.75 -24.71 -14.56
N THR D 5 -32.75 -26.00 -14.86
CA THR D 5 -31.60 -26.84 -14.64
C THR D 5 -31.24 -27.40 -15.96
N GLN D 6 -29.96 -27.29 -16.29
CA GLN D 6 -29.40 -27.76 -17.55
C GLN D 6 -28.37 -28.82 -17.23
N SER D 7 -28.71 -30.08 -17.54
CA SER D 7 -27.82 -31.22 -17.26
C SER D 7 -27.52 -31.89 -18.58
N PRO D 8 -26.28 -32.30 -18.81
CA PRO D 8 -25.11 -31.93 -18.00
C PRO D 8 -24.65 -30.46 -18.24
N ALA D 9 -23.83 -29.95 -17.32
CA ALA D 9 -23.26 -28.61 -17.46
C ALA D 9 -22.18 -28.55 -18.58
N ILE D 10 -21.48 -29.67 -18.80
CA ILE D 10 -20.49 -29.82 -19.89
C ILE D 10 -20.82 -31.05 -20.74
N MET D 11 -20.55 -30.96 -22.02
CA MET D 11 -20.99 -31.89 -23.03
C MET D 11 -19.91 -31.96 -24.12
N SER D 12 -19.48 -33.18 -24.49
CA SER D 12 -18.56 -33.42 -25.62
C SER D 12 -19.29 -34.01 -26.81
N ALA D 13 -18.73 -33.78 -28.01
CA ALA D 13 -19.37 -34.13 -29.29
C ALA D 13 -18.37 -34.12 -30.47
N SER D 14 -18.44 -35.09 -31.39
CA SER D 14 -17.54 -35.10 -32.57
C SER D 14 -18.17 -34.33 -33.75
N LEU D 15 -17.35 -33.90 -34.69
CA LEU D 15 -17.89 -33.25 -35.89
C LEU D 15 -18.87 -34.19 -36.61
N GLY D 16 -20.03 -33.65 -36.98
CA GLY D 16 -21.08 -34.40 -37.66
C GLY D 16 -22.13 -35.12 -36.82
N GLU D 17 -21.87 -35.33 -35.52
CA GLU D 17 -22.75 -36.08 -34.61
C GLU D 17 -24.02 -35.30 -34.17
N ARG D 18 -25.04 -36.03 -33.72
CA ARG D 18 -26.27 -35.40 -33.27
C ARG D 18 -26.04 -34.97 -31.83
N VAL D 19 -26.56 -33.80 -31.44
CA VAL D 19 -26.39 -33.27 -30.05
C VAL D 19 -27.69 -32.81 -29.43
N THR D 20 -27.92 -33.19 -28.15
CA THR D 20 -29.10 -32.75 -27.45
C THR D 20 -28.82 -32.07 -26.11
N LEU D 21 -29.34 -30.85 -25.96
CA LEU D 21 -29.23 -30.12 -24.68
C LEU D 21 -30.61 -30.05 -24.00
N THR D 22 -30.67 -30.33 -22.70
CA THR D 22 -31.93 -30.33 -22.02
C THR D 22 -32.05 -29.11 -21.11
N CYS D 23 -33.23 -28.47 -21.10
CA CYS D 23 -33.58 -27.46 -20.08
C CYS D 23 -34.73 -28.02 -19.26
N THR D 24 -34.57 -28.09 -17.93
CA THR D 24 -35.56 -28.67 -17.00
C THR D 24 -36.00 -27.64 -15.95
N ALA D 25 -37.31 -27.52 -15.72
CA ALA D 25 -37.88 -26.43 -14.89
C ALA D 25 -38.54 -26.93 -13.60
N SER D 26 -38.54 -26.06 -12.59
CA SER D 26 -39.03 -26.37 -11.25
C SER D 26 -40.58 -26.35 -11.15
N SER D 27 -41.25 -25.64 -12.06
CA SER D 27 -42.67 -25.88 -12.32
C SER D 27 -42.99 -25.54 -13.78
N SER D 28 -44.23 -25.77 -14.19
CA SER D 28 -44.58 -25.57 -15.62
C SER D 28 -44.25 -24.16 -16.10
N VAL D 29 -43.49 -24.04 -17.19
CA VAL D 29 -43.37 -22.78 -17.94
C VAL D 29 -44.12 -22.93 -19.22
N SER D 30 -44.83 -21.90 -19.62
CA SER D 30 -45.50 -21.90 -20.90
C SER D 30 -44.43 -21.82 -22.02
N SER D 31 -44.66 -22.55 -23.10
CA SER D 31 -43.70 -22.73 -24.18
C SER D 31 -43.55 -21.50 -25.10
N SER D 32 -44.55 -20.64 -25.10
CA SER D 32 -44.39 -19.27 -25.48
C SER D 32 -43.12 -18.62 -24.92
N TYR D 33 -42.82 -18.97 -23.68
CA TYR D 33 -41.94 -18.19 -22.89
C TYR D 33 -40.67 -18.91 -22.53
N LEU D 34 -40.33 -19.94 -23.30
CA LEU D 34 -39.03 -20.57 -23.20
C LEU D 34 -38.14 -20.28 -24.41
N HIS D 35 -36.94 -19.75 -24.11
CA HIS D 35 -35.98 -19.23 -25.12
C HIS D 35 -34.59 -19.79 -24.80
N TRP D 36 -33.73 -19.78 -25.80
CA TRP D 36 -32.35 -20.26 -25.68
C TRP D 36 -31.42 -19.23 -26.23
N TYR D 37 -30.24 -19.11 -25.62
CA TYR D 37 -29.20 -18.22 -26.11
C TYR D 37 -27.90 -18.94 -26.24
N GLN D 38 -27.06 -18.48 -27.18
CA GLN D 38 -25.70 -19.02 -27.41
C GLN D 38 -24.67 -17.95 -27.09
N GLN D 39 -23.62 -18.35 -26.38
CA GLN D 39 -22.52 -17.42 -26.03
C GLN D 39 -21.20 -18.09 -26.25
N LYS D 40 -20.30 -17.38 -26.93
CA LYS D 40 -18.88 -17.78 -27.08
C LYS D 40 -17.98 -16.86 -26.23
N PRO D 41 -16.86 -17.40 -25.71
CA PRO D 41 -15.96 -16.61 -24.84
C PRO D 41 -15.63 -15.24 -25.40
N GLY D 42 -15.79 -14.20 -24.59
CA GLY D 42 -15.47 -12.82 -24.97
C GLY D 42 -16.52 -12.04 -25.77
N SER D 43 -17.66 -12.67 -26.06
CA SER D 43 -18.78 -12.10 -26.83
C SER D 43 -20.05 -12.13 -25.99
N SER D 44 -21.01 -11.31 -26.41
CA SER D 44 -22.32 -11.27 -25.81
C SER D 44 -23.15 -12.53 -26.17
N PRO D 45 -24.14 -12.88 -25.33
CA PRO D 45 -25.05 -13.92 -25.78
C PRO D 45 -25.84 -13.46 -27.01
N LYS D 46 -26.13 -14.44 -27.86
CA LYS D 46 -26.96 -14.24 -29.04
C LYS D 46 -28.23 -15.04 -28.88
N LEU D 47 -29.37 -14.44 -29.24
CA LEU D 47 -30.65 -15.15 -29.26
C LEU D 47 -30.65 -16.22 -30.34
N TRP D 48 -30.93 -17.44 -29.94
CA TRP D 48 -30.75 -18.61 -30.80
C TRP D 48 -32.10 -19.24 -31.12
N ILE D 49 -32.84 -19.61 -30.09
CA ILE D 49 -34.16 -20.13 -30.31
C ILE D 49 -35.09 -19.39 -29.41
N TYR D 50 -36.26 -19.04 -29.91
CA TYR D 50 -37.28 -18.44 -29.07
C TYR D 50 -38.62 -19.16 -29.24
N SER D 51 -39.55 -18.88 -28.33
CA SER D 51 -40.74 -19.67 -27.98
C SER D 51 -40.66 -21.15 -28.33
N THR D 52 -39.78 -21.83 -27.61
CA THR D 52 -39.60 -23.26 -27.68
C THR D 52 -38.97 -23.82 -28.97
N TYR D 53 -39.39 -23.38 -30.17
CA TYR D 53 -38.93 -24.01 -31.46
C TYR D 53 -38.63 -23.11 -32.65
N ASN D 54 -38.80 -21.80 -32.50
CA ASN D 54 -38.68 -20.83 -33.60
C ASN D 54 -37.23 -20.44 -33.74
N LEU D 55 -36.64 -20.53 -34.93
CA LEU D 55 -35.26 -20.10 -35.14
C LEU D 55 -35.17 -18.57 -35.32
N ALA D 56 -34.14 -17.99 -34.68
CA ALA D 56 -33.90 -16.56 -34.63
C ALA D 56 -33.13 -16.07 -35.87
N GLY D 57 -32.97 -14.75 -35.98
CA GLY D 57 -32.11 -14.11 -36.99
C GLY D 57 -30.76 -14.78 -37.18
N ALA D 58 -30.63 -15.48 -38.31
CA ALA D 58 -29.35 -16.05 -38.80
C ALA D 58 -29.07 -17.49 -38.33
N VAL D 59 -29.96 -18.10 -37.54
CA VAL D 59 -29.65 -19.41 -36.97
C VAL D 59 -29.79 -20.54 -38.04
N PRO D 60 -28.75 -21.36 -38.27
CA PRO D 60 -28.79 -22.36 -39.34
C PRO D 60 -29.86 -23.42 -39.14
N PRO D 61 -30.21 -24.16 -40.21
CA PRO D 61 -31.34 -25.09 -40.13
C PRO D 61 -31.01 -26.36 -39.33
N ARG D 62 -29.73 -26.74 -39.21
CA ARG D 62 -29.31 -27.88 -38.34
C ARG D 62 -29.82 -27.87 -36.88
N PHE D 63 -30.19 -26.69 -36.37
CA PHE D 63 -30.75 -26.49 -35.02
C PHE D 63 -32.26 -26.66 -34.93
N SER D 64 -32.72 -27.23 -33.83
CA SER D 64 -34.15 -27.29 -33.54
C SER D 64 -34.38 -27.26 -32.03
N GLY D 65 -35.57 -26.90 -31.61
CA GLY D 65 -35.97 -27.07 -30.23
C GLY D 65 -37.41 -27.51 -30.14
N SER D 66 -37.73 -28.02 -28.97
CA SER D 66 -39.01 -28.61 -28.67
C SER D 66 -39.17 -28.71 -27.14
N GLY D 67 -40.41 -28.91 -26.68
CA GLY D 67 -40.67 -29.14 -25.28
C GLY D 67 -42.00 -28.60 -24.84
N SER D 68 -42.37 -28.96 -23.61
CA SER D 68 -43.60 -28.49 -22.99
C SER D 68 -43.56 -28.77 -21.50
N GLY D 69 -44.27 -27.94 -20.73
CA GLY D 69 -44.48 -28.21 -19.32
C GLY D 69 -43.21 -27.88 -18.58
N THR D 70 -42.55 -28.89 -18.01
CA THR D 70 -41.27 -28.66 -17.30
C THR D 70 -40.01 -29.17 -18.01
N SER D 71 -40.14 -29.66 -19.24
CA SER D 71 -39.03 -30.31 -19.93
C SER D 71 -38.89 -29.76 -21.37
N TYR D 72 -37.72 -29.22 -21.70
CA TYR D 72 -37.46 -28.61 -23.01
C TYR D 72 -36.12 -29.08 -23.47
N SER D 73 -35.95 -29.13 -24.78
CA SER D 73 -34.69 -29.47 -25.36
C SER D 73 -34.34 -28.62 -26.59
N LEU D 74 -33.06 -28.66 -26.91
CA LEU D 74 -32.49 -28.00 -28.10
C LEU D 74 -31.65 -29.07 -28.74
N THR D 75 -31.80 -29.21 -30.04
CA THR D 75 -31.19 -30.30 -30.80
C THR D 75 -30.43 -29.70 -31.98
N ILE D 76 -29.20 -30.23 -32.18
CA ILE D 76 -28.34 -30.00 -33.36
C ILE D 76 -28.20 -31.33 -34.11
N SER D 77 -28.84 -31.44 -35.26
CA SER D 77 -28.66 -32.58 -36.15
C SER D 77 -27.38 -32.33 -36.88
N SER D 78 -26.30 -33.01 -36.52
CA SER D 78 -25.01 -32.80 -37.19
C SER D 78 -24.26 -31.55 -36.66
N MET D 79 -23.41 -31.83 -35.69
CA MET D 79 -22.46 -30.88 -35.10
C MET D 79 -21.50 -30.27 -36.11
N GLU D 80 -21.30 -28.95 -36.00
CA GLU D 80 -20.18 -28.28 -36.66
C GLU D 80 -19.34 -27.53 -35.62
N ALA D 81 -18.05 -27.37 -35.87
CA ALA D 81 -17.15 -26.66 -34.94
C ALA D 81 -17.65 -25.26 -34.52
N GLU D 82 -18.22 -24.54 -35.49
CA GLU D 82 -18.98 -23.29 -35.35
C GLU D 82 -19.87 -23.32 -34.07
N ASP D 83 -20.49 -24.46 -33.85
CA ASP D 83 -21.47 -24.69 -32.78
C ASP D 83 -20.92 -24.86 -31.34
N ALA D 84 -19.61 -25.04 -31.16
CA ALA D 84 -18.99 -25.12 -29.83
C ALA D 84 -19.16 -23.79 -29.05
N ALA D 85 -19.79 -23.85 -27.88
CA ALA D 85 -20.26 -22.63 -27.20
C ALA D 85 -21.03 -23.07 -25.98
N THR D 86 -21.40 -22.10 -25.15
CA THR D 86 -22.30 -22.31 -24.01
C THR D 86 -23.74 -21.95 -24.42
N TYR D 87 -24.73 -22.76 -24.02
CA TYR D 87 -26.15 -22.56 -24.42
C TYR D 87 -26.93 -22.36 -23.14
N TYR D 88 -27.77 -21.33 -23.08
CA TYR D 88 -28.48 -20.95 -21.87
C TYR D 88 -29.96 -20.93 -22.22
N CYS D 89 -30.79 -21.60 -21.43
CA CYS D 89 -32.25 -21.50 -21.58
C CYS D 89 -32.73 -20.39 -20.67
N GLN D 90 -33.96 -19.98 -20.93
CA GLN D 90 -34.60 -18.86 -20.23
C GLN D 90 -36.12 -19.03 -20.12
N GLN D 91 -36.71 -18.57 -19.01
CA GLN D 91 -38.16 -18.55 -18.83
C GLN D 91 -38.72 -17.15 -18.45
N TYR D 92 -39.79 -16.77 -19.16
CA TYR D 92 -40.63 -15.60 -18.86
C TYR D 92 -42.05 -15.98 -18.46
N HIS D 93 -42.25 -17.18 -17.92
CA HIS D 93 -43.54 -17.57 -17.36
C HIS D 93 -43.93 -16.76 -16.11
N ARG D 94 -43.06 -16.77 -15.07
CA ARG D 94 -43.27 -16.01 -13.82
C ARG D 94 -42.01 -15.28 -13.42
N SER D 95 -42.12 -13.97 -13.24
CA SER D 95 -41.05 -13.13 -12.64
C SER D 95 -40.70 -13.58 -11.22
N PRO D 96 -39.44 -13.49 -10.76
CA PRO D 96 -38.24 -13.11 -11.53
C PRO D 96 -37.81 -14.05 -12.66
N TRP D 97 -37.60 -13.45 -13.84
CA TRP D 97 -37.18 -14.18 -15.05
C TRP D 97 -35.87 -14.86 -14.76
N THR D 98 -35.70 -16.07 -15.28
CA THR D 98 -34.51 -16.85 -14.95
C THR D 98 -33.89 -17.48 -16.16
N PHE D 99 -32.58 -17.67 -16.08
CA PHE D 99 -31.78 -18.43 -17.01
C PHE D 99 -31.44 -19.76 -16.38
N GLY D 100 -31.19 -20.77 -17.23
CA GLY D 100 -30.51 -21.96 -16.74
C GLY D 100 -29.01 -21.65 -16.56
N GLY D 101 -28.34 -22.46 -15.75
CA GLY D 101 -26.88 -22.37 -15.49
C GLY D 101 -26.00 -22.58 -16.71
N GLY D 102 -26.58 -23.08 -17.79
CA GLY D 102 -25.91 -23.19 -19.09
C GLY D 102 -25.35 -24.58 -19.34
N THR D 103 -25.31 -25.01 -20.60
CA THR D 103 -24.53 -26.18 -20.98
C THR D 103 -23.41 -25.74 -21.90
N LYS D 104 -22.17 -25.97 -21.48
CA LYS D 104 -21.03 -25.75 -22.37
C LYS D 104 -20.79 -26.99 -23.28
N LEU D 105 -21.03 -26.79 -24.57
CA LEU D 105 -20.76 -27.78 -25.60
C LEU D 105 -19.40 -27.54 -26.23
N GLU D 106 -18.55 -28.56 -26.16
CA GLU D 106 -17.14 -28.53 -26.57
C GLU D 106 -16.98 -29.61 -27.66
N ILE D 107 -15.89 -29.61 -28.44
CA ILE D 107 -15.72 -30.61 -29.50
C ILE D 107 -14.85 -31.75 -29.04
N LYS D 108 -15.25 -32.97 -29.36
CA LYS D 108 -14.53 -34.19 -28.97
C LYS D 108 -13.47 -34.48 -30.01
N ARG D 109 -12.40 -35.12 -29.59
CA ARG D 109 -11.33 -35.58 -30.47
C ARG D 109 -10.48 -36.61 -29.73
N ALA D 110 -9.54 -37.26 -30.40
CA ALA D 110 -8.74 -38.31 -29.74
C ALA D 110 -8.00 -37.79 -28.52
N ASP D 111 -7.80 -38.64 -27.53
CA ASP D 111 -7.10 -38.28 -26.31
C ASP D 111 -5.64 -37.98 -26.59
N ALA D 112 -5.02 -37.20 -25.68
CA ALA D 112 -3.63 -36.77 -25.80
C ALA D 112 -3.00 -36.54 -24.45
N ALA D 113 -1.78 -37.03 -24.25
CA ALA D 113 -1.02 -36.74 -23.04
C ALA D 113 -0.55 -35.27 -23.02
N PRO D 114 -0.43 -34.66 -21.83
CA PRO D 114 0.20 -33.36 -21.81
C PRO D 114 1.69 -33.49 -21.95
N THR D 115 2.28 -32.62 -22.76
CA THR D 115 3.71 -32.28 -22.67
C THR D 115 3.92 -31.44 -21.41
N VAL D 116 4.73 -31.93 -20.47
CA VAL D 116 4.89 -31.29 -19.16
C VAL D 116 6.26 -30.66 -19.05
N SER D 117 6.34 -29.44 -18.56
CA SER D 117 7.65 -28.81 -18.31
C SER D 117 7.58 -28.02 -17.03
N ILE D 118 8.66 -28.10 -16.24
CA ILE D 118 8.83 -27.39 -14.99
C ILE D 118 9.99 -26.40 -15.07
N PHE D 119 9.82 -25.29 -14.34
CA PHE D 119 10.78 -24.21 -14.33
C PHE D 119 11.03 -23.68 -12.90
N PRO D 120 12.30 -23.66 -12.49
CA PRO D 120 12.59 -23.03 -11.21
C PRO D 120 12.28 -21.54 -11.19
N PRO D 121 12.29 -20.94 -10.01
CA PRO D 121 12.31 -19.51 -9.86
C PRO D 121 13.46 -18.89 -10.61
N SER D 122 13.15 -17.82 -11.34
CA SER D 122 14.21 -17.04 -11.99
C SER D 122 15.03 -16.31 -10.93
N SER D 123 16.32 -16.11 -11.21
CA SER D 123 17.19 -15.28 -10.34
C SER D 123 16.63 -13.87 -10.10
N GLU D 124 15.97 -13.32 -11.11
CA GLU D 124 15.42 -11.95 -11.05
C GLU D 124 14.37 -11.85 -9.97
N GLN D 125 13.51 -12.85 -9.90
CA GLN D 125 12.41 -12.86 -8.94
C GLN D 125 12.91 -13.06 -7.52
N LEU D 126 13.98 -13.84 -7.35
CA LEU D 126 14.53 -14.04 -6.03
C LEU D 126 15.00 -12.72 -5.41
N THR D 127 15.47 -11.77 -6.22
CA THR D 127 15.85 -10.44 -5.68
C THR D 127 14.70 -9.63 -5.02
N SER D 128 13.44 -10.07 -5.21
CA SER D 128 12.24 -9.53 -4.47
C SER D 128 11.74 -10.39 -3.30
N GLY D 129 12.49 -11.44 -2.91
CA GLY D 129 12.01 -12.42 -1.89
C GLY D 129 10.76 -13.23 -2.26
N GLY D 130 10.49 -13.34 -3.56
CA GLY D 130 9.40 -14.13 -4.09
C GLY D 130 10.07 -15.31 -4.77
N ALA D 131 9.37 -16.43 -4.83
CA ALA D 131 9.82 -17.57 -5.62
C ALA D 131 8.62 -18.36 -6.16
N SER D 132 8.41 -18.27 -7.48
CA SER D 132 7.35 -18.99 -8.15
C SER D 132 7.98 -20.12 -8.93
N VAL D 133 7.45 -21.31 -8.78
CA VAL D 133 7.78 -22.43 -9.62
C VAL D 133 6.64 -22.59 -10.55
N VAL D 134 6.95 -22.83 -11.80
CA VAL D 134 5.94 -22.93 -12.83
C VAL D 134 6.02 -24.30 -13.51
N CYS D 135 4.84 -24.82 -13.86
CA CYS D 135 4.70 -26.07 -14.59
C CYS D 135 3.65 -25.96 -15.70
N PHE D 136 4.07 -26.12 -16.96
CA PHE D 136 3.14 -26.14 -18.06
C PHE D 136 2.68 -27.56 -18.35
N LEU D 137 1.38 -27.69 -18.60
CA LEU D 137 0.78 -28.94 -19.09
C LEU D 137 0.10 -28.61 -20.40
N ASN D 138 0.77 -28.92 -21.53
CA ASN D 138 0.37 -28.43 -22.85
C ASN D 138 -0.26 -29.47 -23.80
N ASN D 139 -1.28 -29.04 -24.57
CA ASN D 139 -1.83 -29.79 -25.68
C ASN D 139 -2.30 -31.18 -25.25
N PHE D 140 -3.27 -31.18 -24.33
CA PHE D 140 -3.91 -32.36 -23.82
C PHE D 140 -5.43 -32.39 -24.06
N TYR D 141 -5.98 -33.61 -23.99
CA TYR D 141 -7.42 -33.86 -24.12
C TYR D 141 -7.74 -35.23 -23.51
N PRO D 142 -8.80 -35.35 -22.68
CA PRO D 142 -9.77 -34.26 -22.38
C PRO D 142 -9.33 -33.29 -21.29
N LYS D 143 -10.19 -32.31 -21.01
CA LYS D 143 -9.90 -31.21 -20.10
C LYS D 143 -9.60 -31.65 -18.65
N ASP D 144 -10.15 -32.78 -18.22
CA ASP D 144 -9.94 -33.32 -16.86
C ASP D 144 -8.48 -33.68 -16.62
N ILE D 145 -7.86 -33.01 -15.66
CA ILE D 145 -6.50 -33.35 -15.28
C ILE D 145 -6.24 -33.02 -13.81
N ASN D 146 -5.24 -33.68 -13.21
CA ASN D 146 -4.82 -33.39 -11.84
C ASN D 146 -3.34 -33.14 -11.81
N VAL D 147 -2.96 -32.15 -11.03
CA VAL D 147 -1.63 -31.66 -10.93
C VAL D 147 -1.33 -31.66 -9.45
N LYS D 148 -0.21 -32.27 -9.08
CA LYS D 148 0.17 -32.38 -7.68
C LYS D 148 1.60 -31.89 -7.59
N TRP D 149 1.83 -31.01 -6.63
CA TRP D 149 3.14 -30.45 -6.36
C TRP D 149 3.79 -31.18 -5.18
N LYS D 150 5.08 -31.52 -5.28
CA LYS D 150 5.85 -32.11 -4.19
C LYS D 150 7.17 -31.37 -3.93
N ILE D 151 7.31 -30.84 -2.71
CA ILE D 151 8.57 -30.31 -2.21
C ILE D 151 9.29 -31.39 -1.38
N ASP D 152 10.51 -31.73 -1.78
CA ASP D 152 11.38 -32.73 -1.08
C ASP D 152 10.59 -34.01 -0.77
N GLY D 153 9.90 -34.53 -1.78
CA GLY D 153 9.08 -35.73 -1.65
C GLY D 153 7.66 -35.59 -1.11
N SER D 154 7.35 -34.48 -0.41
CA SER D 154 6.06 -34.31 0.30
C SER D 154 5.10 -33.34 -0.43
N GLU D 155 3.85 -33.79 -0.61
CA GLU D 155 2.80 -32.96 -1.22
C GLU D 155 2.64 -31.54 -0.61
N ARG D 156 2.37 -30.55 -1.48
CA ARG D 156 2.16 -29.14 -1.09
C ARG D 156 0.97 -28.62 -1.89
N GLN D 157 -0.05 -28.14 -1.18
CA GLN D 157 -1.27 -27.58 -1.80
C GLN D 157 -1.37 -26.07 -1.62
N ASN D 158 -0.89 -25.53 -0.51
CA ASN D 158 -0.89 -24.07 -0.29
C ASN D 158 0.05 -23.31 -1.26
N GLY D 159 -0.52 -22.31 -1.94
CA GLY D 159 0.19 -21.39 -2.82
C GLY D 159 0.08 -21.78 -4.30
N VAL D 160 -0.95 -22.53 -4.64
CA VAL D 160 -1.04 -23.15 -5.95
C VAL D 160 -2.19 -22.51 -6.63
N LEU D 161 -1.90 -22.04 -7.84
CA LEU D 161 -2.80 -21.27 -8.64
C LEU D 161 -2.69 -21.79 -10.05
N ASN D 162 -3.81 -22.24 -10.60
CA ASN D 162 -3.86 -22.87 -11.91
C ASN D 162 -4.66 -22.02 -12.87
N SER D 163 -4.43 -22.30 -14.16
CA SER D 163 -5.09 -21.53 -15.22
C SER D 163 -5.08 -22.34 -16.52
N TRP D 164 -6.23 -22.37 -17.19
CA TRP D 164 -6.51 -23.32 -18.29
C TRP D 164 -6.83 -22.46 -19.47
N THR D 165 -6.40 -22.86 -20.65
CA THR D 165 -6.77 -22.14 -21.84
C THR D 165 -8.10 -22.69 -22.28
N ASP D 166 -8.81 -21.90 -23.08
CA ASP D 166 -10.03 -22.36 -23.75
C ASP D 166 -9.60 -23.37 -24.82
N GLN D 167 -10.53 -24.21 -25.24
CA GLN D 167 -10.24 -25.27 -26.19
C GLN D 167 -9.60 -24.68 -27.44
N ASP D 168 -8.44 -25.18 -27.81
CA ASP D 168 -7.74 -24.69 -29.00
C ASP D 168 -8.62 -24.89 -30.21
N SER D 169 -8.90 -23.85 -30.97
CA SER D 169 -9.72 -24.01 -32.18
C SER D 169 -9.09 -24.87 -33.31
N LYS D 170 -7.78 -25.01 -33.33
CA LYS D 170 -7.07 -25.65 -34.45
C LYS D 170 -6.82 -27.13 -34.25
N ASP D 171 -6.41 -27.54 -33.06
CA ASP D 171 -6.32 -28.98 -32.77
C ASP D 171 -7.23 -29.47 -31.62
N SER D 172 -8.11 -28.60 -31.09
CA SER D 172 -9.09 -28.96 -30.03
C SER D 172 -8.54 -29.51 -28.69
N THR D 173 -7.29 -29.20 -28.40
CA THR D 173 -6.70 -29.55 -27.14
C THR D 173 -6.85 -28.39 -26.15
N TYR D 174 -6.35 -28.64 -24.95
CA TYR D 174 -6.38 -27.70 -23.86
C TYR D 174 -4.96 -27.61 -23.31
N SER D 175 -4.67 -26.51 -22.64
CA SER D 175 -3.49 -26.48 -21.85
C SER D 175 -3.78 -25.84 -20.54
N MET D 176 -2.85 -26.02 -19.62
CA MET D 176 -2.98 -25.55 -18.27
C MET D 176 -1.61 -25.11 -17.78
N SER D 177 -1.63 -24.07 -16.95
CA SER D 177 -0.48 -23.56 -16.22
C SER D 177 -0.74 -23.82 -14.75
N SER D 178 0.29 -24.27 -14.01
CA SER D 178 0.22 -24.47 -12.55
C SER D 178 1.42 -23.76 -11.93
N THR D 179 1.18 -22.97 -10.89
CA THR D 179 2.19 -22.05 -10.37
C THR D 179 2.23 -22.19 -8.85
N LEU D 180 3.40 -22.54 -8.31
CA LEU D 180 3.59 -22.69 -6.84
C LEU D 180 4.33 -21.49 -6.29
N THR D 181 3.66 -20.59 -5.57
CA THR D 181 4.33 -19.37 -5.08
C THR D 181 4.80 -19.45 -3.61
N LEU D 182 6.11 -19.30 -3.42
CA LEU D 182 6.76 -19.43 -2.12
C LEU D 182 7.47 -18.15 -1.79
N THR D 183 7.84 -17.99 -0.52
CA THR D 183 8.82 -16.95 -0.14
C THR D 183 10.19 -17.44 -0.64
N LYS D 184 11.14 -16.51 -0.77
CA LYS D 184 12.52 -16.88 -1.11
C LYS D 184 12.99 -17.82 -0.01
N ASP D 185 12.93 -17.32 1.25
CA ASP D 185 13.43 -18.06 2.41
C ASP D 185 12.90 -19.49 2.47
N GLU D 186 11.59 -19.65 2.29
CA GLU D 186 10.93 -20.97 2.17
C GLU D 186 11.49 -21.85 1.03
N TYR D 187 11.70 -21.28 -0.15
CA TYR D 187 12.20 -22.02 -1.32
C TYR D 187 13.63 -22.48 -1.12
N GLU D 188 14.42 -21.66 -0.44
CA GLU D 188 15.83 -22.00 -0.14
C GLU D 188 15.99 -23.08 0.98
N ARG D 189 14.97 -23.30 1.81
CA ARG D 189 14.97 -24.46 2.76
C ARG D 189 14.98 -25.89 2.15
N HIS D 190 14.56 -26.04 0.89
CA HIS D 190 14.35 -27.36 0.30
C HIS D 190 15.13 -27.51 -1.00
N ASN D 191 15.36 -28.76 -1.42
CA ASN D 191 16.17 -29.04 -2.62
C ASN D 191 15.37 -29.51 -3.86
N SER D 192 14.41 -30.41 -3.64
CA SER D 192 13.71 -31.07 -4.74
C SER D 192 12.31 -30.43 -4.97
N TYR D 193 11.92 -30.23 -6.23
CA TYR D 193 10.60 -29.71 -6.55
C TYR D 193 10.12 -30.49 -7.72
N THR D 194 8.86 -30.86 -7.70
CA THR D 194 8.30 -31.85 -8.62
C THR D 194 6.86 -31.46 -9.01
N CYS D 195 6.52 -31.75 -10.26
CA CYS D 195 5.20 -31.48 -10.77
C CYS D 195 4.70 -32.85 -11.30
N GLU D 196 3.64 -33.37 -10.71
CA GLU D 196 3.02 -34.65 -11.13
C GLU D 196 1.69 -34.37 -11.79
N ALA D 197 1.60 -34.66 -13.08
CA ALA D 197 0.35 -34.59 -13.80
C ALA D 197 -0.29 -36.00 -13.97
N THR D 198 -1.53 -36.17 -13.49
CA THR D 198 -2.27 -37.43 -13.64
C THR D 198 -3.37 -37.17 -14.60
N HIS D 199 -3.44 -38.00 -15.63
CA HIS D 199 -4.34 -37.76 -16.72
C HIS D 199 -4.76 -39.14 -17.26
N LYS D 200 -5.96 -39.24 -17.83
CA LYS D 200 -6.53 -40.55 -18.20
C LYS D 200 -5.84 -41.28 -19.36
N THR D 201 -4.71 -40.74 -19.86
CA THR D 201 -3.92 -41.35 -20.95
C THR D 201 -2.77 -42.23 -20.44
N SER D 202 -2.56 -42.24 -19.13
CA SER D 202 -1.65 -43.17 -18.51
C SER D 202 -2.16 -43.42 -17.11
N THR D 203 -1.49 -44.32 -16.40
CA THR D 203 -1.83 -44.65 -15.02
C THR D 203 -0.71 -44.14 -14.12
N SER D 204 0.54 -44.40 -14.50
CA SER D 204 1.67 -43.67 -13.94
C SER D 204 1.56 -42.17 -14.36
N PRO D 205 1.69 -41.24 -13.38
CA PRO D 205 1.60 -39.83 -13.67
C PRO D 205 2.83 -39.34 -14.43
N ILE D 206 2.68 -38.33 -15.27
CA ILE D 206 3.86 -37.71 -15.85
C ILE D 206 4.53 -36.88 -14.74
N VAL D 207 5.85 -36.98 -14.66
CA VAL D 207 6.66 -36.49 -13.51
C VAL D 207 7.81 -35.61 -14.01
N LYS D 208 7.86 -34.36 -13.56
CA LYS D 208 9.01 -33.49 -13.83
C LYS D 208 9.60 -32.78 -12.59
N ASN D 209 10.93 -32.78 -12.50
CA ASN D 209 11.66 -32.31 -11.34
C ASN D 209 12.85 -31.45 -11.67
N PHE D 210 13.19 -30.64 -10.71
CA PHE D 210 14.53 -30.10 -10.68
C PHE D 210 14.91 -30.11 -9.20
N ASN D 211 16.21 -30.03 -8.97
CA ASN D 211 16.81 -30.01 -7.64
C ASN D 211 17.64 -28.72 -7.60
N ARG D 212 17.22 -27.72 -6.81
CA ARG D 212 17.91 -26.41 -6.82
C ARG D 212 19.30 -26.47 -6.16
N ASN D 213 20.34 -26.55 -7.02
CA ASN D 213 21.71 -27.05 -6.72
C ASN D 213 21.76 -28.60 -6.87
N LYS E 3 48.27 -4.99 -30.88
CA LYS E 3 48.15 -3.62 -30.33
C LYS E 3 47.37 -3.63 -29.00
N LEU E 4 47.64 -4.64 -28.17
CA LEU E 4 47.17 -4.69 -26.77
C LEU E 4 45.64 -4.87 -26.62
N GLN E 5 45.20 -6.13 -26.57
CA GLN E 5 43.79 -6.52 -26.42
C GLN E 5 43.52 -7.14 -25.06
N GLU E 6 42.86 -6.36 -24.23
CA GLU E 6 42.37 -6.81 -22.94
C GLU E 6 40.86 -6.91 -23.03
N SER E 7 40.32 -7.75 -22.16
CA SER E 7 38.88 -7.89 -22.00
C SER E 7 38.30 -6.58 -21.49
N GLY E 8 37.06 -6.29 -21.88
CA GLY E 8 36.37 -5.08 -21.44
C GLY E 8 36.10 -4.96 -19.95
N ALA E 9 35.65 -6.06 -19.32
CA ALA E 9 35.23 -6.03 -17.92
C ALA E 9 35.16 -7.42 -17.31
N GLU E 10 35.16 -7.48 -15.97
CA GLU E 10 35.03 -8.75 -15.23
C GLU E 10 34.30 -8.47 -13.90
N LEU E 11 33.36 -9.34 -13.53
CA LEU E 11 32.65 -9.26 -12.24
C LEU E 11 33.02 -10.46 -11.42
N VAL E 12 33.49 -10.22 -10.20
CA VAL E 12 33.99 -11.29 -9.34
C VAL E 12 33.69 -10.98 -7.86
N LYS E 13 33.43 -12.03 -7.09
CA LYS E 13 33.03 -11.90 -5.69
C LYS E 13 34.24 -11.75 -4.76
N PRO E 14 34.03 -11.15 -3.56
CA PRO E 14 35.16 -10.95 -2.65
C PRO E 14 35.68 -12.26 -2.09
N GLY E 15 37.00 -12.38 -2.03
CA GLY E 15 37.66 -13.61 -1.61
C GLY E 15 38.16 -14.43 -2.79
N ALA E 16 37.54 -14.26 -3.95
CA ALA E 16 37.92 -14.98 -5.14
C ALA E 16 39.21 -14.46 -5.82
N SER E 17 39.57 -15.10 -6.91
CA SER E 17 40.76 -14.76 -7.68
C SER E 17 40.34 -14.40 -9.14
N ALA E 18 41.18 -13.70 -9.89
CA ALA E 18 40.95 -13.47 -11.35
C ALA E 18 42.27 -13.30 -12.04
N LYS E 19 42.23 -13.42 -13.37
CA LYS E 19 43.41 -13.30 -14.20
C LYS E 19 43.04 -12.58 -15.50
N ALA E 20 43.40 -11.29 -15.61
CA ALA E 20 43.16 -10.54 -16.84
C ALA E 20 44.27 -10.90 -17.83
N ALA E 21 43.93 -11.00 -19.11
CA ALA E 21 44.93 -11.19 -20.16
C ALA E 21 45.13 -9.88 -20.89
N CYS E 22 46.28 -9.75 -21.55
CA CYS E 22 46.58 -8.62 -22.44
C CYS E 22 47.34 -9.12 -23.67
N GLU E 23 46.65 -9.17 -24.80
CA GLU E 23 47.21 -9.80 -25.99
C GLU E 23 47.82 -8.76 -26.91
N ALA E 24 49.10 -8.91 -27.22
CA ALA E 24 49.84 -7.97 -28.06
C ALA E 24 49.96 -8.45 -29.53
N SER E 25 50.39 -7.55 -30.42
CA SER E 25 50.49 -7.80 -31.89
C SER E 25 50.79 -6.51 -32.67
N GLY E 26 51.50 -6.66 -33.78
CA GLY E 26 51.87 -5.53 -34.64
C GLY E 26 53.21 -4.96 -34.25
N TYR E 27 53.94 -5.65 -33.38
CA TYR E 27 55.32 -5.28 -33.06
C TYR E 27 56.00 -6.55 -32.59
N THR E 28 57.33 -6.51 -32.45
CA THR E 28 58.11 -7.61 -31.85
C THR E 28 57.84 -7.61 -30.30
N PHE E 29 56.88 -8.44 -29.86
CA PHE E 29 56.54 -8.61 -28.44
C PHE E 29 57.71 -8.58 -27.45
N THR E 30 58.72 -9.40 -27.74
CA THR E 30 59.88 -9.66 -26.87
C THR E 30 60.94 -8.54 -26.81
N SER E 31 60.84 -7.52 -27.67
CA SER E 31 61.75 -6.34 -27.63
C SER E 31 61.23 -5.16 -26.78
N TYR E 32 59.96 -5.26 -26.35
CA TYR E 32 59.35 -4.25 -25.48
C TYR E 32 58.76 -4.88 -24.19
N TRP E 33 59.01 -4.23 -23.05
CA TRP E 33 58.53 -4.67 -21.73
C TRP E 33 57.06 -4.31 -21.53
N ILE E 34 56.40 -5.04 -20.64
CA ILE E 34 55.02 -4.74 -20.28
C ILE E 34 54.85 -4.38 -18.81
N HIS E 35 54.11 -3.28 -18.58
CA HIS E 35 53.75 -2.80 -17.25
C HIS E 35 52.23 -2.86 -17.10
N TRP E 36 51.78 -3.04 -15.85
CA TRP E 36 50.37 -2.84 -15.51
C TRP E 36 50.12 -1.71 -14.52
N VAL E 37 48.99 -1.05 -14.69
CA VAL E 37 48.66 0.19 -13.98
C VAL E 37 47.19 0.17 -13.60
N LYS E 38 46.90 0.19 -12.31
CA LYS E 38 45.51 0.32 -11.74
C LYS E 38 45.01 1.79 -11.62
N GLN E 39 43.73 2.02 -11.94
CA GLN E 39 43.05 3.30 -11.72
C GLN E 39 41.74 3.08 -11.05
N ARG E 40 41.66 3.43 -9.76
CA ARG E 40 40.41 3.35 -8.98
C ARG E 40 39.46 4.42 -9.51
N PRO E 41 38.14 4.15 -9.54
CA PRO E 41 37.18 5.00 -10.30
C PRO E 41 37.17 6.48 -9.85
N GLY E 42 37.29 7.41 -10.82
CA GLY E 42 37.44 8.84 -10.50
C GLY E 42 38.73 9.25 -9.74
N GLN E 43 39.75 8.39 -9.78
CA GLN E 43 41.04 8.59 -9.08
C GLN E 43 42.20 8.58 -10.08
N GLY E 44 43.42 8.66 -9.58
CA GLY E 44 44.63 8.71 -10.41
C GLY E 44 45.23 7.35 -10.69
N LEU E 45 46.41 7.35 -11.31
CA LEU E 45 47.04 6.15 -11.85
C LEU E 45 48.05 5.63 -10.83
N ASP E 46 48.08 4.31 -10.65
CA ASP E 46 48.90 3.67 -9.63
C ASP E 46 49.68 2.53 -10.25
N TRP E 47 51.01 2.62 -10.23
CA TRP E 47 51.87 1.61 -10.85
C TRP E 47 51.82 0.35 -10.02
N ILE E 48 51.57 -0.80 -10.66
CA ILE E 48 51.56 -2.11 -9.97
C ILE E 48 52.90 -2.83 -10.18
N GLY E 49 53.33 -2.98 -11.43
CA GLY E 49 54.46 -3.87 -11.78
C GLY E 49 54.88 -3.83 -13.23
N GLU E 50 56.07 -4.35 -13.50
CA GLU E 50 56.58 -4.54 -14.87
C GLU E 50 57.02 -6.00 -15.02
N ILE E 51 57.22 -6.42 -16.26
CA ILE E 51 57.76 -7.75 -16.52
C ILE E 51 58.56 -7.69 -17.82
N ASN E 52 59.69 -8.40 -17.84
CA ASN E 52 60.57 -8.45 -19.00
C ASN E 52 59.97 -9.53 -19.90
N THR E 53 59.67 -9.19 -21.15
CA THR E 53 58.97 -10.10 -22.06
C THR E 53 59.89 -11.25 -22.54
N SER E 54 61.20 -10.98 -22.55
CA SER E 54 62.22 -11.91 -23.02
C SER E 54 62.69 -12.84 -21.89
N SER E 55 62.83 -12.35 -20.65
CA SER E 55 63.35 -13.13 -19.49
C SER E 55 62.30 -13.55 -18.44
N GLY E 56 61.15 -12.87 -18.40
CA GLY E 56 60.19 -13.09 -17.30
C GLY E 56 60.59 -12.50 -15.93
N ARG E 57 61.67 -11.71 -15.88
CA ARG E 57 62.07 -11.04 -14.62
C ARG E 57 61.07 -9.90 -14.30
N THR E 58 60.63 -9.84 -13.03
CA THR E 58 59.61 -8.90 -12.58
C THR E 58 60.17 -7.84 -11.62
N ASN E 59 59.48 -6.71 -11.54
CA ASN E 59 59.74 -5.65 -10.56
C ASN E 59 58.38 -5.08 -10.15
N TYR E 60 57.95 -5.37 -8.92
CA TYR E 60 56.67 -4.90 -8.41
C TYR E 60 56.81 -3.64 -7.58
N ASN E 61 55.76 -2.83 -7.58
CA ASN E 61 55.49 -1.89 -6.50
C ASN E 61 55.17 -2.73 -5.27
N GLU E 62 55.77 -2.37 -4.14
CA GLU E 62 55.80 -3.17 -2.92
C GLU E 62 54.39 -3.34 -2.36
N ARG E 63 53.61 -2.28 -2.53
CA ARG E 63 52.19 -2.20 -2.12
C ARG E 63 51.33 -3.34 -2.70
N PHE E 64 51.64 -3.77 -3.93
CA PHE E 64 50.83 -4.77 -4.65
C PHE E 64 51.45 -6.17 -4.65
N LYS E 65 52.65 -6.29 -4.09
CA LYS E 65 53.17 -7.57 -3.59
C LYS E 65 52.01 -8.21 -2.78
N ASN E 66 51.91 -9.53 -2.81
CA ASN E 66 50.78 -10.27 -2.20
C ASN E 66 49.40 -10.01 -2.81
N LYS E 67 49.35 -9.30 -3.92
CA LYS E 67 48.12 -9.05 -4.65
C LYS E 67 48.33 -9.47 -6.09
N ALA E 68 49.36 -8.95 -6.75
CA ALA E 68 49.60 -9.20 -8.18
C ALA E 68 50.70 -10.22 -8.44
N THR E 69 50.54 -10.99 -9.51
CA THR E 69 51.56 -11.85 -10.06
C THR E 69 51.60 -11.57 -11.58
N LEU E 70 52.69 -10.99 -12.07
CA LEU E 70 52.83 -10.76 -13.50
C LEU E 70 53.44 -12.00 -14.14
N THR E 71 52.99 -12.32 -15.35
CA THR E 71 53.52 -13.44 -16.15
C THR E 71 53.43 -13.15 -17.67
N VAL E 72 54.07 -14.01 -18.45
CA VAL E 72 54.12 -13.86 -19.90
C VAL E 72 54.14 -15.25 -20.54
N ASP E 73 53.59 -15.33 -21.76
CA ASP E 73 53.70 -16.52 -22.61
C ASP E 73 54.29 -16.06 -23.95
N LYS E 74 55.53 -16.48 -24.23
CA LYS E 74 56.28 -16.00 -25.41
C LYS E 74 55.73 -16.45 -26.80
N THR E 75 55.42 -17.74 -26.96
CA THR E 75 54.87 -18.26 -28.22
C THR E 75 53.39 -17.90 -28.45
N SER E 76 52.81 -17.00 -27.64
CA SER E 76 51.53 -16.37 -27.99
C SER E 76 51.47 -14.84 -27.85
N SER E 77 52.60 -14.18 -27.59
CA SER E 77 52.66 -12.71 -27.45
C SER E 77 51.61 -12.11 -26.50
N THR E 78 51.36 -12.75 -25.36
CA THR E 78 50.45 -12.17 -24.34
C THR E 78 51.11 -12.01 -22.94
N ALA E 79 50.56 -11.08 -22.16
CA ALA E 79 50.96 -10.82 -20.78
C ALA E 79 49.76 -10.88 -19.84
N TYR E 80 49.96 -11.47 -18.66
CA TYR E 80 48.88 -11.72 -17.72
C TYR E 80 49.23 -11.11 -16.37
N ILE E 81 48.20 -10.83 -15.58
CA ILE E 81 48.31 -10.37 -14.20
C ILE E 81 47.20 -11.13 -13.51
N GLN E 82 47.52 -11.71 -12.36
CA GLN E 82 46.57 -12.42 -11.56
C GLN E 82 46.40 -11.65 -10.27
N LEU E 83 45.15 -11.50 -9.81
CA LEU E 83 44.84 -10.78 -8.56
C LEU E 83 44.20 -11.72 -7.54
N SER E 84 44.95 -12.01 -6.48
CA SER E 84 44.48 -12.92 -5.43
C SER E 84 43.67 -12.19 -4.39
N SER E 85 43.05 -12.97 -3.50
CA SER E 85 42.24 -12.48 -2.37
C SER E 85 41.59 -11.12 -2.58
N LEU E 86 40.73 -11.06 -3.58
CA LEU E 86 40.07 -9.84 -4.03
C LEU E 86 39.17 -9.27 -2.95
N THR E 87 39.19 -7.94 -2.78
CA THR E 87 38.15 -7.23 -2.00
C THR E 87 37.65 -6.05 -2.83
N SER E 88 36.70 -5.29 -2.30
CA SER E 88 36.14 -4.15 -3.06
C SER E 88 37.13 -2.98 -3.19
N GLU E 89 38.24 -3.00 -2.45
CA GLU E 89 39.34 -2.08 -2.70
C GLU E 89 40.06 -2.34 -4.04
N ASP E 90 40.00 -3.59 -4.54
CA ASP E 90 40.66 -3.96 -5.82
C ASP E 90 39.76 -3.74 -7.06
N SER E 91 38.52 -3.29 -6.85
CA SER E 91 37.67 -2.75 -7.91
C SER E 91 38.32 -1.53 -8.58
N ALA E 92 38.56 -1.63 -9.88
CA ALA E 92 39.24 -0.58 -10.63
C ALA E 92 39.43 -1.02 -12.09
N VAL E 93 39.82 -0.08 -12.95
CA VAL E 93 40.30 -0.44 -14.27
C VAL E 93 41.79 -0.79 -14.18
N TYR E 94 42.17 -1.95 -14.76
CA TYR E 94 43.55 -2.40 -14.82
C TYR E 94 44.00 -2.29 -16.26
N TYR E 95 45.06 -1.52 -16.49
CA TYR E 95 45.61 -1.27 -17.82
C TYR E 95 46.95 -1.99 -17.97
N CYS E 96 47.19 -2.51 -19.18
CA CYS E 96 48.50 -2.99 -19.58
C CYS E 96 49.02 -1.94 -20.54
N ALA E 97 50.33 -1.71 -20.50
CA ALA E 97 50.96 -0.81 -21.43
C ALA E 97 52.36 -1.33 -21.75
N ARG E 98 52.87 -0.84 -22.87
CA ARG E 98 54.17 -1.23 -23.38
C ARG E 98 55.21 -0.10 -23.17
N GLU E 99 56.39 -0.50 -22.64
CA GLU E 99 57.57 0.34 -22.44
C GLU E 99 58.29 0.68 -23.76
N GLY E 100 57.97 1.81 -24.35
CA GLY E 100 58.51 2.19 -25.66
C GLY E 100 59.76 3.04 -25.66
N PHE E 101 60.86 2.45 -26.15
CA PHE E 101 62.24 3.03 -26.24
C PHE E 101 62.62 4.34 -25.55
N GLY E 102 61.91 5.45 -25.84
CA GLY E 102 62.19 6.78 -25.22
C GLY E 102 62.24 6.88 -23.69
N ASN E 103 63.33 6.32 -23.12
CA ASN E 103 63.66 6.33 -21.68
C ASN E 103 62.50 5.83 -20.80
N GLN E 104 62.06 4.59 -21.09
CA GLN E 104 61.02 3.82 -20.32
C GLN E 104 59.56 4.28 -20.38
N SER E 105 59.28 5.40 -21.04
CA SER E 105 57.92 5.89 -21.18
C SER E 105 57.01 4.82 -21.81
N LEU E 106 55.75 4.80 -21.37
CA LEU E 106 54.80 3.80 -21.80
C LEU E 106 54.06 4.32 -23.03
N ASP E 107 54.45 3.84 -24.23
CA ASP E 107 54.02 4.49 -25.51
C ASP E 107 52.65 4.02 -26.02
N TYR E 108 52.26 2.81 -25.64
CA TYR E 108 51.01 2.24 -26.11
C TYR E 108 50.31 1.63 -24.94
N TRP E 109 49.00 1.83 -24.89
CA TRP E 109 48.21 1.36 -23.78
C TRP E 109 47.01 0.58 -24.33
N GLY E 110 46.73 -0.58 -23.71
CA GLY E 110 45.49 -1.30 -23.91
C GLY E 110 44.29 -0.49 -23.44
N GLN E 111 43.12 -1.09 -23.55
CA GLN E 111 41.83 -0.37 -23.38
C GLN E 111 41.44 -0.30 -21.90
N GLY E 112 42.02 -1.22 -21.13
CA GLY E 112 41.77 -1.30 -19.70
C GLY E 112 40.69 -2.31 -19.38
N THR E 113 40.97 -3.21 -18.44
CA THR E 113 40.00 -4.17 -17.97
C THR E 113 39.35 -3.65 -16.69
N SER E 114 38.05 -3.43 -16.74
CA SER E 114 37.30 -2.83 -15.63
C SER E 114 36.76 -3.90 -14.67
N LEU E 115 37.39 -4.03 -13.51
CA LEU E 115 37.11 -5.09 -12.52
C LEU E 115 36.31 -4.55 -11.36
N THR E 116 35.16 -5.18 -11.12
CA THR E 116 34.24 -4.89 -10.01
C THR E 116 34.21 -6.13 -9.10
N VAL E 117 34.35 -5.92 -7.79
CA VAL E 117 34.36 -6.96 -6.77
C VAL E 117 33.24 -6.72 -5.78
N SER E 118 32.25 -7.62 -5.75
CA SER E 118 31.01 -7.44 -4.97
C SER E 118 30.33 -8.75 -4.73
N SER E 119 29.79 -8.93 -3.54
CA SER E 119 28.96 -10.10 -3.23
C SER E 119 27.49 -9.88 -3.64
N ALA E 120 27.20 -8.77 -4.32
CA ALA E 120 25.83 -8.38 -4.65
C ALA E 120 25.29 -9.18 -5.80
N LYS E 121 23.97 -9.37 -5.74
CA LYS E 121 23.24 -10.21 -6.68
C LYS E 121 22.86 -9.43 -7.94
N THR E 122 22.66 -10.15 -9.06
CA THR E 122 22.51 -9.55 -10.39
C THR E 122 21.07 -9.05 -10.76
N THR E 123 20.52 -8.22 -9.88
CA THR E 123 19.24 -7.48 -10.00
C THR E 123 18.84 -6.56 -11.20
N PRO E 124 17.73 -6.85 -11.89
CA PRO E 124 17.36 -5.94 -12.96
C PRO E 124 16.75 -4.67 -12.40
N PRO E 125 16.72 -3.61 -13.21
CA PRO E 125 16.24 -2.34 -12.70
C PRO E 125 14.73 -2.25 -12.63
N SER E 126 14.22 -1.33 -11.84
CA SER E 126 12.86 -0.83 -12.00
C SER E 126 13.01 0.49 -12.67
N VAL E 127 12.04 0.87 -13.52
CA VAL E 127 12.13 2.07 -14.38
C VAL E 127 10.87 2.94 -14.20
N TYR E 128 11.05 4.16 -13.71
CA TYR E 128 9.93 5.04 -13.34
C TYR E 128 9.93 6.37 -14.17
N PRO E 129 8.78 6.74 -14.75
CA PRO E 129 8.66 7.94 -15.57
C PRO E 129 8.65 9.20 -14.71
N LEU E 130 9.39 10.23 -15.14
CA LEU E 130 9.44 11.53 -14.47
C LEU E 130 8.71 12.52 -15.37
N ALA E 131 7.40 12.67 -15.11
CA ALA E 131 6.56 13.67 -15.79
C ALA E 131 6.38 14.95 -14.93
N PRO E 132 6.27 16.13 -15.55
CA PRO E 132 5.95 17.35 -14.76
C PRO E 132 4.69 17.19 -13.91
N GLY E 133 4.70 17.75 -12.69
CA GLY E 133 3.53 17.81 -11.82
C GLY E 133 3.01 19.23 -11.69
N SER E 140 8.42 27.43 -22.86
CA SER E 140 8.43 26.79 -24.18
C SER E 140 9.17 25.43 -24.24
N MET E 141 10.23 25.26 -23.44
CA MET E 141 10.88 23.94 -23.31
C MET E 141 10.36 23.23 -22.07
N VAL E 142 10.14 21.92 -22.18
CA VAL E 142 9.61 21.12 -21.06
C VAL E 142 10.57 19.96 -20.86
N THR E 143 11.05 19.78 -19.63
CA THR E 143 12.02 18.77 -19.24
C THR E 143 11.27 17.55 -18.66
N LEU E 144 11.69 16.36 -19.11
CA LEU E 144 11.13 15.07 -18.70
C LEU E 144 12.30 14.18 -18.29
N GLY E 145 11.97 13.03 -17.76
CA GLY E 145 12.98 12.15 -17.27
C GLY E 145 12.52 10.74 -17.08
N CYS E 146 13.42 9.98 -16.50
CA CYS E 146 13.35 8.60 -16.39
C CYS E 146 14.23 8.24 -15.18
N LEU E 147 13.68 7.52 -14.22
CA LEU E 147 14.44 7.12 -13.04
C LEU E 147 14.66 5.64 -13.14
N VAL E 148 15.91 5.23 -13.01
CA VAL E 148 16.28 3.84 -13.20
C VAL E 148 16.89 3.42 -11.88
N LYS E 149 16.15 2.62 -11.14
CA LYS E 149 16.43 2.41 -9.74
C LYS E 149 16.65 0.95 -9.45
N GLY E 150 17.70 0.63 -8.71
CA GLY E 150 17.74 -0.63 -7.98
C GLY E 150 18.31 -1.79 -8.76
N TYR E 151 19.34 -1.53 -9.56
CA TYR E 151 19.94 -2.51 -10.43
C TYR E 151 21.38 -2.80 -10.04
N PHE E 152 21.86 -3.93 -10.52
CA PHE E 152 23.22 -4.36 -10.32
C PHE E 152 23.55 -5.48 -11.29
N PRO E 153 24.77 -5.56 -11.85
CA PRO E 153 25.83 -4.53 -11.80
C PRO E 153 25.58 -3.38 -12.77
N GLU E 154 26.51 -2.42 -12.78
CA GLU E 154 26.67 -1.47 -13.88
C GLU E 154 27.09 -2.21 -15.19
N PRO E 155 26.70 -1.71 -16.36
CA PRO E 155 25.96 -0.44 -16.53
C PRO E 155 24.52 -0.72 -16.97
N VAL E 156 23.65 0.31 -16.91
CA VAL E 156 22.49 0.39 -17.78
C VAL E 156 22.73 1.54 -18.74
N THR E 157 22.09 1.48 -19.91
CA THR E 157 22.05 2.61 -20.84
C THR E 157 20.63 3.13 -20.92
N VAL E 158 20.48 4.40 -21.27
CA VAL E 158 19.18 5.01 -21.44
C VAL E 158 19.27 5.87 -22.65
N THR E 159 18.40 5.64 -23.60
CA THR E 159 18.21 6.51 -24.77
C THR E 159 16.75 7.03 -24.78
N TRP E 160 16.44 7.92 -25.70
CA TRP E 160 15.14 8.57 -25.79
C TRP E 160 14.67 8.38 -27.20
N ASN E 161 13.48 7.82 -27.38
CA ASN E 161 12.93 7.45 -28.68
C ASN E 161 13.95 6.65 -29.50
N SER E 162 14.46 5.60 -28.89
CA SER E 162 15.40 4.68 -29.56
C SER E 162 16.62 5.36 -30.11
N GLY E 163 17.12 6.31 -29.33
CA GLY E 163 18.33 7.02 -29.66
C GLY E 163 18.22 8.03 -30.80
N SER E 164 17.03 8.52 -31.11
CA SER E 164 16.88 9.57 -32.10
C SER E 164 16.57 10.95 -31.47
N LEU E 165 16.45 10.99 -30.15
CA LEU E 165 16.22 12.21 -29.43
C LEU E 165 17.43 12.44 -28.54
N SER E 166 18.20 13.48 -28.84
CA SER E 166 19.44 13.81 -28.13
C SER E 166 19.46 15.21 -27.45
N SER E 167 18.46 16.05 -27.67
CA SER E 167 18.51 17.42 -27.19
C SER E 167 18.24 17.40 -25.69
N GLY E 168 19.16 17.96 -24.91
CA GLY E 168 18.97 18.03 -23.48
C GLY E 168 19.15 16.76 -22.69
N VAL E 169 19.60 15.70 -23.36
CA VAL E 169 19.78 14.40 -22.73
C VAL E 169 21.01 14.41 -21.85
N HIS E 170 20.80 14.30 -20.55
CA HIS E 170 21.86 13.99 -19.61
C HIS E 170 21.46 12.68 -19.00
N THR E 171 22.38 11.76 -18.97
CA THR E 171 22.21 10.52 -18.28
C THR E 171 23.23 10.63 -17.13
N PHE E 172 22.73 10.61 -15.91
CA PHE E 172 23.59 10.91 -14.74
C PHE E 172 24.41 9.71 -14.28
N PRO E 173 25.60 9.97 -13.74
CA PRO E 173 26.38 8.92 -13.12
C PRO E 173 25.63 8.21 -12.01
N ALA E 174 25.77 6.89 -12.02
CA ALA E 174 25.07 5.99 -11.10
C ALA E 174 25.48 6.27 -9.70
N VAL E 175 24.55 6.14 -8.78
CA VAL E 175 24.84 6.25 -7.36
C VAL E 175 24.56 4.90 -6.70
N LEU E 176 25.33 4.54 -5.69
CA LEU E 176 25.30 3.22 -5.05
C LEU E 176 24.85 3.37 -3.60
N GLN E 177 23.60 2.97 -3.37
CA GLN E 177 22.95 3.00 -2.06
C GLN E 177 22.69 1.53 -1.67
N SER E 178 23.15 1.16 -0.47
CA SER E 178 23.07 -0.19 0.06
C SER E 178 23.86 -1.12 -0.86
N ASP E 179 23.20 -1.88 -1.72
CA ASP E 179 23.97 -2.75 -2.60
C ASP E 179 23.63 -2.54 -4.09
N LEU E 180 22.89 -1.47 -4.39
CA LEU E 180 22.16 -1.32 -5.67
C LEU E 180 22.38 0.05 -6.24
N TYR E 181 22.42 0.13 -7.56
CA TYR E 181 22.71 1.41 -8.25
C TYR E 181 21.41 2.06 -8.72
N THR E 182 21.42 3.39 -8.78
CA THR E 182 20.27 4.20 -9.16
C THR E 182 20.80 5.38 -10.00
N LEU E 183 19.99 5.90 -10.90
CA LEU E 183 20.50 6.79 -11.94
C LEU E 183 19.30 7.39 -12.61
N SER E 184 19.46 8.55 -13.20
CA SER E 184 18.36 9.09 -13.97
C SER E 184 18.84 9.81 -15.22
N SER E 185 17.87 10.00 -16.10
CA SER E 185 18.15 10.62 -17.35
C SER E 185 17.14 11.72 -17.62
N SER E 186 17.63 12.90 -17.97
CA SER E 186 16.73 13.97 -18.35
C SER E 186 16.75 14.14 -19.86
N VAL E 187 15.65 14.59 -20.42
CA VAL E 187 15.55 14.97 -21.82
C VAL E 187 14.71 16.27 -21.88
N THR E 188 15.03 17.17 -22.79
CA THR E 188 14.24 18.37 -22.98
C THR E 188 13.67 18.41 -24.40
N VAL E 189 12.36 18.67 -24.51
CA VAL E 189 11.65 18.88 -25.76
C VAL E 189 10.76 20.13 -25.74
N PRO E 190 10.38 20.61 -26.94
CA PRO E 190 9.47 21.74 -27.00
C PRO E 190 8.08 21.39 -26.54
N SER E 191 7.43 22.22 -25.72
CA SER E 191 6.05 21.93 -25.26
C SER E 191 5.02 21.70 -26.37
N SER E 192 5.25 22.24 -27.54
CA SER E 192 4.41 21.92 -28.70
C SER E 192 4.62 20.45 -29.20
N THR E 193 5.80 19.90 -28.99
CA THR E 193 6.11 18.48 -29.24
C THR E 193 5.41 17.49 -28.28
N TRP E 194 5.42 17.78 -26.97
CA TRP E 194 4.86 16.88 -25.94
C TRP E 194 3.83 17.69 -25.16
N PRO E 195 2.60 17.19 -24.92
CA PRO E 195 2.24 15.74 -24.97
C PRO E 195 1.71 15.13 -26.28
N SER E 196 1.71 15.91 -27.36
CA SER E 196 1.08 15.51 -28.64
C SER E 196 1.88 14.48 -29.42
N GLU E 197 3.20 14.64 -29.36
CA GLU E 197 4.11 13.63 -29.87
C GLU E 197 4.72 12.90 -28.68
N THR E 198 5.23 11.72 -29.00
CA THR E 198 5.45 10.71 -28.01
C THR E 198 6.93 10.76 -27.58
N VAL E 199 7.16 10.50 -26.29
CA VAL E 199 8.46 10.47 -25.75
C VAL E 199 8.62 9.22 -24.87
N THR E 200 9.63 8.40 -25.22
CA THR E 200 9.81 7.12 -24.62
C THR E 200 11.22 7.00 -24.10
N CYS E 201 11.31 6.63 -22.85
CA CYS E 201 12.54 6.27 -22.21
C CYS E 201 12.86 4.78 -22.63
N SER E 202 14.03 4.50 -23.17
CA SER E 202 14.39 3.13 -23.66
C SER E 202 15.59 2.68 -22.85
N VAL E 203 15.39 1.81 -21.86
CA VAL E 203 16.41 1.48 -20.88
C VAL E 203 16.92 0.07 -21.12
N ALA E 204 18.22 -0.15 -21.00
CA ALA E 204 18.77 -1.49 -21.16
C ALA E 204 19.75 -1.81 -20.09
N HIS E 205 19.62 -3.03 -19.59
CA HIS E 205 20.53 -3.57 -18.64
C HIS E 205 20.94 -4.99 -19.10
N PRO E 206 22.01 -5.08 -19.93
CA PRO E 206 22.38 -6.36 -20.55
C PRO E 206 22.67 -7.43 -19.56
N ALA E 207 23.38 -7.11 -18.50
CA ALA E 207 23.71 -8.12 -17.46
C ALA E 207 22.51 -8.98 -16.98
N SER E 208 21.31 -8.40 -16.88
CA SER E 208 20.04 -9.12 -16.58
C SER E 208 19.20 -9.37 -17.77
N SER E 209 19.75 -9.13 -18.97
CA SER E 209 19.08 -9.15 -20.27
C SER E 209 17.61 -8.67 -20.30
N THR E 210 17.46 -7.45 -19.80
CA THR E 210 16.20 -6.73 -19.72
C THR E 210 16.35 -5.53 -20.60
N LYS E 211 15.35 -5.27 -21.44
CA LYS E 211 15.04 -3.96 -22.02
C LYS E 211 13.68 -3.50 -21.54
N VAL E 212 13.56 -2.21 -21.22
CA VAL E 212 12.29 -1.58 -20.84
C VAL E 212 12.06 -0.29 -21.63
N ASP E 213 10.89 -0.13 -22.20
CA ASP E 213 10.51 1.11 -22.81
C ASP E 213 9.39 1.72 -21.99
N LYS E 214 9.58 2.96 -21.52
CA LYS E 214 8.61 3.69 -20.69
C LYS E 214 8.17 4.96 -21.42
N LYS E 215 6.90 5.03 -21.80
CA LYS E 215 6.33 6.25 -22.38
C LYS E 215 6.09 7.24 -21.22
N ILE E 216 6.59 8.47 -21.34
CA ILE E 216 6.24 9.53 -20.38
C ILE E 216 4.89 10.16 -20.77
N VAL E 217 3.91 10.10 -19.87
CA VAL E 217 2.55 10.62 -20.07
C VAL E 217 2.35 11.77 -19.08
N PRO E 218 1.38 12.65 -19.36
CA PRO E 218 0.99 13.61 -18.29
C PRO E 218 0.28 12.93 -17.13
N ASP F 1 59.95 5.79 -3.78
CA ASP F 1 59.04 6.65 -2.99
C ASP F 1 59.14 8.13 -3.28
N ILE F 2 59.61 8.46 -4.48
CA ILE F 2 59.59 9.86 -4.93
C ILE F 2 58.13 10.28 -5.17
N ILE F 3 57.63 11.15 -4.31
CA ILE F 3 56.29 11.70 -4.47
C ILE F 3 56.37 12.81 -5.52
N LEU F 4 55.44 12.78 -6.46
CA LEU F 4 55.31 13.81 -7.48
C LEU F 4 53.99 14.52 -7.21
N THR F 5 54.02 15.85 -7.11
CA THR F 5 52.85 16.62 -6.74
C THR F 5 52.42 17.44 -7.93
N GLN F 6 51.12 17.49 -8.20
CA GLN F 6 50.59 18.25 -9.34
C GLN F 6 49.58 19.23 -8.81
N SER F 7 49.83 20.52 -8.97
CA SER F 7 48.94 21.54 -8.38
C SER F 7 48.68 22.67 -9.36
N PRO F 8 47.45 23.17 -9.42
CA PRO F 8 46.31 22.64 -8.63
C PRO F 8 45.78 21.36 -9.27
N ALA F 9 44.91 20.63 -8.58
CA ALA F 9 44.43 19.35 -9.12
C ALA F 9 43.36 19.60 -10.15
N ILE F 10 42.72 20.78 -10.09
CA ILE F 10 41.69 21.18 -11.05
C ILE F 10 41.97 22.58 -11.56
N MET F 11 41.76 22.77 -12.86
CA MET F 11 42.07 23.98 -13.59
C MET F 11 41.06 24.25 -14.68
N SER F 12 40.62 25.50 -14.76
CA SER F 12 39.90 26.02 -15.92
C SER F 12 40.85 26.83 -16.77
N ALA F 13 40.51 26.95 -18.06
CA ALA F 13 41.26 27.77 -19.02
C ALA F 13 40.39 28.05 -20.24
N SER F 14 40.27 29.32 -20.65
CA SER F 14 39.45 29.68 -21.81
C SER F 14 40.09 29.12 -23.09
N LEU F 15 39.28 29.03 -24.12
CA LEU F 15 39.75 28.60 -25.43
C LEU F 15 40.74 29.67 -25.90
N GLY F 16 41.87 29.23 -26.43
CA GLY F 16 42.93 30.14 -26.88
C GLY F 16 43.81 30.80 -25.81
N GLU F 17 43.62 30.41 -24.55
CA GLU F 17 44.43 30.88 -23.44
C GLU F 17 45.71 30.04 -23.36
N ARG F 18 46.79 30.61 -22.83
CA ARG F 18 48.00 29.85 -22.55
C ARG F 18 47.78 29.19 -21.17
N VAL F 19 48.16 27.92 -21.04
CA VAL F 19 47.98 27.19 -19.77
C VAL F 19 49.28 26.54 -19.46
N THR F 20 49.56 26.41 -18.16
CA THR F 20 50.67 25.56 -17.69
C THR F 20 50.23 24.68 -16.50
N LEU F 21 50.71 23.45 -16.52
CA LEU F 21 50.48 22.50 -15.49
C LEU F 21 51.85 22.20 -14.95
N THR F 22 51.99 22.08 -13.62
CA THR F 22 53.28 21.81 -13.02
C THR F 22 53.34 20.45 -12.38
N CYS F 23 54.55 19.91 -12.27
CA CYS F 23 54.79 18.66 -11.61
C CYS F 23 56.04 18.82 -10.76
N THR F 24 55.85 18.79 -9.46
CA THR F 24 56.89 18.99 -8.47
C THR F 24 57.26 17.64 -7.88
N ALA F 25 58.55 17.40 -7.63
CA ALA F 25 59.04 16.12 -7.10
C ALA F 25 59.68 16.29 -5.69
N SER F 26 59.54 15.27 -4.84
CA SER F 26 60.02 15.30 -3.47
C SER F 26 61.52 15.06 -3.33
N SER F 27 62.16 14.47 -4.36
CA SER F 27 63.64 14.40 -4.51
C SER F 27 63.96 14.63 -6.00
N SER F 28 65.24 14.84 -6.30
CA SER F 28 65.64 15.20 -7.64
C SER F 28 65.41 14.04 -8.65
N VAL F 29 64.81 14.37 -9.79
CA VAL F 29 64.62 13.42 -10.90
C VAL F 29 65.27 14.04 -12.15
N SER F 30 66.16 13.30 -12.79
CA SER F 30 66.80 13.76 -14.02
C SER F 30 65.78 13.85 -15.18
N SER F 31 66.07 14.71 -16.14
CA SER F 31 65.13 15.07 -17.19
C SER F 31 64.81 13.93 -18.17
N SER F 32 65.75 13.00 -18.34
CA SER F 32 65.56 11.78 -19.12
C SER F 32 64.36 10.96 -18.66
N TYR F 33 64.11 10.96 -17.35
CA TYR F 33 63.20 10.02 -16.71
C TYR F 33 61.83 10.61 -16.28
N LEU F 34 61.52 11.86 -16.62
CA LEU F 34 60.19 12.42 -16.34
C LEU F 34 59.34 12.43 -17.61
N HIS F 35 58.07 12.03 -17.52
CA HIS F 35 57.15 11.84 -18.70
C HIS F 35 55.75 12.40 -18.38
N TRP F 36 54.98 12.77 -19.41
CA TRP F 36 53.55 13.14 -19.21
C TRP F 36 52.60 12.26 -20.01
N TYR F 37 51.41 12.04 -19.46
CA TYR F 37 50.38 11.26 -20.12
C TYR F 37 49.11 12.05 -20.14
N GLN F 38 48.34 11.97 -21.24
CA GLN F 38 46.99 12.53 -21.30
C GLN F 38 45.94 11.43 -21.22
N GLN F 39 44.89 11.65 -20.42
CA GLN F 39 43.72 10.75 -20.35
C GLN F 39 42.42 11.55 -20.38
N LYS F 40 41.54 11.22 -21.33
CA LYS F 40 40.17 11.74 -21.36
C LYS F 40 39.20 10.74 -20.75
N PRO F 41 38.10 11.22 -20.15
CA PRO F 41 37.16 10.25 -19.55
C PRO F 41 36.73 9.16 -20.56
N GLY F 42 36.78 7.88 -20.15
CA GLY F 42 36.43 6.72 -20.98
C GLY F 42 37.54 6.11 -21.85
N SER F 43 38.70 6.77 -21.93
CA SER F 43 39.85 6.30 -22.71
C SER F 43 41.00 5.91 -21.75
N SER F 44 41.96 5.18 -22.28
CA SER F 44 43.20 4.93 -21.58
C SER F 44 44.06 6.18 -21.64
N PRO F 45 45.08 6.25 -20.76
CA PRO F 45 46.17 7.21 -20.93
C PRO F 45 46.88 7.07 -22.28
N LYS F 46 47.15 8.19 -22.92
CA LYS F 46 48.09 8.27 -24.03
C LYS F 46 49.37 9.07 -23.61
N LEU F 47 50.54 8.47 -23.90
CA LEU F 47 51.85 9.12 -23.77
C LEU F 47 51.82 10.42 -24.55
N TRP F 48 52.19 11.50 -23.87
CA TRP F 48 52.04 12.83 -24.42
C TRP F 48 53.37 13.55 -24.53
N ILE F 49 54.15 13.51 -23.46
CA ILE F 49 55.52 14.02 -23.50
C ILE F 49 56.45 13.05 -22.87
N TYR F 50 57.60 12.85 -23.49
CA TYR F 50 58.63 12.00 -22.90
C TYR F 50 59.96 12.75 -22.82
N SER F 51 60.83 12.20 -21.99
CA SER F 51 61.99 12.82 -21.37
C SER F 51 61.85 14.33 -21.28
N THR F 52 60.87 14.79 -20.50
CA THR F 52 60.72 16.20 -20.15
C THR F 52 60.14 17.12 -21.20
N TYR F 53 60.69 17.05 -22.41
CA TYR F 53 60.40 18.05 -23.43
C TYR F 53 60.04 17.53 -24.82
N ASN F 54 60.14 16.20 -25.06
CA ASN F 54 59.92 15.61 -26.41
C ASN F 54 58.47 15.13 -26.65
N LEU F 55 57.78 15.77 -27.59
CA LEU F 55 56.37 15.48 -27.93
C LEU F 55 56.26 14.10 -28.58
N ALA F 56 55.25 13.32 -28.22
CA ALA F 56 55.16 11.93 -28.72
C ALA F 56 54.47 11.89 -30.08
N GLY F 57 54.46 10.72 -30.74
CA GLY F 57 53.64 10.47 -31.96
C GLY F 57 52.22 11.01 -31.76
N ALA F 58 51.71 11.76 -32.73
CA ALA F 58 50.35 12.37 -32.67
C ALA F 58 50.28 13.76 -32.00
N VAL F 59 51.26 14.11 -31.17
CA VAL F 59 51.07 15.25 -30.27
C VAL F 59 51.24 16.55 -31.02
N PRO F 60 50.26 17.47 -30.95
CA PRO F 60 50.36 18.77 -31.66
C PRO F 60 51.46 19.72 -31.19
N PRO F 61 51.96 20.60 -32.09
CA PRO F 61 53.04 21.56 -31.70
C PRO F 61 52.68 22.69 -30.70
N ARG F 62 51.42 22.86 -30.36
CA ARG F 62 51.07 23.86 -29.34
C ARG F 62 51.46 23.38 -27.92
N PHE F 63 51.82 22.09 -27.80
CA PHE F 63 52.28 21.51 -26.52
C PHE F 63 53.81 21.56 -26.39
N SER F 64 54.29 21.97 -25.21
CA SER F 64 55.71 21.95 -24.85
C SER F 64 55.93 21.56 -23.38
N GLY F 65 57.07 20.92 -23.11
CA GLY F 65 57.50 20.58 -21.74
C GLY F 65 58.93 21.01 -21.39
N SER F 66 59.20 21.19 -20.11
CA SER F 66 60.48 21.73 -19.64
C SER F 66 60.73 21.40 -18.15
N GLY F 67 61.90 21.81 -17.64
CA GLY F 67 62.23 21.67 -16.21
C GLY F 67 63.41 20.78 -15.90
N SER F 68 63.78 20.79 -14.62
CA SER F 68 64.95 20.04 -14.15
C SER F 68 64.95 19.97 -12.65
N GLY F 69 65.73 19.01 -12.15
CA GLY F 69 65.84 18.69 -10.74
C GLY F 69 64.55 18.13 -10.16
N THR F 70 63.80 19.04 -9.55
CA THR F 70 62.63 18.72 -8.78
C THR F 70 61.36 19.41 -9.28
N SER F 71 61.45 20.13 -10.39
CA SER F 71 60.43 21.08 -10.79
C SER F 71 60.27 21.06 -12.34
N TYR F 72 59.08 20.67 -12.80
CA TYR F 72 58.78 20.47 -14.22
C TYR F 72 57.46 21.08 -14.61
N SER F 73 57.30 21.33 -15.90
CA SER F 73 56.09 21.93 -16.42
C SER F 73 55.68 21.31 -17.78
N LEU F 74 54.36 21.31 -18.04
CA LEU F 74 53.75 21.06 -19.36
C LEU F 74 52.97 22.31 -19.70
N THR F 75 53.07 22.77 -20.95
CA THR F 75 52.62 24.09 -21.36
C THR F 75 51.84 23.97 -22.70
N ILE F 76 50.66 24.60 -22.75
CA ILE F 76 49.87 24.67 -23.97
C ILE F 76 49.76 26.14 -24.35
N SER F 77 50.44 26.53 -25.43
CA SER F 77 50.29 27.88 -25.98
C SER F 77 49.05 27.79 -26.80
N SER F 78 47.97 28.46 -26.39
CA SER F 78 46.67 28.42 -27.14
C SER F 78 45.84 27.12 -26.88
N MET F 79 45.04 27.18 -25.83
CA MET F 79 44.09 26.11 -25.46
C MET F 79 43.09 25.80 -26.55
N GLU F 80 42.99 24.52 -26.89
CA GLU F 80 41.88 24.01 -27.72
C GLU F 80 40.98 23.01 -26.97
N ALA F 81 39.78 22.81 -27.51
CA ALA F 81 38.76 22.02 -26.84
C ALA F 81 39.27 20.61 -26.60
N GLU F 82 39.85 19.99 -27.63
CA GLU F 82 40.46 18.66 -27.52
C GLU F 82 41.55 18.47 -26.40
N ASP F 83 41.97 19.56 -25.76
CA ASP F 83 43.01 19.50 -24.71
C ASP F 83 42.45 19.33 -23.29
N ALA F 84 41.16 19.54 -23.12
CA ALA F 84 40.50 19.26 -21.85
C ALA F 84 40.64 17.80 -21.65
N ALA F 85 41.16 17.45 -20.49
CA ALA F 85 41.50 16.11 -20.19
C ALA F 85 42.19 16.15 -18.83
N THR F 86 42.72 15.01 -18.40
CA THR F 86 43.51 14.95 -17.19
C THR F 86 44.93 14.63 -17.65
N TYR F 87 45.94 15.24 -17.02
CA TYR F 87 47.33 15.01 -17.38
C TYR F 87 48.06 14.52 -16.14
N TYR F 88 48.85 13.44 -16.28
CA TYR F 88 49.57 12.77 -15.22
C TYR F 88 51.04 12.85 -15.57
N CYS F 89 51.89 13.26 -14.62
CA CYS F 89 53.33 13.13 -14.75
C CYS F 89 53.76 11.82 -14.14
N GLN F 90 54.96 11.39 -14.53
CA GLN F 90 55.50 10.07 -14.16
C GLN F 90 57.02 10.15 -14.07
N GLN F 91 57.62 9.43 -13.12
CA GLN F 91 59.08 9.46 -12.95
C GLN F 91 59.64 8.02 -12.99
N TYR F 92 60.74 7.88 -13.72
CA TYR F 92 61.53 6.64 -13.80
C TYR F 92 62.97 6.67 -13.16
N HIS F 93 63.28 7.72 -12.40
CA HIS F 93 64.49 7.84 -11.57
C HIS F 93 64.69 6.72 -10.51
N ARG F 94 63.74 6.55 -9.58
CA ARG F 94 63.88 5.59 -8.49
C ARG F 94 62.61 4.78 -8.38
N SER F 95 62.79 3.46 -8.41
CA SER F 95 61.72 2.52 -8.22
C SER F 95 61.30 2.61 -6.77
N PRO F 96 60.00 2.54 -6.50
CA PRO F 96 58.94 2.30 -7.49
C PRO F 96 58.63 3.54 -8.36
N TRP F 97 58.33 3.29 -9.64
CA TRP F 97 57.96 4.35 -10.55
C TRP F 97 56.58 4.84 -10.10
N THR F 98 56.41 6.16 -10.07
CA THR F 98 55.23 6.77 -9.47
C THR F 98 54.65 7.75 -10.44
N PHE F 99 53.37 8.04 -10.28
CA PHE F 99 52.70 9.09 -11.00
C PHE F 99 52.34 10.23 -10.03
N GLY F 100 52.02 11.36 -10.61
CA GLY F 100 51.34 12.41 -9.87
C GLY F 100 49.89 12.05 -9.87
N GLY F 101 49.12 12.76 -9.04
CA GLY F 101 47.66 12.54 -8.85
C GLY F 101 46.83 13.26 -9.88
N GLY F 102 47.50 13.88 -10.86
CA GLY F 102 46.86 14.46 -12.03
C GLY F 102 46.23 15.84 -11.90
N THR F 103 46.34 16.63 -12.97
CA THR F 103 45.63 17.90 -13.08
C THR F 103 44.54 17.73 -14.13
N LYS F 104 43.30 17.79 -13.69
CA LYS F 104 42.18 17.84 -14.57
C LYS F 104 42.09 19.30 -15.11
N LEU F 105 42.32 19.43 -16.39
CA LEU F 105 42.20 20.68 -17.11
C LEU F 105 40.86 20.72 -17.82
N GLU F 106 40.00 21.65 -17.46
CA GLU F 106 38.69 21.78 -18.09
C GLU F 106 38.56 23.18 -18.76
N ILE F 107 37.46 23.43 -19.48
CA ILE F 107 37.34 24.67 -20.26
C ILE F 107 36.49 25.68 -19.48
N LYS F 108 36.91 26.94 -19.55
CA LYS F 108 36.23 28.08 -18.91
C LYS F 108 35.24 28.67 -19.89
N ARG F 109 34.13 29.16 -19.36
CA ARG F 109 33.06 29.69 -20.17
C ARG F 109 32.23 30.65 -19.35
N ALA F 110 31.38 31.40 -20.02
CA ALA F 110 30.61 32.43 -19.32
C ALA F 110 29.69 31.76 -18.31
N ASP F 111 29.32 32.47 -17.26
CA ASP F 111 28.42 31.92 -16.27
C ASP F 111 27.07 31.66 -16.89
N ALA F 112 26.38 30.71 -16.28
CA ALA F 112 25.05 30.34 -16.71
C ALA F 112 24.29 29.68 -15.53
N ALA F 113 23.01 30.04 -15.43
CA ALA F 113 22.11 29.62 -14.35
C ALA F 113 21.63 28.21 -14.55
N PRO F 114 21.33 27.51 -13.46
CA PRO F 114 20.72 26.20 -13.66
C PRO F 114 19.28 26.28 -14.23
N THR F 115 18.98 25.39 -15.17
CA THR F 115 17.61 25.07 -15.51
C THR F 115 17.12 24.00 -14.51
N VAL F 116 16.17 24.39 -13.66
CA VAL F 116 15.75 23.57 -12.53
C VAL F 116 14.37 22.96 -12.75
N SER F 117 14.27 21.63 -12.72
CA SER F 117 12.96 20.93 -12.72
C SER F 117 12.79 19.93 -11.54
N ILE F 118 11.55 19.80 -11.11
CA ILE F 118 11.20 18.95 -10.01
C ILE F 118 10.11 17.99 -10.54
N PHE F 119 10.14 16.75 -10.02
CA PHE F 119 9.25 15.66 -10.47
C PHE F 119 8.76 14.90 -9.27
N PRO F 120 7.42 14.82 -9.10
CA PRO F 120 6.86 13.94 -8.04
C PRO F 120 7.28 12.50 -8.23
N PRO F 121 7.20 11.69 -7.18
CA PRO F 121 7.28 10.27 -7.48
C PRO F 121 6.21 9.86 -8.47
N SER F 122 6.55 9.01 -9.43
CA SER F 122 5.53 8.35 -10.23
C SER F 122 4.66 7.49 -9.36
N SER F 123 3.40 7.34 -9.74
CA SER F 123 2.54 6.35 -9.11
C SER F 123 3.01 4.89 -9.32
N GLU F 124 3.79 4.58 -10.35
CA GLU F 124 4.35 3.23 -10.41
C GLU F 124 5.24 2.98 -9.20
N GLN F 125 6.08 3.96 -8.82
CA GLN F 125 7.01 3.76 -7.70
C GLN F 125 6.26 3.58 -6.38
N LEU F 126 5.31 4.46 -6.13
CA LEU F 126 4.48 4.37 -4.92
C LEU F 126 3.89 2.95 -4.69
N THR F 127 3.56 2.22 -5.76
CA THR F 127 3.22 0.78 -5.61
C THR F 127 4.26 -0.14 -4.90
N SER F 128 5.55 0.20 -4.91
CA SER F 128 6.58 -0.56 -4.16
C SER F 128 6.69 -0.24 -2.68
N GLY F 129 6.12 0.88 -2.22
CA GLY F 129 6.39 1.43 -0.87
C GLY F 129 7.40 2.57 -0.83
N GLY F 130 8.12 2.81 -1.93
CA GLY F 130 9.13 3.83 -1.98
C GLY F 130 8.58 5.03 -2.67
N ALA F 131 9.20 6.16 -2.44
CA ALA F 131 8.82 7.39 -3.10
C ALA F 131 10.11 8.16 -3.28
N SER F 132 10.45 8.49 -4.53
CA SER F 132 11.67 9.24 -4.88
C SER F 132 11.18 10.51 -5.55
N VAL F 133 11.71 11.64 -5.11
CA VAL F 133 11.37 12.95 -5.61
C VAL F 133 12.70 13.37 -6.23
N VAL F 134 12.63 13.89 -7.44
CA VAL F 134 13.80 14.13 -8.28
C VAL F 134 13.80 15.57 -8.70
N CYS F 135 14.99 16.14 -8.76
CA CYS F 135 15.21 17.50 -9.18
C CYS F 135 16.46 17.57 -10.08
N PHE F 136 16.30 18.12 -11.29
CA PHE F 136 17.39 18.32 -12.25
C PHE F 136 17.83 19.79 -12.20
N LEU F 137 19.09 20.01 -11.87
CA LEU F 137 19.74 21.30 -12.07
C LEU F 137 20.62 21.09 -13.28
N ASN F 138 20.18 21.58 -14.45
CA ASN F 138 20.81 21.32 -15.73
C ASN F 138 21.52 22.51 -16.34
N ASN F 139 22.73 22.27 -16.87
CA ASN F 139 23.34 23.19 -17.84
C ASN F 139 23.62 24.57 -17.17
N PHE F 140 24.43 24.51 -16.13
CA PHE F 140 24.94 25.66 -15.41
C PHE F 140 26.46 25.72 -15.50
N TYR F 141 26.98 26.92 -15.24
CA TYR F 141 28.45 27.08 -15.07
C TYR F 141 28.69 28.22 -14.10
N PRO F 142 29.67 28.14 -13.18
CA PRO F 142 30.57 27.00 -12.92
C PRO F 142 29.98 25.83 -12.11
N LYS F 143 30.83 24.82 -11.89
CA LYS F 143 30.51 23.54 -11.24
C LYS F 143 29.89 23.68 -9.83
N ASP F 144 30.46 24.52 -8.98
CA ASP F 144 29.92 24.81 -7.64
C ASP F 144 28.42 25.15 -7.63
N ILE F 145 27.68 24.29 -6.96
CA ILE F 145 26.25 24.50 -6.73
C ILE F 145 25.86 23.79 -5.44
N ASN F 146 24.83 24.31 -4.78
CA ASN F 146 24.29 23.74 -3.55
C ASN F 146 22.76 23.56 -3.76
N VAL F 147 22.23 22.46 -3.23
CA VAL F 147 20.85 22.04 -3.38
C VAL F 147 20.21 21.85 -2.01
N LYS F 148 18.97 22.34 -1.87
CA LYS F 148 18.21 22.28 -0.62
C LYS F 148 16.83 21.68 -0.89
N TRP F 149 16.45 20.66 -0.11
CA TRP F 149 15.08 20.18 -0.22
C TRP F 149 14.28 20.72 0.96
N LYS F 150 13.02 21.02 0.73
CA LYS F 150 12.12 21.41 1.78
C LYS F 150 10.79 20.64 1.62
N ILE F 151 10.22 20.21 2.76
CA ILE F 151 8.91 19.56 2.80
C ILE F 151 8.04 20.44 3.71
N ASP F 152 6.98 20.99 3.12
CA ASP F 152 6.16 22.00 3.77
C ASP F 152 6.92 23.25 4.29
N GLY F 153 8.25 23.30 4.12
CA GLY F 153 9.07 24.40 4.63
C GLY F 153 10.36 24.02 5.37
N SER F 154 10.53 22.78 5.82
CA SER F 154 11.66 22.44 6.71
C SER F 154 13.01 22.23 6.01
N GLU F 155 13.41 21.02 5.67
CA GLU F 155 14.76 20.82 5.09
C GLU F 155 15.04 19.40 4.67
N ARG F 156 14.78 18.50 5.57
CA ARG F 156 14.84 17.09 5.26
C ARG F 156 16.22 16.43 5.23
N GLN F 157 17.24 17.00 4.61
CA GLN F 157 18.63 16.48 4.80
C GLN F 157 18.86 14.97 4.49
N ASN F 158 18.22 14.07 5.25
CA ASN F 158 18.36 12.60 5.09
C ASN F 158 17.63 12.05 3.86
N GLY F 159 18.22 11.05 3.21
CA GLY F 159 17.73 10.46 1.94
C GLY F 159 18.02 11.24 0.63
N VAL F 160 18.80 12.34 0.72
CA VAL F 160 19.17 13.17 -0.45
C VAL F 160 20.47 12.64 -1.03
N LEU F 161 20.40 12.02 -2.22
CA LEU F 161 21.59 11.63 -2.99
C LEU F 161 21.71 12.44 -4.28
N ASN F 162 22.95 12.87 -4.54
CA ASN F 162 23.26 13.82 -5.60
C ASN F 162 24.22 13.22 -6.63
N SER F 163 24.16 13.69 -7.86
CA SER F 163 25.06 13.18 -8.89
C SER F 163 25.31 14.25 -9.94
N TRP F 164 26.59 14.41 -10.27
CA TRP F 164 27.12 15.48 -11.17
C TRP F 164 27.60 14.89 -12.49
N THR F 165 27.22 15.51 -13.61
CA THR F 165 27.88 15.18 -14.89
C THR F 165 29.29 15.71 -14.90
N ASP F 166 30.10 15.02 -15.69
CA ASP F 166 31.31 15.57 -16.32
C ASP F 166 30.95 16.88 -17.02
N GLN F 167 31.98 17.62 -17.42
CA GLN F 167 31.77 18.76 -18.31
C GLN F 167 31.23 18.29 -19.68
N ASP F 168 30.13 18.90 -20.09
CA ASP F 168 29.43 18.66 -21.38
C ASP F 168 30.27 19.12 -22.57
N SER F 169 30.32 18.37 -23.67
CA SER F 169 31.09 18.83 -24.84
C SER F 169 30.36 19.75 -25.81
N LYS F 170 29.04 19.71 -25.82
CA LYS F 170 28.30 20.66 -26.65
C LYS F 170 28.64 22.08 -26.13
N ASP F 171 28.38 22.34 -24.84
CA ASP F 171 28.29 23.71 -24.30
C ASP F 171 29.19 24.04 -23.09
N SER F 172 29.97 23.06 -22.64
CA SER F 172 30.85 23.17 -21.47
C SER F 172 30.11 23.49 -20.15
N THR F 173 28.83 23.11 -20.05
CA THR F 173 28.10 23.29 -18.82
C THR F 173 28.11 22.02 -18.00
N TYR F 174 27.67 22.16 -16.76
CA TYR F 174 27.54 21.07 -15.81
C TYR F 174 26.08 20.86 -15.52
N SER F 175 25.80 19.66 -15.02
CA SER F 175 24.46 19.33 -14.61
C SER F 175 24.51 18.54 -13.34
N MET F 176 23.39 18.50 -12.64
CA MET F 176 23.30 17.67 -11.42
C MET F 176 21.92 17.09 -11.18
N SER F 177 21.88 15.88 -10.69
CA SER F 177 20.63 15.25 -10.30
C SER F 177 20.59 15.30 -8.82
N SER F 178 19.41 15.57 -8.25
CA SER F 178 19.19 15.46 -6.80
C SER F 178 17.96 14.62 -6.50
N THR F 179 18.17 13.53 -5.78
CA THR F 179 17.10 12.58 -5.54
C THR F 179 16.84 12.49 -4.02
N LEU F 180 15.61 12.79 -3.64
CA LEU F 180 15.12 12.66 -2.26
C LEU F 180 14.22 11.44 -2.16
N THR F 181 14.66 10.48 -1.38
CA THR F 181 13.93 9.23 -1.23
C THR F 181 13.27 9.14 0.14
N LEU F 182 11.98 8.90 0.13
CA LEU F 182 11.13 8.74 1.31
C LEU F 182 10.35 7.44 1.14
N THR F 183 9.70 7.01 2.21
CA THR F 183 8.70 5.97 2.15
C THR F 183 7.43 6.56 1.56
N LYS F 184 6.60 5.71 0.98
CA LYS F 184 5.28 6.10 0.48
C LYS F 184 4.48 6.84 1.54
N ASP F 185 4.30 6.19 2.69
CA ASP F 185 3.50 6.74 3.80
C ASP F 185 3.98 8.11 4.23
N GLU F 186 5.29 8.26 4.34
CA GLU F 186 5.83 9.52 4.77
C GLU F 186 5.55 10.62 3.72
N TYR F 187 5.70 10.26 2.45
CA TYR F 187 5.52 11.16 1.34
C TYR F 187 4.06 11.62 1.26
N GLU F 188 3.13 10.72 1.59
CA GLU F 188 1.71 11.04 1.54
C GLU F 188 1.16 11.85 2.72
N ARG F 189 1.96 12.09 3.76
CA ARG F 189 1.52 12.90 4.90
C ARG F 189 1.64 14.37 4.64
N HIS F 190 2.55 14.76 3.77
CA HIS F 190 2.81 16.17 3.48
C HIS F 190 2.36 16.58 2.09
N ASN F 191 2.31 17.88 1.85
CA ASN F 191 1.69 18.42 0.64
C ASN F 191 2.68 19.14 -0.30
N SER F 192 3.60 19.91 0.26
CA SER F 192 4.43 20.78 -0.55
C SER F 192 5.85 20.22 -0.57
N TYR F 193 6.36 19.93 -1.77
CA TYR F 193 7.75 19.52 -1.99
C TYR F 193 8.51 20.56 -2.78
N THR F 194 9.69 20.89 -2.31
CA THR F 194 10.46 22.03 -2.79
C THR F 194 11.92 21.64 -2.98
N CYS F 195 12.48 22.16 -4.07
CA CYS F 195 13.88 22.00 -4.47
C CYS F 195 14.42 23.42 -4.65
N GLU F 196 15.45 23.77 -3.90
CA GLU F 196 16.05 25.11 -3.95
C GLU F 196 17.48 24.95 -4.40
N ALA F 197 17.88 25.72 -5.41
CA ALA F 197 19.25 25.64 -5.95
C ALA F 197 20.02 26.95 -5.76
N THR F 198 21.17 26.90 -5.08
CA THR F 198 21.97 28.11 -4.80
C THR F 198 23.22 28.13 -5.62
N HIS F 199 23.26 29.08 -6.55
CA HIS F 199 24.36 29.23 -7.55
C HIS F 199 24.83 30.68 -7.66
N LYS F 200 26.14 30.89 -7.81
CA LYS F 200 26.76 32.24 -7.87
C LYS F 200 26.23 33.22 -8.93
N THR F 201 25.45 32.71 -9.89
CA THR F 201 24.70 33.51 -10.88
C THR F 201 23.46 34.22 -10.29
N SER F 202 23.12 33.94 -9.04
CA SER F 202 22.18 34.77 -8.29
C SER F 202 22.44 34.70 -6.78
N THR F 203 21.85 35.66 -6.08
CA THR F 203 21.91 35.75 -4.63
C THR F 203 20.64 35.07 -4.02
N SER F 204 19.48 35.32 -4.62
CA SER F 204 18.23 34.61 -4.28
C SER F 204 18.22 33.23 -4.97
N PRO F 205 17.93 32.17 -4.21
CA PRO F 205 17.83 30.81 -4.78
C PRO F 205 16.85 30.62 -5.94
N ILE F 206 17.15 29.69 -6.86
CA ILE F 206 16.12 29.19 -7.78
C ILE F 206 15.31 28.10 -7.03
N VAL F 207 13.99 28.22 -7.08
CA VAL F 207 13.03 27.46 -6.23
C VAL F 207 12.01 26.73 -7.09
N LYS F 208 11.78 25.44 -6.85
CA LYS F 208 10.74 24.70 -7.61
C LYS F 208 9.94 23.80 -6.68
N ASN F 209 8.63 23.83 -6.85
CA ASN F 209 7.66 23.21 -5.98
C ASN F 209 6.65 22.44 -6.77
N PHE F 210 6.02 21.49 -6.09
CA PHE F 210 4.73 21.05 -6.52
C PHE F 210 3.91 20.81 -5.27
N ASN F 211 2.62 20.65 -5.46
CA ASN F 211 1.70 20.24 -4.40
C ASN F 211 1.16 18.86 -4.75
N ARG F 212 1.47 17.87 -3.91
CA ARG F 212 0.81 16.55 -3.97
C ARG F 212 -0.69 16.64 -4.38
N ASN F 213 -1.42 17.59 -3.78
CA ASN F 213 -2.74 18.06 -4.27
C ASN F 213 -3.05 19.47 -3.78
N LYS G 3 28.15 4.76 3.21
CA LYS G 3 27.83 6.04 3.89
C LYS G 3 26.89 5.81 5.09
N LEU G 4 27.27 4.86 5.95
CA LEU G 4 26.70 4.76 7.31
C LEU G 4 25.15 4.51 7.50
N GLN G 5 24.73 3.26 7.28
CA GLN G 5 23.36 2.79 7.50
C GLN G 5 23.22 2.28 8.95
N GLU G 6 22.28 2.85 9.70
CA GLU G 6 21.96 2.47 11.07
C GLU G 6 20.51 2.05 11.11
N SER G 7 20.14 1.05 11.92
CA SER G 7 18.76 0.49 11.89
C SER G 7 17.60 1.50 12.00
N GLY G 8 17.75 2.54 12.81
CA GLY G 8 16.77 3.66 12.81
C GLY G 8 16.00 3.90 14.10
N ALA G 9 15.30 2.90 14.59
CA ALA G 9 14.61 3.02 15.88
C ALA G 9 14.65 1.69 16.64
N GLU G 10 14.45 1.75 17.95
CA GLU G 10 14.59 0.56 18.78
C GLU G 10 13.89 0.65 20.16
N LEU G 11 12.98 -0.29 20.44
CA LEU G 11 12.30 -0.39 21.74
C LEU G 11 12.77 -1.63 22.49
N VAL G 12 13.16 -1.44 23.76
CA VAL G 12 13.64 -2.52 24.59
C VAL G 12 13.33 -2.32 26.09
N LYS G 13 13.06 -3.45 26.77
CA LYS G 13 12.73 -3.45 28.20
C LYS G 13 13.92 -3.05 29.11
N PRO G 14 13.65 -2.32 30.23
CA PRO G 14 14.68 -2.11 31.24
C PRO G 14 15.26 -3.42 31.77
N GLY G 15 16.56 -3.41 32.06
CA GLY G 15 17.28 -4.60 32.48
C GLY G 15 17.92 -5.37 31.34
N ALA G 16 17.39 -5.24 30.12
CA ALA G 16 17.80 -6.05 28.99
C ALA G 16 19.01 -5.44 28.28
N SER G 17 19.28 -5.96 27.09
CA SER G 17 20.46 -5.61 26.32
C SER G 17 20.09 -5.47 24.86
N ALA G 18 20.88 -4.70 24.11
CA ALA G 18 20.62 -4.39 22.69
C ALA G 18 21.95 -4.25 21.96
N LYS G 19 21.96 -4.56 20.67
CA LYS G 19 23.15 -4.41 19.82
C LYS G 19 22.71 -3.76 18.50
N ALA G 20 23.25 -2.58 18.20
CA ALA G 20 22.81 -1.72 17.12
C ALA G 20 23.92 -1.72 16.10
N ALA G 21 23.56 -1.94 14.85
CA ALA G 21 24.52 -2.01 13.76
C ALA G 21 24.71 -0.66 13.06
N CYS G 22 25.91 -0.47 12.49
CA CYS G 22 26.23 0.67 11.65
C CYS G 22 27.03 0.20 10.41
N GLU G 23 26.35 0.11 9.26
CA GLU G 23 26.96 -0.46 8.05
C GLU G 23 27.49 0.63 7.16
N ALA G 24 28.75 0.50 6.77
CA ALA G 24 29.48 1.50 6.03
C ALA G 24 29.78 0.98 4.64
N SER G 25 30.05 1.93 3.74
CA SER G 25 30.12 1.66 2.30
C SER G 25 30.48 2.96 1.57
N GLY G 26 31.04 2.83 0.37
CA GLY G 26 31.52 4.00 -0.43
C GLY G 26 32.93 4.51 -0.11
N TYR G 27 33.64 3.78 0.76
CA TYR G 27 35.06 4.07 1.11
C TYR G 27 35.71 2.81 1.71
N THR G 28 37.04 2.79 1.76
CA THR G 28 37.78 1.73 2.45
C THR G 28 37.53 1.79 3.98
N PHE G 29 36.62 0.94 4.47
CA PHE G 29 36.29 0.78 5.90
C PHE G 29 37.46 0.84 6.92
N THR G 30 38.53 0.10 6.62
CA THR G 30 39.66 -0.09 7.55
C THR G 30 40.58 1.13 7.68
N SER G 31 40.51 2.06 6.72
CA SER G 31 41.30 3.29 6.73
C SER G 31 40.65 4.45 7.55
N TYR G 32 39.44 4.26 8.09
CA TYR G 32 38.83 5.25 8.96
C TYR G 32 38.28 4.66 10.23
N TRP G 33 38.59 5.35 11.33
CA TRP G 33 38.12 5.00 12.67
C TRP G 33 36.62 5.31 12.77
N ILE G 34 35.97 4.75 13.77
CA ILE G 34 34.56 4.97 13.98
C ILE G 34 34.27 5.29 15.42
N HIS G 35 33.63 6.43 15.64
CA HIS G 35 33.23 6.86 16.98
C HIS G 35 31.72 6.68 17.16
N TRP G 36 31.28 6.48 18.40
CA TRP G 36 29.85 6.61 18.75
C TRP G 36 29.53 7.81 19.70
N VAL G 37 28.47 8.55 19.35
CA VAL G 37 27.99 9.68 20.13
C VAL G 37 26.52 9.47 20.56
N LYS G 38 26.19 9.85 21.79
CA LYS G 38 24.85 9.70 22.37
C LYS G 38 24.19 11.05 22.55
N GLN G 39 22.93 11.19 22.16
CA GLN G 39 22.21 12.47 22.38
C GLN G 39 20.91 12.18 23.06
N ARG G 40 20.85 12.47 24.35
CA ARG G 40 19.62 12.25 25.10
C ARG G 40 18.62 13.23 24.51
N PRO G 41 17.31 12.91 24.52
CA PRO G 41 16.24 13.80 24.02
C PRO G 41 16.41 15.30 24.34
N GLY G 42 16.43 16.14 23.30
CA GLY G 42 16.64 17.59 23.46
C GLY G 42 17.86 18.04 24.29
N GLN G 43 18.90 17.20 24.34
CA GLN G 43 20.14 17.46 25.09
C GLN G 43 21.31 17.61 24.12
N GLY G 44 22.53 17.73 24.69
CA GLY G 44 23.76 17.80 23.91
C GLY G 44 24.40 16.47 23.51
N LEU G 45 25.45 16.59 22.72
CA LEU G 45 26.18 15.47 22.18
C LEU G 45 27.18 14.97 23.22
N ASP G 46 27.19 13.68 23.45
CA ASP G 46 28.03 13.09 24.49
C ASP G 46 28.80 11.92 23.89
N TRP G 47 30.12 12.08 23.80
CA TRP G 47 31.03 11.07 23.24
C TRP G 47 31.08 9.78 24.07
N ILE G 48 30.85 8.63 23.42
CA ILE G 48 30.86 7.30 24.11
C ILE G 48 32.21 6.60 23.96
N GLY G 49 32.67 6.46 22.74
CA GLY G 49 33.93 5.77 22.51
C GLY G 49 34.35 5.81 21.07
N GLU G 50 35.54 5.29 20.81
CA GLU G 50 36.01 5.12 19.44
C GLU G 50 36.48 3.71 19.23
N ILE G 51 36.63 3.32 17.98
CA ILE G 51 37.22 2.03 17.67
C ILE G 51 38.04 2.12 16.40
N ASN G 52 39.26 1.55 16.44
CA ASN G 52 40.16 1.45 15.28
C ASN G 52 39.61 0.31 14.44
N THR G 53 39.33 0.60 13.18
CA THR G 53 38.60 -0.34 12.34
C THR G 53 39.55 -1.49 11.88
N SER G 54 40.86 -1.24 11.90
CA SER G 54 41.90 -2.19 11.46
C SER G 54 42.29 -3.19 12.57
N SER G 55 42.61 -2.65 13.73
CA SER G 55 43.05 -3.39 14.91
C SER G 55 41.96 -3.83 15.85
N GLY G 56 40.81 -3.14 15.88
CA GLY G 56 39.82 -3.33 16.96
C GLY G 56 40.15 -2.71 18.32
N ARG G 57 41.23 -1.96 18.41
CA ARG G 57 41.61 -1.28 19.66
C ARG G 57 40.63 -0.14 19.96
N THR G 58 40.28 -0.02 21.24
CA THR G 58 39.24 0.88 21.72
C THR G 58 39.75 2.03 22.59
N ASN G 59 38.94 3.08 22.69
CA ASN G 59 39.15 4.11 23.68
C ASN G 59 37.74 4.61 24.09
N TYR G 60 37.36 4.29 25.33
CA TYR G 60 36.08 4.64 25.89
C TYR G 60 36.06 5.90 26.76
N ASN G 61 34.96 6.63 26.77
CA ASN G 61 34.65 7.62 27.83
C ASN G 61 34.54 6.84 29.13
N GLU G 62 35.10 7.37 30.22
CA GLU G 62 35.19 6.62 31.48
C GLU G 62 33.78 6.33 31.99
N ARG G 63 32.89 7.30 31.77
CA ARG G 63 31.46 7.24 32.14
C ARG G 63 30.68 6.07 31.48
N PHE G 64 30.98 5.71 30.24
CA PHE G 64 30.28 4.61 29.51
C PHE G 64 30.97 3.25 29.58
N LYS G 65 32.11 3.18 30.26
CA LYS G 65 32.74 1.91 30.65
C LYS G 65 31.67 0.99 31.28
N ASN G 66 31.65 -0.29 30.94
CA ASN G 66 30.66 -1.26 31.51
C ASN G 66 29.25 -1.15 30.90
N LYS G 67 28.82 0.07 30.61
CA LYS G 67 27.59 0.33 29.86
C LYS G 67 27.72 -0.06 28.39
N ALA G 68 28.80 0.36 27.73
CA ALA G 68 28.99 0.17 26.27
C ALA G 68 30.23 -0.65 25.84
N THR G 69 30.05 -1.42 24.78
CA THR G 69 31.06 -2.30 24.23
C THR G 69 31.13 -2.09 22.69
N LEU G 70 32.25 -1.58 22.19
CA LEU G 70 32.39 -1.35 20.75
C LEU G 70 33.10 -2.56 20.10
N THR G 71 32.55 -3.01 18.96
CA THR G 71 33.15 -4.07 18.16
C THR G 71 33.05 -3.76 16.67
N VAL G 72 33.73 -4.56 15.87
CA VAL G 72 33.80 -4.38 14.43
C VAL G 72 33.80 -5.78 13.79
N ASP G 73 33.25 -5.87 12.58
CA ASP G 73 33.57 -6.97 11.67
C ASP G 73 34.27 -6.39 10.45
N LYS G 74 35.45 -6.92 10.11
CA LYS G 74 36.22 -6.39 8.98
C LYS G 74 35.61 -6.75 7.60
N THR G 75 35.41 -8.04 7.35
CA THR G 75 34.95 -8.53 6.04
C THR G 75 33.59 -7.99 5.56
N SER G 76 32.73 -7.58 6.51
CA SER G 76 31.41 -7.03 6.19
C SER G 76 31.26 -5.54 6.56
N SER G 77 32.37 -4.86 6.83
CA SER G 77 32.38 -3.39 7.05
C SER G 77 31.26 -2.81 7.93
N THR G 78 30.86 -3.54 8.98
CA THR G 78 29.87 -3.02 9.93
C THR G 78 30.57 -2.76 11.27
N ALA G 79 30.06 -1.76 12.00
CA ALA G 79 30.52 -1.47 13.35
C ALA G 79 29.32 -1.56 14.29
N TYR G 80 29.57 -2.11 15.46
CA TYR G 80 28.53 -2.39 16.42
C TYR G 80 28.86 -1.68 17.71
N ILE G 81 27.80 -1.43 18.49
CA ILE G 81 27.89 -1.01 19.87
C ILE G 81 26.86 -1.85 20.61
N GLN G 82 27.29 -2.53 21.68
CA GLN G 82 26.37 -3.31 22.52
C GLN G 82 26.15 -2.52 23.81
N LEU G 83 24.88 -2.38 24.24
CA LEU G 83 24.54 -1.69 25.52
C LEU G 83 23.83 -2.67 26.44
N SER G 84 24.29 -2.75 27.68
CA SER G 84 23.81 -3.73 28.66
C SER G 84 23.09 -3.03 29.80
N SER G 85 22.42 -3.84 30.65
CA SER G 85 21.65 -3.40 31.84
C SER G 85 20.99 -2.06 31.62
N LEU G 86 20.09 -2.05 30.65
CA LEU G 86 19.48 -0.83 30.17
C LEU G 86 18.57 -0.22 31.23
N THR G 87 18.60 1.10 31.33
CA THR G 87 17.63 1.84 32.14
C THR G 87 17.09 2.98 31.27
N SER G 88 16.09 3.68 31.81
CA SER G 88 15.52 4.87 31.18
C SER G 88 16.59 5.90 30.83
N GLU G 89 17.71 5.96 31.58
CA GLU G 89 18.80 6.89 31.24
C GLU G 89 19.55 6.62 29.92
N ASP G 90 19.46 5.40 29.37
CA ASP G 90 20.05 5.05 28.07
C ASP G 90 19.11 5.37 26.85
N SER G 91 17.88 5.77 27.11
CA SER G 91 16.99 6.24 26.05
C SER G 91 17.62 7.47 25.41
N ALA G 92 17.94 7.36 24.13
CA ALA G 92 18.67 8.39 23.38
C ALA G 92 18.92 7.94 21.94
N VAL G 93 19.36 8.88 21.17
CA VAL G 93 19.74 8.64 19.80
C VAL G 93 21.20 8.22 19.87
N TYR G 94 21.57 7.14 19.20
CA TYR G 94 22.98 6.73 19.13
C TYR G 94 23.46 6.86 17.70
N TYR G 95 24.40 7.77 17.49
CA TYR G 95 24.99 8.03 16.18
C TYR G 95 26.31 7.30 16.08
N CYS G 96 26.60 6.71 14.91
CA CYS G 96 27.98 6.26 14.57
C CYS G 96 28.50 7.28 13.56
N ALA G 97 29.78 7.58 13.61
CA ALA G 97 30.34 8.60 12.75
C ALA G 97 31.77 8.30 12.44
N ARG G 98 32.21 8.77 11.28
CA ARG G 98 33.53 8.42 10.78
C ARG G 98 34.52 9.54 11.08
N GLU G 99 35.68 9.17 11.65
CA GLU G 99 36.82 10.09 11.85
C GLU G 99 37.56 10.28 10.55
N GLY G 100 37.88 11.51 10.14
CA GLY G 100 38.22 11.74 8.75
C GLY G 100 39.46 12.43 8.24
N PHE G 101 40.61 12.27 8.89
CA PHE G 101 41.91 12.85 8.44
C PHE G 101 42.10 14.28 8.96
N GLY G 102 41.03 15.09 8.99
CA GLY G 102 41.07 16.46 9.55
C GLY G 102 41.25 16.49 11.07
N ASN G 103 42.46 16.15 11.53
CA ASN G 103 42.81 16.06 12.96
C ASN G 103 41.66 15.47 13.82
N GLN G 104 41.22 14.26 13.46
CA GLN G 104 40.25 13.45 14.21
C GLN G 104 38.76 13.92 14.16
N SER G 105 38.50 14.95 13.34
CA SER G 105 37.17 15.50 13.23
C SER G 105 36.30 14.48 12.55
N LEU G 106 35.01 14.51 12.88
CA LEU G 106 34.04 13.53 12.44
C LEU G 106 33.36 14.03 11.16
N ASP G 107 33.86 13.60 10.01
CA ASP G 107 33.35 14.13 8.73
C ASP G 107 32.07 13.48 8.16
N TYR G 108 31.62 12.34 8.68
CA TYR G 108 30.40 11.67 8.17
C TYR G 108 29.69 11.02 9.32
N TRP G 109 28.38 11.11 9.32
CA TRP G 109 27.56 10.69 10.44
C TRP G 109 26.48 9.78 9.82
N GLY G 110 26.24 8.61 10.41
CA GLY G 110 24.97 7.87 10.21
C GLY G 110 23.78 8.67 10.72
N GLN G 111 22.57 8.16 10.50
CA GLN G 111 21.35 8.95 10.82
C GLN G 111 20.89 8.84 12.28
N GLY G 112 21.55 7.98 13.06
CA GLY G 112 21.23 7.80 14.46
C GLY G 112 20.20 6.71 14.68
N THR G 113 20.37 5.95 15.75
CA THR G 113 19.44 4.93 16.18
C THR G 113 18.74 5.43 17.44
N SER G 114 17.45 5.66 17.32
CA SER G 114 16.64 6.12 18.44
C SER G 114 16.27 4.93 19.33
N LEU G 115 16.84 4.88 20.53
CA LEU G 115 16.59 3.79 21.47
C LEU G 115 15.72 4.30 22.59
N THR G 116 14.72 3.51 22.93
CA THR G 116 13.74 3.81 23.95
C THR G 116 13.75 2.60 24.86
N VAL G 117 13.83 2.86 26.16
CA VAL G 117 13.89 1.81 27.17
C VAL G 117 12.68 1.97 28.09
N SER G 118 11.83 0.95 28.12
CA SER G 118 10.54 1.06 28.82
C SER G 118 9.82 -0.30 29.05
N SER G 119 9.16 -0.38 30.21
CA SER G 119 8.34 -1.54 30.60
C SER G 119 6.92 -1.49 30.03
N ALA G 120 6.53 -0.31 29.54
CA ALA G 120 5.17 -0.01 29.10
C ALA G 120 4.68 -0.88 27.97
N LYS G 121 3.39 -1.17 28.01
CA LYS G 121 2.72 -2.02 27.02
C LYS G 121 2.30 -1.19 25.81
N THR G 122 2.08 -1.81 24.63
CA THR G 122 1.93 -1.08 23.40
C THR G 122 0.69 -0.14 23.32
N THR G 123 -0.53 -0.55 23.57
CA THR G 123 -1.61 0.51 23.70
C THR G 123 -1.94 1.52 22.54
N PRO G 124 -3.08 1.36 21.88
CA PRO G 124 -3.39 2.32 20.83
C PRO G 124 -3.96 3.62 21.35
N PRO G 125 -4.02 4.63 20.52
CA PRO G 125 -4.46 5.91 21.05
C PRO G 125 -5.96 6.00 21.12
N SER G 126 -6.47 6.89 21.97
CA SER G 126 -7.86 7.38 21.86
C SER G 126 -7.75 8.72 21.18
N VAL G 127 -8.70 9.02 20.29
CA VAL G 127 -8.62 10.17 19.40
C VAL G 127 -9.89 11.01 19.60
N TYR G 128 -9.71 12.28 20.05
CA TYR G 128 -10.85 13.14 20.46
C TYR G 128 -10.93 14.46 19.65
N PRO G 129 -12.06 14.70 19.00
CA PRO G 129 -12.22 15.89 18.20
C PRO G 129 -12.30 17.16 19.07
N LEU G 130 -11.58 18.22 18.68
CA LEU G 130 -11.62 19.54 19.35
C LEU G 130 -12.38 20.51 18.45
N ALA G 131 -13.66 20.72 18.78
CA ALA G 131 -14.54 21.69 18.10
C ALA G 131 -14.72 22.96 18.94
N PRO G 132 -14.81 24.15 18.33
CA PRO G 132 -15.18 25.36 19.13
C PRO G 132 -16.43 25.17 19.99
N GLY G 133 -16.33 25.52 21.28
CA GLY G 133 -17.45 25.43 22.22
C GLY G 133 -18.58 26.42 21.97
N SER G 140 -13.89 34.98 10.33
CA SER G 140 -12.75 35.05 9.40
C SER G 140 -12.01 33.70 9.39
N MET G 141 -11.24 33.45 10.45
CA MET G 141 -10.41 32.26 10.55
C MET G 141 -10.89 31.43 11.75
N VAL G 142 -10.92 30.11 11.63
CA VAL G 142 -11.36 29.25 12.76
C VAL G 142 -10.40 28.08 12.99
N THR G 143 -10.13 27.75 14.27
CA THR G 143 -9.14 26.74 14.63
C THR G 143 -9.82 25.47 15.16
N LEU G 144 -9.47 24.33 14.57
CA LEU G 144 -9.96 23.02 14.98
C LEU G 144 -8.78 22.18 15.44
N GLY G 145 -9.06 21.00 15.96
CA GLY G 145 -7.99 20.20 16.52
C GLY G 145 -8.36 18.76 16.80
N CYS G 146 -7.38 18.06 17.30
CA CYS G 146 -7.42 16.66 17.50
C CYS G 146 -6.61 16.34 18.74
N LEU G 147 -7.19 15.62 19.69
CA LEU G 147 -6.43 15.21 20.85
C LEU G 147 -6.14 13.73 20.76
N VAL G 148 -4.87 13.37 20.83
CA VAL G 148 -4.48 11.98 20.65
C VAL G 148 -3.86 11.56 21.97
N LYS G 149 -4.56 10.74 22.74
CA LYS G 149 -4.22 10.51 24.14
C LYS G 149 -4.07 9.03 24.46
N GLY G 150 -3.02 8.69 25.21
CA GLY G 150 -2.98 7.43 25.94
C GLY G 150 -2.31 6.29 25.21
N TYR G 151 -1.34 6.63 24.36
CA TYR G 151 -0.69 5.69 23.48
C TYR G 151 0.74 5.40 23.88
N PHE G 152 1.22 4.25 23.41
CA PHE G 152 2.61 3.91 23.57
C PHE G 152 3.03 2.84 22.53
N PRO G 153 4.25 2.81 22.01
CA PRO G 153 5.24 3.89 22.07
C PRO G 153 4.89 4.98 21.07
N GLU G 154 5.84 5.89 20.93
CA GLU G 154 5.94 6.82 19.83
C GLU G 154 6.33 6.08 18.52
N PRO G 155 5.97 6.63 17.36
CA PRO G 155 5.27 7.95 17.24
C PRO G 155 3.82 7.70 16.90
N VAL G 156 3.01 8.76 16.90
CA VAL G 156 1.83 8.80 16.05
C VAL G 156 2.05 9.92 15.07
N THR G 157 1.41 9.82 13.92
CA THR G 157 1.40 10.92 13.00
C THR G 157 -0.04 11.40 12.90
N VAL G 158 -0.20 12.68 12.65
CA VAL G 158 -1.50 13.23 12.43
C VAL G 158 -1.47 14.05 11.19
N THR G 159 -2.39 13.78 10.26
CA THR G 159 -2.58 14.59 9.07
C THR G 159 -4.05 15.04 9.07
N TRP G 160 -4.38 15.95 8.17
CA TRP G 160 -5.66 16.59 8.14
C TRP G 160 -6.16 16.44 6.73
N ASN G 161 -7.35 15.86 6.55
CA ASN G 161 -7.90 15.51 5.25
C ASN G 161 -6.87 14.79 4.37
N SER G 162 -6.28 13.74 4.93
CA SER G 162 -5.33 12.84 4.22
C SER G 162 -4.10 13.48 3.64
N GLY G 163 -3.71 14.64 4.16
CA GLY G 163 -2.64 15.43 3.57
C GLY G 163 -3.12 16.70 2.86
N SER G 164 -4.31 16.71 2.29
CA SER G 164 -4.82 17.88 1.52
C SER G 164 -4.88 19.22 2.27
N LEU G 165 -4.37 19.28 3.50
CA LEU G 165 -4.56 20.41 4.42
C LEU G 165 -3.31 20.55 5.29
N SER G 166 -2.41 21.39 4.84
CA SER G 166 -1.11 21.57 5.48
C SER G 166 -1.02 22.94 6.12
N SER G 167 -1.62 23.92 5.47
CA SER G 167 -1.53 25.28 5.94
C SER G 167 -2.54 25.48 7.06
N GLY G 168 -1.99 25.85 8.20
CA GLY G 168 -2.74 25.93 9.43
C GLY G 168 -2.19 25.04 10.50
N VAL G 169 -1.47 23.99 10.10
CA VAL G 169 -1.29 22.80 10.91
C VAL G 169 -0.12 22.89 11.88
N HIS G 170 -0.39 22.66 13.16
CA HIS G 170 0.68 22.43 14.13
C HIS G 170 0.36 21.10 14.78
N THR G 171 1.39 20.29 14.99
CA THR G 171 1.26 19.02 15.61
C THR G 171 2.31 19.09 16.70
N PHE G 172 1.90 18.92 17.94
CA PHE G 172 2.76 19.20 19.06
C PHE G 172 3.58 17.98 19.56
N PRO G 173 4.75 18.23 20.14
CA PRO G 173 5.49 17.13 20.67
C PRO G 173 4.73 16.41 21.77
N ALA G 174 4.87 15.09 21.76
CA ALA G 174 4.25 14.21 22.73
C ALA G 174 4.73 14.56 24.11
N VAL G 175 3.90 14.32 25.10
CA VAL G 175 4.27 14.43 26.50
C VAL G 175 3.88 13.12 27.19
N LEU G 176 4.75 12.62 28.06
CA LEU G 176 4.60 11.31 28.70
C LEU G 176 4.09 11.42 30.13
N GLN G 177 2.93 10.84 30.42
CA GLN G 177 2.46 10.70 31.79
C GLN G 177 1.98 9.29 32.14
N SER G 178 2.46 8.87 33.31
CA SER G 178 2.58 7.50 33.71
C SER G 178 3.42 6.78 32.62
N ASP G 179 2.82 5.86 31.86
CA ASP G 179 3.54 5.05 30.86
C ASP G 179 3.08 5.34 29.43
N LEU G 180 2.36 6.46 29.21
CA LEU G 180 1.51 6.70 28.04
C LEU G 180 1.65 8.13 27.54
N TYR G 181 1.72 8.29 26.23
CA TYR G 181 2.08 9.56 25.60
C TYR G 181 0.79 10.23 25.20
N THR G 182 0.81 11.54 25.06
CA THR G 182 -0.37 12.29 24.66
C THR G 182 0.08 13.49 23.78
N LEU G 183 -0.73 13.86 22.81
CA LEU G 183 -0.39 14.94 21.88
C LEU G 183 -1.63 15.53 21.25
N SER G 184 -1.43 16.67 20.64
CA SER G 184 -2.53 17.31 19.97
C SER G 184 -2.05 18.01 18.71
N SER G 185 -2.99 18.23 17.82
CA SER G 185 -2.67 18.80 16.56
C SER G 185 -3.74 19.84 16.32
N SER G 186 -3.32 21.05 15.94
CA SER G 186 -4.28 22.05 15.47
C SER G 186 -4.26 22.26 13.96
N VAL G 187 -5.39 22.69 13.41
CA VAL G 187 -5.50 23.08 12.01
C VAL G 187 -6.34 24.37 12.00
N THR G 188 -6.00 25.30 11.12
CA THR G 188 -6.74 26.56 10.97
C THR G 188 -7.23 26.70 9.53
N VAL G 189 -8.54 26.89 9.36
CA VAL G 189 -9.18 26.98 8.06
C VAL G 189 -10.21 28.09 8.10
N PRO G 190 -10.65 28.57 6.93
CA PRO G 190 -11.61 29.68 6.92
C PRO G 190 -13.04 29.31 7.34
N SER G 191 -13.74 30.22 8.02
CA SER G 191 -15.17 30.03 8.37
C SER G 191 -16.06 29.66 7.20
N SER G 192 -15.66 30.05 5.99
CA SER G 192 -16.32 29.65 4.75
C SER G 192 -16.29 28.12 4.53
N THR G 193 -15.15 27.54 4.87
CA THR G 193 -14.89 26.14 4.72
C THR G 193 -15.70 25.32 5.75
N TRP G 194 -15.59 25.67 7.02
CA TRP G 194 -16.15 24.87 8.13
C TRP G 194 -17.32 25.63 8.75
N PRO G 195 -18.46 24.99 9.00
CA PRO G 195 -18.69 23.53 8.91
C PRO G 195 -19.20 23.00 7.55
N SER G 196 -19.19 23.82 6.49
CA SER G 196 -19.83 23.45 5.19
C SER G 196 -19.07 22.33 4.45
N GLU G 197 -17.75 22.32 4.60
CA GLU G 197 -16.86 21.35 4.02
C GLU G 197 -16.20 20.62 5.16
N THR G 198 -16.01 19.34 4.96
CA THR G 198 -15.67 18.41 6.00
C THR G 198 -14.16 18.62 6.37
N VAL G 199 -13.86 18.57 7.66
CA VAL G 199 -12.50 18.53 8.12
C VAL G 199 -12.33 17.27 8.97
N THR G 200 -11.35 16.44 8.63
CA THR G 200 -11.16 15.16 9.24
C THR G 200 -9.73 15.07 9.73
N CYS G 201 -9.59 14.55 10.93
CA CYS G 201 -8.31 14.31 11.53
C CYS G 201 -7.97 12.82 11.23
N SER G 202 -6.79 12.55 10.67
CA SER G 202 -6.43 11.15 10.29
C SER G 202 -5.20 10.79 11.15
N VAL G 203 -5.37 9.96 12.17
CA VAL G 203 -4.30 9.62 13.12
C VAL G 203 -3.76 8.23 12.80
N ALA G 204 -2.46 8.04 12.87
CA ALA G 204 -1.88 6.71 12.66
C ALA G 204 -0.94 6.38 13.78
N HIS G 205 -1.09 5.17 14.29
CA HIS G 205 -0.17 4.59 15.27
C HIS G 205 0.31 3.24 14.76
N PRO G 206 1.41 3.22 13.99
CA PRO G 206 1.80 1.95 13.31
C PRO G 206 2.12 0.82 14.27
N ALA G 207 2.78 1.13 15.37
CA ALA G 207 3.09 0.07 16.37
C ALA G 207 1.87 -0.77 16.87
N SER G 208 0.68 -0.19 16.99
CA SER G 208 -0.57 -0.95 17.31
C SER G 208 -1.40 -1.28 16.08
N SER G 209 -0.85 -1.00 14.88
CA SER G 209 -1.55 -1.21 13.62
C SER G 209 -2.96 -0.58 13.56
N THR G 210 -3.08 0.64 14.07
CA THR G 210 -4.34 1.35 14.17
C THR G 210 -4.24 2.56 13.28
N LYS G 211 -5.29 2.82 12.49
CA LYS G 211 -5.60 4.14 11.92
C LYS G 211 -7.00 4.57 12.36
N VAL G 212 -7.14 5.82 12.74
CA VAL G 212 -8.44 6.42 13.03
C VAL G 212 -8.63 7.64 12.18
N ASP G 213 -9.83 7.85 11.66
CA ASP G 213 -10.20 9.06 10.97
C ASP G 213 -11.34 9.67 11.79
N LYS G 214 -11.14 10.92 12.26
CA LYS G 214 -12.10 11.61 13.13
C LYS G 214 -12.56 12.89 12.50
N LYS G 215 -13.81 12.93 12.13
CA LYS G 215 -14.41 14.13 11.55
C LYS G 215 -14.81 15.06 12.72
N ILE G 216 -14.52 16.36 12.61
CA ILE G 216 -14.88 17.39 13.62
C ILE G 216 -16.31 17.89 13.39
N VAL G 217 -17.21 17.81 14.37
CA VAL G 217 -18.65 18.15 14.21
C VAL G 217 -19.12 19.59 14.64
N PRO G 218 -19.76 19.83 15.84
CA PRO G 218 -20.58 21.07 15.96
C PRO G 218 -20.24 22.26 15.06
N ASP H 1 38.44 15.18 30.25
CA ASP H 1 37.82 16.03 31.30
C ASP H 1 38.22 17.50 31.19
N ILE H 2 38.48 17.93 29.95
CA ILE H 2 38.41 19.32 29.57
C ILE H 2 36.93 19.70 29.33
N ILE H 3 36.44 20.65 30.13
CA ILE H 3 35.06 21.11 30.06
C ILE H 3 35.07 22.26 29.07
N LEU H 4 34.19 22.16 28.08
CA LEU H 4 34.03 23.16 27.05
C LEU H 4 32.70 23.82 27.28
N THR H 5 32.68 25.14 27.27
CA THR H 5 31.51 25.90 27.65
C THR H 5 31.16 26.85 26.51
N GLN H 6 29.91 26.83 26.11
CA GLN H 6 29.41 27.65 25.02
C GLN H 6 28.41 28.59 25.63
N SER H 7 28.67 29.88 25.62
CA SER H 7 27.74 30.84 26.24
C SER H 7 27.54 31.99 25.26
N PRO H 8 26.31 32.49 25.06
CA PRO H 8 25.06 31.97 25.64
C PRO H 8 24.59 30.69 25.00
N ALA H 9 23.72 29.93 25.68
CA ALA H 9 23.27 28.67 25.14
C ALA H 9 22.20 28.83 24.08
N ILE H 10 21.47 29.96 24.10
CA ILE H 10 20.40 30.28 23.14
C ILE H 10 20.57 31.71 22.67
N MET H 11 20.37 31.94 21.39
CA MET H 11 20.70 33.18 20.72
C MET H 11 19.74 33.48 19.62
N SER H 12 19.41 34.74 19.42
CA SER H 12 18.50 35.18 18.35
C SER H 12 19.19 36.24 17.50
N ALA H 13 19.16 36.08 16.18
CA ALA H 13 19.75 37.03 15.27
C ALA H 13 18.86 37.28 14.07
N SER H 14 18.71 38.54 13.68
CA SER H 14 17.99 38.87 12.45
C SER H 14 18.79 38.44 11.26
N LEU H 15 18.12 38.25 10.13
CA LEU H 15 18.78 38.14 8.82
C LEU H 15 19.70 39.36 8.61
N GLY H 16 20.92 39.09 8.17
CA GLY H 16 21.91 40.13 7.86
C GLY H 16 22.71 40.63 9.05
N GLU H 17 22.41 40.10 10.23
CA GLU H 17 23.07 40.50 11.46
C GLU H 17 24.38 39.72 11.54
N ARG H 18 25.27 40.23 12.36
CA ARG H 18 26.50 39.55 12.68
C ARG H 18 26.28 38.67 13.93
N VAL H 19 26.86 37.49 13.91
CA VAL H 19 26.63 36.54 14.97
C VAL H 19 28.01 36.02 15.33
N THR H 20 28.17 35.70 16.61
CA THR H 20 29.43 35.20 17.09
C THR H 20 29.06 34.23 18.18
N LEU H 21 29.62 33.04 18.10
CA LEU H 21 29.36 32.01 19.04
C LEU H 21 30.70 31.76 19.69
N THR H 22 30.75 31.67 21.00
CA THR H 22 32.00 31.53 21.71
C THR H 22 32.09 30.13 22.27
N CYS H 23 33.30 29.57 22.27
CA CYS H 23 33.63 28.30 22.93
C CYS H 23 34.88 28.49 23.78
N THR H 24 34.70 28.30 25.07
CA THR H 24 35.70 28.60 26.10
C THR H 24 36.10 27.25 26.80
N ALA H 25 37.39 26.90 26.81
CA ALA H 25 37.86 25.65 27.50
C ALA H 25 38.45 25.78 28.95
N SER H 26 38.26 24.73 29.76
CA SER H 26 38.75 24.70 31.14
C SER H 26 40.29 24.62 31.29
N SER H 27 40.97 23.93 30.36
CA SER H 27 42.43 24.03 30.20
C SER H 27 42.78 24.30 28.75
N SER H 28 44.05 24.55 28.46
CA SER H 28 44.46 24.92 27.12
C SER H 28 44.30 23.76 26.09
N VAL H 29 43.72 24.08 24.93
CA VAL H 29 43.61 23.15 23.82
C VAL H 29 44.29 23.80 22.64
N SER H 30 45.01 23.00 21.86
CA SER H 30 45.65 23.49 20.65
C SER H 30 44.59 23.68 19.58
N SER H 31 44.82 24.70 18.74
CA SER H 31 43.92 25.03 17.64
C SER H 31 43.72 23.86 16.61
N SER H 32 44.73 22.98 16.43
CA SER H 32 44.58 21.77 15.57
C SER H 32 43.38 20.93 15.94
N TYR H 33 43.17 20.76 17.24
CA TYR H 33 42.27 19.78 17.76
C TYR H 33 40.85 20.31 18.11
N LEU H 34 40.49 21.53 17.68
CA LEU H 34 39.22 22.09 18.06
C LEU H 34 38.29 22.31 16.86
N HIS H 35 37.08 21.74 16.95
CA HIS H 35 36.20 21.58 15.81
C HIS H 35 34.80 22.10 16.15
N TRP H 36 34.03 22.43 15.11
CA TRP H 36 32.64 22.81 15.24
C TRP H 36 31.72 21.96 14.39
N TYR H 37 30.55 21.62 14.93
CA TYR H 37 29.47 20.91 14.24
C TYR H 37 28.22 21.74 14.18
N GLN H 38 27.47 21.58 13.10
CA GLN H 38 26.14 22.14 12.99
C GLN H 38 25.14 20.98 12.91
N GLN H 39 24.13 20.99 13.83
CA GLN H 39 22.98 20.09 13.82
C GLN H 39 21.65 20.79 13.74
N LYS H 40 20.79 20.31 12.84
CA LYS H 40 19.40 20.77 12.70
C LYS H 40 18.46 19.72 13.23
N PRO H 41 17.27 20.13 13.73
CA PRO H 41 16.42 19.12 14.34
C PRO H 41 15.99 18.05 13.34
N GLY H 42 16.04 16.81 13.77
CA GLY H 42 15.68 15.66 12.93
C GLY H 42 16.87 15.05 12.21
N SER H 43 17.99 15.81 12.08
CA SER H 43 19.19 15.38 11.36
C SER H 43 20.33 15.09 12.30
N SER H 44 21.34 14.46 11.74
CA SER H 44 22.59 14.26 12.40
C SER H 44 23.42 15.52 12.36
N PRO H 45 24.35 15.65 13.30
CA PRO H 45 25.41 16.66 13.21
C PRO H 45 26.19 16.58 11.92
N LYS H 46 26.61 17.72 11.42
CA LYS H 46 27.51 17.81 10.28
C LYS H 46 28.77 18.52 10.75
N LEU H 47 29.93 18.09 10.26
CA LEU H 47 31.21 18.81 10.49
C LEU H 47 31.13 20.15 9.76
N TRP H 48 31.41 21.22 10.48
CA TRP H 48 31.22 22.58 9.95
C TRP H 48 32.55 23.29 9.86
N ILE H 49 33.33 23.19 10.92
CA ILE H 49 34.61 23.84 10.90
C ILE H 49 35.59 22.92 11.57
N TYR H 50 36.78 22.79 11.00
CA TYR H 50 37.74 21.92 11.61
C TYR H 50 39.06 22.66 11.81
N SER H 51 39.82 22.13 12.76
CA SER H 51 41.03 22.68 13.31
C SER H 51 40.99 24.20 13.40
N THR H 52 40.00 24.69 14.15
CA THR H 52 39.77 26.10 14.45
C THR H 52 39.14 26.92 13.34
N TYR H 53 39.73 26.93 12.15
CA TYR H 53 39.41 27.97 11.15
C TYR H 53 39.08 27.45 9.71
N ASN H 54 39.09 26.13 9.51
CA ASN H 54 38.97 25.53 8.17
C ASN H 54 37.53 25.16 7.89
N LEU H 55 36.93 25.79 6.88
CA LEU H 55 35.55 25.50 6.50
C LEU H 55 35.43 24.12 5.84
N ALA H 56 34.46 23.33 6.29
CA ALA H 56 34.31 21.93 5.91
C ALA H 56 33.57 21.79 4.59
N GLY H 57 33.60 20.61 3.96
CA GLY H 57 32.86 20.38 2.67
C GLY H 57 31.47 21.03 2.68
N ALA H 58 31.26 22.10 1.88
CA ALA H 58 29.92 22.78 1.66
C ALA H 58 29.59 24.11 2.40
N VAL H 59 30.51 24.58 3.23
CA VAL H 59 30.15 25.63 4.17
C VAL H 59 30.34 26.97 3.45
N PRO H 60 29.29 27.80 3.44
CA PRO H 60 29.51 29.06 2.76
C PRO H 60 30.55 29.99 3.46
N PRO H 61 31.18 30.85 2.67
CA PRO H 61 32.30 31.66 3.18
C PRO H 61 31.91 32.79 4.15
N ARG H 62 30.63 32.96 4.44
CA ARG H 62 30.17 33.84 5.53
C ARG H 62 30.56 33.32 6.93
N PHE H 63 30.94 32.04 7.02
CA PHE H 63 31.40 31.44 8.25
C PHE H 63 32.90 31.65 8.39
N SER H 64 33.37 31.80 9.64
CA SER H 64 34.79 31.74 9.94
C SER H 64 34.92 31.33 11.39
N GLY H 65 36.08 30.77 11.73
CA GLY H 65 36.43 30.37 13.08
C GLY H 65 37.77 30.97 13.45
N SER H 66 38.03 31.12 14.74
CA SER H 66 39.33 31.61 15.21
C SER H 66 39.38 31.41 16.70
N GLY H 67 40.56 31.57 17.25
CA GLY H 67 40.77 31.32 18.66
C GLY H 67 42.05 30.54 18.89
N SER H 68 42.35 30.34 20.17
CA SER H 68 43.65 29.88 20.61
C SER H 68 43.61 29.73 22.11
N GLY H 69 44.39 28.79 22.63
CA GLY H 69 44.48 28.53 24.05
C GLY H 69 43.20 27.99 24.67
N THR H 70 42.46 28.90 25.31
CA THR H 70 41.21 28.59 25.98
C THR H 70 39.96 29.30 25.38
N SER H 71 40.11 30.17 24.40
CA SER H 71 38.97 30.96 23.92
C SER H 71 38.83 30.87 22.38
N TYR H 72 37.80 30.15 21.91
CA TYR H 72 37.56 29.95 20.47
C TYR H 72 36.24 30.53 20.07
N SER H 73 36.12 30.95 18.83
CA SER H 73 34.85 31.47 18.40
C SER H 73 34.52 31.08 16.95
N LEU H 74 33.22 31.10 16.63
CA LEU H 74 32.70 30.85 15.28
C LEU H 74 31.90 32.10 14.93
N THR H 75 32.04 32.60 13.72
CA THR H 75 31.50 33.91 13.36
C THR H 75 30.71 33.77 12.06
N ILE H 76 29.53 34.41 12.03
CA ILE H 76 28.81 34.56 10.79
C ILE H 76 28.67 36.04 10.52
N SER H 77 29.37 36.52 9.50
CA SER H 77 29.06 37.81 8.89
C SER H 77 27.76 37.58 8.17
N SER H 78 26.78 38.47 8.29
CA SER H 78 25.43 38.26 7.66
C SER H 78 24.72 36.90 7.96
N MET H 79 23.89 36.88 8.99
CA MET H 79 23.01 35.73 9.25
C MET H 79 22.09 35.55 8.07
N GLU H 80 22.03 34.33 7.57
CA GLU H 80 21.03 33.92 6.60
C GLU H 80 20.15 32.83 7.25
N ALA H 81 18.89 32.73 6.84
CA ALA H 81 17.90 31.87 7.53
C ALA H 81 18.32 30.39 7.71
N GLU H 82 19.03 29.81 6.74
CA GLU H 82 19.53 28.43 6.84
C GLU H 82 20.62 28.18 7.91
N ASP H 83 21.12 29.26 8.56
CA ASP H 83 22.13 29.16 9.62
C ASP H 83 21.56 28.93 11.04
N ALA H 84 20.23 29.05 11.18
CA ALA H 84 19.53 28.59 12.39
C ALA H 84 19.79 27.13 12.59
N ALA H 85 20.35 26.79 13.74
CA ALA H 85 20.57 25.40 14.07
C ALA H 85 21.24 25.45 15.43
N THR H 86 21.69 24.30 15.91
CA THR H 86 22.50 24.21 17.11
C THR H 86 23.95 23.90 16.68
N TYR H 87 24.91 24.57 17.34
CA TYR H 87 26.31 24.45 16.96
C TYR H 87 27.03 23.95 18.19
N TYR H 88 27.83 22.89 18.04
CA TYR H 88 28.58 22.23 19.10
C TYR H 88 30.08 22.31 18.81
N CYS H 89 30.90 22.76 19.77
CA CYS H 89 32.35 22.67 19.64
C CYS H 89 32.77 21.34 20.21
N GLN H 90 33.99 20.91 19.88
CA GLN H 90 34.55 19.63 20.35
C GLN H 90 36.06 19.76 20.45
N GLN H 91 36.66 19.12 21.43
CA GLN H 91 38.13 19.06 21.52
C GLN H 91 38.71 17.62 21.52
N TYR H 92 39.84 17.47 20.83
CA TYR H 92 40.69 16.26 20.83
C TYR H 92 42.11 16.42 21.50
N HIS H 93 42.33 17.53 22.20
CA HIS H 93 43.57 17.80 22.97
C HIS H 93 43.88 16.79 24.11
N ARG H 94 42.84 16.23 24.76
CA ARG H 94 43.00 15.26 25.82
C ARG H 94 41.76 14.39 25.92
N SER H 95 42.00 13.08 25.86
CA SER H 95 40.98 12.07 26.05
C SER H 95 40.53 12.11 27.52
N PRO H 96 39.24 12.01 27.82
CA PRO H 96 38.17 11.75 26.86
C PRO H 96 37.83 12.94 26.00
N TRP H 97 37.57 12.68 24.72
CA TRP H 97 37.25 13.76 23.82
C TRP H 97 35.87 14.24 24.27
N THR H 98 35.69 15.56 24.31
CA THR H 98 34.44 16.12 24.81
C THR H 98 33.85 17.07 23.81
N PHE H 99 32.55 17.30 23.99
CA PHE H 99 31.79 18.29 23.26
C PHE H 99 31.40 19.40 24.22
N GLY H 100 31.06 20.54 23.65
CA GLY H 100 30.39 21.60 24.40
C GLY H 100 28.91 21.30 24.48
N GLY H 101 28.20 22.07 25.29
CA GLY H 101 26.76 21.92 25.53
C GLY H 101 25.86 22.55 24.47
N GLY H 102 26.47 23.29 23.55
CA GLY H 102 25.80 23.72 22.35
C GLY H 102 25.18 25.09 22.49
N THR H 103 25.22 25.83 21.39
CA THR H 103 24.44 27.02 21.26
C THR H 103 23.39 26.83 20.19
N LYS H 104 22.14 27.06 20.57
CA LYS H 104 21.06 27.14 19.63
C LYS H 104 20.98 28.57 19.10
N LEU H 105 21.21 28.73 17.80
CA LEU H 105 20.94 30.00 17.12
C LEU H 105 19.59 30.01 16.43
N GLU H 106 18.70 30.90 16.87
CA GLU H 106 17.33 31.05 16.33
C GLU H 106 17.25 32.32 15.50
N ILE H 107 16.20 32.50 14.70
CA ILE H 107 16.08 33.71 13.91
C ILE H 107 15.12 34.64 14.67
N LYS H 108 15.54 35.90 14.72
CA LYS H 108 14.76 36.97 15.28
C LYS H 108 13.88 37.53 14.18
N ARG H 109 12.61 37.74 14.53
CA ARG H 109 11.63 38.37 13.68
C ARG H 109 10.89 39.31 14.58
N ALA H 110 10.04 40.15 14.00
CA ALA H 110 9.21 41.13 14.76
C ALA H 110 8.34 40.37 15.78
N ASP H 111 8.09 40.98 16.93
CA ASP H 111 7.18 40.37 17.88
C ASP H 111 5.80 40.08 17.26
N ALA H 112 5.18 38.97 17.68
CA ALA H 112 3.83 38.58 17.23
C ALA H 112 2.97 38.04 18.40
N ALA H 113 1.69 38.38 18.37
CA ALA H 113 0.73 38.04 19.43
C ALA H 113 0.27 36.59 19.26
N PRO H 114 0.08 35.87 20.36
CA PRO H 114 -0.51 34.53 20.23
C PRO H 114 -1.95 34.52 19.81
N THR H 115 -2.25 33.80 18.75
CA THR H 115 -3.63 33.42 18.43
C THR H 115 -4.14 32.27 19.36
N VAL H 116 -5.17 32.54 20.13
CA VAL H 116 -5.60 31.71 21.27
C VAL H 116 -6.92 31.06 20.99
N SER H 117 -7.00 29.76 21.26
CA SER H 117 -8.24 28.98 21.02
C SER H 117 -8.45 28.08 22.20
N ILE H 118 -9.69 27.91 22.64
CA ILE H 118 -10.00 27.04 23.75
C ILE H 118 -11.05 26.02 23.30
N PHE H 119 -10.99 24.83 23.90
CA PHE H 119 -11.79 23.69 23.47
C PHE H 119 -12.22 22.93 24.67
N PRO H 120 -13.55 22.83 24.85
CA PRO H 120 -14.06 21.91 25.88
C PRO H 120 -13.65 20.47 25.63
N PRO H 121 -13.62 19.65 26.69
CA PRO H 121 -13.57 18.24 26.38
C PRO H 121 -14.62 17.82 25.36
N SER H 122 -14.25 16.97 24.40
CA SER H 122 -15.26 16.25 23.62
C SER H 122 -16.12 15.39 24.53
N SER H 123 -17.36 15.22 24.12
CA SER H 123 -18.25 14.21 24.70
C SER H 123 -17.71 12.75 24.57
N GLU H 124 -16.98 12.41 23.52
CA GLU H 124 -16.34 11.07 23.43
C GLU H 124 -15.47 10.79 24.65
N GLN H 125 -14.68 11.80 25.05
CA GLN H 125 -13.76 11.62 26.18
C GLN H 125 -14.48 11.53 27.49
N LEU H 126 -15.59 12.24 27.65
CA LEU H 126 -16.37 12.11 28.87
C LEU H 126 -16.93 10.69 29.11
N THR H 127 -17.20 9.94 28.04
CA THR H 127 -17.47 8.47 28.17
C THR H 127 -16.42 7.63 28.93
N SER H 128 -15.15 8.02 28.92
CA SER H 128 -14.08 7.29 29.65
C SER H 128 -13.92 7.65 31.13
N GLY H 129 -14.51 8.74 31.58
CA GLY H 129 -14.23 9.30 32.91
C GLY H 129 -13.31 10.52 32.92
N GLY H 130 -12.66 10.79 31.80
CA GLY H 130 -11.65 11.86 31.74
C GLY H 130 -12.21 13.13 31.13
N ALA H 131 -11.57 14.25 31.41
CA ALA H 131 -11.91 15.47 30.72
C ALA H 131 -10.68 16.28 30.46
N SER H 132 -10.37 16.52 29.19
CA SER H 132 -9.18 17.30 28.83
C SER H 132 -9.68 18.59 28.22
N VAL H 133 -9.25 19.70 28.80
CA VAL H 133 -9.58 21.04 28.31
C VAL H 133 -8.30 21.53 27.61
N VAL H 134 -8.42 21.90 26.35
CA VAL H 134 -7.26 22.21 25.54
C VAL H 134 -7.33 23.67 25.12
N CYS H 135 -6.14 24.27 25.05
CA CYS H 135 -5.98 25.61 24.59
C CYS H 135 -4.68 25.70 23.75
N PHE H 136 -4.82 26.21 22.52
CA PHE H 136 -3.71 26.45 21.61
C PHE H 136 -3.34 27.93 21.61
N LEU H 137 -2.06 28.23 21.80
CA LEU H 137 -1.53 29.58 21.68
C LEU H 137 -0.62 29.47 20.45
N ASN H 138 -1.05 29.96 19.30
CA ASN H 138 -0.37 29.70 18.05
C ASN H 138 0.29 30.93 17.46
N ASN H 139 1.47 30.73 16.85
CA ASN H 139 2.12 31.71 15.95
C ASN H 139 2.49 33.01 16.65
N PHE H 140 3.24 32.86 17.74
CA PHE H 140 3.73 34.00 18.50
C PHE H 140 5.24 34.09 18.45
N TYR H 141 5.72 35.27 18.75
CA TYR H 141 7.14 35.48 18.85
C TYR H 141 7.32 36.66 19.79
N PRO H 142 8.26 36.61 20.73
CA PRO H 142 9.21 35.50 20.97
C PRO H 142 8.67 34.36 21.84
N LYS H 143 9.53 33.37 22.02
CA LYS H 143 9.26 32.13 22.74
C LYS H 143 8.59 32.30 24.12
N ASP H 144 9.12 33.18 24.96
CA ASP H 144 8.59 33.44 26.30
C ASP H 144 7.11 33.74 26.32
N ILE H 145 6.38 33.02 27.18
CA ILE H 145 4.94 33.14 27.29
C ILE H 145 4.41 32.43 28.57
N ASN H 146 3.33 32.96 29.11
CA ASN H 146 2.72 32.45 30.33
C ASN H 146 1.30 31.99 30.02
N VAL H 147 0.94 30.81 30.53
CA VAL H 147 -0.41 30.27 30.38
C VAL H 147 -1.02 30.04 31.74
N LYS H 148 -2.23 30.58 31.96
CA LYS H 148 -2.92 30.45 33.23
C LYS H 148 -4.35 29.95 32.98
N TRP H 149 -4.66 28.79 33.57
CA TRP H 149 -6.02 28.27 33.60
C TRP H 149 -6.81 28.86 34.78
N LYS H 150 -8.08 29.13 34.56
CA LYS H 150 -8.96 29.33 35.68
C LYS H 150 -10.41 28.84 35.44
N ILE H 151 -10.95 28.24 36.50
CA ILE H 151 -12.21 27.51 36.50
C ILE H 151 -13.09 28.34 37.39
N ASP H 152 -14.18 28.88 36.87
CA ASP H 152 -14.99 29.90 37.57
C ASP H 152 -14.15 31.15 38.00
N GLY H 153 -13.04 30.95 38.69
CA GLY H 153 -11.98 31.96 38.80
C GLY H 153 -10.91 31.31 39.66
N SER H 154 -9.77 31.97 39.79
CA SER H 154 -8.62 31.40 40.52
C SER H 154 -7.95 30.31 39.72
N GLU H 155 -6.63 30.46 39.62
CA GLU H 155 -5.81 29.53 38.90
C GLU H 155 -6.15 28.11 39.31
N ARG H 156 -6.11 27.23 38.32
CA ARG H 156 -5.95 25.84 38.56
C ARG H 156 -4.53 25.56 38.11
N GLN H 157 -3.77 24.84 38.93
CA GLN H 157 -2.38 24.47 38.62
C GLN H 157 -2.21 23.01 38.32
N ASN H 158 -2.79 22.11 39.09
CA ASN H 158 -2.50 20.66 38.92
C ASN H 158 -3.26 20.12 37.72
N GLY H 159 -2.67 19.17 37.02
CA GLY H 159 -3.21 18.66 35.75
C GLY H 159 -2.90 19.41 34.46
N VAL H 160 -2.06 20.45 34.51
CA VAL H 160 -1.76 21.31 33.37
C VAL H 160 -0.48 20.88 32.76
N LEU H 161 -0.51 20.40 31.53
CA LEU H 161 0.71 20.01 30.81
C LEU H 161 0.86 20.85 29.53
N ASN H 162 2.07 21.33 29.28
CA ASN H 162 2.36 22.21 28.17
C ASN H 162 3.31 21.54 27.18
N SER H 163 3.37 22.11 25.98
CA SER H 163 4.19 21.55 24.94
C SER H 163 4.39 22.58 23.85
N TRP H 164 5.65 22.79 23.50
CA TRP H 164 6.10 23.91 22.65
C TRP H 164 6.60 23.35 21.33
N THR H 165 6.23 23.99 20.22
CA THR H 165 6.92 23.74 18.97
C THR H 165 8.35 24.27 18.99
N ASP H 166 9.11 23.72 18.06
CA ASP H 166 10.32 24.31 17.55
C ASP H 166 9.91 25.56 16.81
N GLN H 167 10.87 26.43 16.58
CA GLN H 167 10.69 27.53 15.68
C GLN H 167 10.20 27.06 14.29
N ASP H 168 9.01 27.51 13.90
CA ASP H 168 8.47 27.27 12.57
C ASP H 168 9.44 27.74 11.49
N SER H 169 9.67 26.89 10.50
CA SER H 169 10.63 27.18 9.43
C SER H 169 10.05 28.05 8.31
N LYS H 170 8.74 28.28 8.27
CA LYS H 170 8.17 29.21 7.29
C LYS H 170 8.14 30.64 7.84
N ASP H 171 7.52 30.85 9.02
CA ASP H 171 7.28 32.21 9.59
C ASP H 171 8.12 32.59 10.85
N SER H 172 8.98 31.70 11.30
CA SER H 172 9.80 31.90 12.49
C SER H 172 9.06 32.17 13.85
N THR H 173 7.81 31.72 13.93
CA THR H 173 7.03 31.85 15.15
C THR H 173 7.09 30.56 15.97
N TYR H 174 6.48 30.62 17.14
CA TYR H 174 6.28 29.48 18.00
C TYR H 174 4.80 29.24 18.25
N SER H 175 4.56 28.06 18.77
CA SER H 175 3.26 27.65 19.21
C SER H 175 3.38 26.79 20.42
N MET H 176 2.28 26.71 21.15
CA MET H 176 2.20 25.94 22.39
C MET H 176 0.80 25.37 22.60
N SER H 177 0.76 24.15 23.12
CA SER H 177 -0.43 23.46 23.49
C SER H 177 -0.46 23.48 24.98
N SER H 178 -1.61 23.82 25.56
CA SER H 178 -1.82 23.70 26.99
C SER H 178 -3.08 22.86 27.22
N THR H 179 -2.94 21.86 28.06
CA THR H 179 -3.96 20.86 28.29
C THR H 179 -4.14 20.68 29.81
N LEU H 180 -5.38 20.83 30.27
CA LEU H 180 -5.77 20.71 31.68
C LEU H 180 -6.66 19.49 31.75
N THR H 181 -6.19 18.50 32.51
CA THR H 181 -6.83 17.22 32.61
C THR H 181 -7.43 17.09 33.99
N LEU H 182 -8.75 16.93 33.99
CA LEU H 182 -9.54 16.64 35.17
C LEU H 182 -10.31 15.38 34.90
N THR H 183 -10.95 14.87 35.96
CA THR H 183 -11.91 13.80 35.88
C THR H 183 -13.20 14.41 35.39
N LYS H 184 -14.04 13.58 34.83
CA LYS H 184 -15.34 14.02 34.32
C LYS H 184 -16.15 14.68 35.44
N ASP H 185 -16.29 13.99 36.57
CA ASP H 185 -17.07 14.49 37.71
C ASP H 185 -16.60 15.87 38.16
N GLU H 186 -15.28 16.05 38.25
CA GLU H 186 -14.72 17.35 38.68
C GLU H 186 -15.11 18.41 37.66
N TYR H 187 -14.99 18.03 36.39
CA TYR H 187 -15.21 18.95 35.32
C TYR H 187 -16.68 19.39 35.21
N GLU H 188 -17.60 18.55 35.66
CA GLU H 188 -19.01 18.87 35.60
C GLU H 188 -19.53 19.54 36.86
N ARG H 189 -18.66 19.88 37.80
CA ARG H 189 -19.01 20.61 39.02
C ARG H 189 -18.85 22.12 38.85
N HIS H 190 -18.50 22.54 37.65
CA HIS H 190 -18.15 23.92 37.34
C HIS H 190 -18.66 24.32 35.95
N ASN H 191 -18.73 25.63 35.72
CA ASN H 191 -19.39 26.18 34.52
C ASN H 191 -18.42 26.83 33.49
N SER H 192 -17.39 27.50 33.96
CA SER H 192 -16.79 28.59 33.18
C SER H 192 -15.48 28.24 32.36
N TYR H 193 -14.40 27.76 32.95
CA TYR H 193 -13.17 27.41 32.08
C TYR H 193 -12.48 28.50 31.23
N THR H 194 -11.31 28.95 31.70
CA THR H 194 -10.66 30.05 31.07
C THR H 194 -9.20 29.71 30.82
N CYS H 195 -8.74 30.14 29.65
CA CYS H 195 -7.33 30.05 29.24
C CYS H 195 -6.82 31.50 29.06
N GLU H 196 -5.82 31.87 29.84
CA GLU H 196 -5.22 33.24 29.81
C GLU H 196 -3.73 33.13 29.40
N ALA H 197 -3.41 33.84 28.32
CA ALA H 197 -2.06 33.93 27.77
C ALA H 197 -1.43 35.32 28.08
N THR H 198 -0.26 35.33 28.74
CA THR H 198 0.53 36.56 28.95
C THR H 198 1.85 36.49 28.20
N HIS H 199 2.03 37.51 27.35
CA HIS H 199 3.11 37.60 26.35
C HIS H 199 3.62 39.04 26.25
N LYS H 200 4.93 39.21 26.07
CA LYS H 200 5.55 40.55 26.02
C LYS H 200 4.94 41.51 24.99
N THR H 201 4.13 41.00 24.07
CA THR H 201 3.36 41.86 23.16
C THR H 201 2.15 42.54 23.82
N SER H 202 1.86 42.25 25.09
CA SER H 202 0.89 43.05 25.85
C SER H 202 1.04 42.95 27.37
N THR H 203 0.64 44.03 28.05
CA THR H 203 0.58 44.10 29.52
C THR H 203 -0.73 43.51 30.09
N SER H 204 -1.75 43.33 29.24
CA SER H 204 -2.98 42.64 29.60
C SER H 204 -3.05 41.29 28.87
N PRO H 205 -3.49 40.23 29.57
CA PRO H 205 -3.45 38.89 28.98
C PRO H 205 -4.45 38.70 27.82
N ILE H 206 -4.23 37.71 26.97
CA ILE H 206 -5.28 37.27 26.03
C ILE H 206 -6.10 36.19 26.75
N VAL H 207 -7.43 36.31 26.72
CA VAL H 207 -8.41 35.52 27.53
C VAL H 207 -9.33 34.77 26.59
N LYS H 208 -9.47 33.47 26.78
CA LYS H 208 -10.48 32.71 26.07
C LYS H 208 -11.21 31.81 27.05
N ASN H 209 -12.53 31.68 26.87
CA ASN H 209 -13.32 30.78 27.67
C ASN H 209 -14.64 30.32 27.02
N PHE H 210 -15.26 29.37 27.69
CA PHE H 210 -16.57 28.90 27.27
C PHE H 210 -17.32 28.63 28.52
N ASN H 211 -18.64 28.58 28.40
CA ASN H 211 -19.47 28.00 29.42
C ASN H 211 -19.88 26.60 29.02
N ARG H 212 -19.50 25.64 29.87
CA ARG H 212 -20.10 24.30 29.93
C ARG H 212 -21.60 24.51 30.12
N ASN H 213 -22.39 24.37 29.06
CA ASN H 213 -23.66 25.15 28.95
C ASN H 213 -24.62 25.11 30.15
#